data_9II3
#
_entry.id   9II3
#
_cell.length_a   1.00
_cell.length_b   1.00
_cell.length_c   1.00
_cell.angle_alpha   90.00
_cell.angle_beta   90.00
_cell.angle_gamma   90.00
#
_symmetry.space_group_name_H-M   'P 1'
#
loop_
_entity.id
_entity.type
_entity.pdbx_description
1 polymer 'Metabotropic glutamate receptor 3'
2 polymer Beta-arrestin-1
3 polymer scFv30
4 branched 2-acetamido-2-deoxy-beta-D-glucopyranose-(1-4)-2-acetamido-2-deoxy-beta-D-glucopyranose
5 non-polymer 'GLUTAMIC ACID'
6 non-polymer CHOLESTEROL
#
loop_
_entity_poly.entity_id
_entity_poly.type
_entity_poly.pdbx_seq_one_letter_code
_entity_poly.pdbx_strand_id
1 'polypeptide(L)'
;MKMLTRLQVLTLALFSKGFLLSLGDHNFLRREIKIEGDLVLGGLFPINEKGTGTEECGRINEDRGIQRLEAMLFAIDEIN
KDDYLLPGVKLGVHILDTCSRDTYALEQSLEFVRASLTKVDEAEYMCPDGSYAIQENIPLLIAGVIGGSYSSVSIQVANL
LRLFQIPQISYASTSAKLSDKSRYDYFARTVPPDFYQAKAMAEILRFFNWTYVSTVASEGDYGETGIEAFEQEARLRNIC
IATAEKVGRSNIRKSYDSVIRELLQKPNARVVVLFMRSDDSRELIAAASRANASFTWVASDGWGAQESIIKGSEHVAYGA
ITLELASQPVRQFDRYFQSLNPYNNHRNPWFRDFWEQKFQCSLQNKRNHRRVCDKHLAIDSSNYEQESKIMFVVNAVYAM
AHALHKMQRTLCPNTTKLCDAMKILDGKKLYKDYLLKINFTAPFNPNKDADSIVKFDTFGDGMGRYNVFNFQNVGGKYSY
LKVGHWAETLSLDVNSIHWSRNSVPTSQCSDPCAPNEMKNMQPGDVCCWICIPCEPYEYLADEFTCMDCGSGQWPTADLT
GCYDLPEDYIRWEDAWAIGPVTIACLGFMCTCMVVTVFIKHNNTPLVKASGRELCYILLFGVGLSYCMTFFFIAKPSPVI
CALRRLGLGSSFAICYSALLTKTNCIARIFDGVKNGAQRPKFISPSSQVFICLGLILVQIVMVSVWLILEAPGTRRYTLA
EKRETVILKCNVKDSSMLISLTYDVILVILCTVYAFKTRKCPENFNEAKFIGFTMYTTCIIWLAFLPIFYVTSSDYRVQT
TTMCISVSLSGFVVLGCLFAPKVHIILFQPQKNVVTHRLHLNRFSVSGTGTTYSQ(SEP)(SEP)A(SEP)(TPO)YVPT
VCNGREVLDSTTSSL
;
R,B
2 'polypeptide(L)'
;MGDKGTRVFKKASPNGKLTVYLGKRDFVDHIDLVDPVDGVVLVDPEYLKERRVYVTLTVAFRYGREDLDVLGLTFRKDLF
VANVQSFPPAPEDKKPLTRLQERLIKKLGEHAYPFTFEIPPNLPSSVTLQPGPEDTGKALGVDYEVKAFVAENLEEKIHK
RNSVRLVIEKVQYAPERPGPQPTAETTRQFLMSDKPLHLEASLDKEIYYHGEPISVNVHVTNNTNKTVKKIKISVRQYAD
IVLFNTAQYKVPVAMEEADDTVAPSSTFSKVYTLTPFLANNREKRGLALDGKLKHEDTNLASSTLLREGANREILGIIVS
YKVKVKLVVSRGGLLGDLASSDVAVELPFTLMHPKPKEEPPHREVPENETPVDTNLIELDTNDDDIVFEDFARQRLKGMK
DDKEEEEDGTGSPQLNNR
;
A
3 'polypeptide(L)'
;SDIQMTQSPSSLSASVGDRVTITCRASQSVSSAVAWYQQKPGKAPKLLIYSASSLYSGVPSRFSGSRSGTDFTLTISSLQ
PEDFATYYCQQYKYVPVTFGQGTKVEIKGTTAASGSSGGSSSGAEVQLVESGGGLVQPGGSLRLSCAASGFNVYSSSIHW
VRQAPGKGLEWVASISSYYGYTYYADSVKGRFTISADTSKNTAYLQMNSLRAEDTAVYYCARSRQFWYSGLDYWGQGTLV
TVSSAHHHHHH
;
S
#
loop_
_chem_comp.id
_chem_comp.type
_chem_comp.name
_chem_comp.formula
CLR non-polymer CHOLESTEROL 'C27 H46 O'
NAG D-saccharide, beta linking 2-acetamido-2-deoxy-beta-D-glucopyranose 'C8 H15 N O6'
#
# COMPACT_ATOMS: atom_id res chain seq x y z
N ARG A 30 78.45 38.58 -28.14
CA ARG A 30 77.08 38.91 -28.49
C ARG A 30 77.00 39.47 -29.91
N ARG A 31 76.67 38.61 -30.87
CA ARG A 31 76.58 39.04 -32.26
C ARG A 31 75.19 39.55 -32.59
N GLU A 32 75.13 40.50 -33.52
CA GLU A 32 73.89 41.12 -33.96
C GLU A 32 73.85 41.15 -35.47
N ILE A 33 72.69 41.55 -36.01
CA ILE A 33 72.56 41.85 -37.43
C ILE A 33 71.91 43.22 -37.52
N LYS A 34 72.67 44.22 -37.95
CA LYS A 34 72.17 45.59 -38.10
C LYS A 34 72.30 46.01 -39.55
N ILE A 35 71.17 46.13 -40.25
CA ILE A 35 71.13 46.67 -41.59
C ILE A 35 70.26 47.91 -41.54
N GLU A 36 70.82 49.05 -41.92
CA GLU A 36 70.15 50.34 -41.78
C GLU A 36 69.00 50.45 -42.77
N GLY A 37 68.14 51.44 -42.52
CA GLY A 37 67.01 51.70 -43.39
C GLY A 37 66.21 52.85 -42.83
N ASP A 38 65.19 53.25 -43.58
CA ASP A 38 64.28 54.29 -43.09
C ASP A 38 63.60 53.83 -41.80
N LEU A 39 63.13 52.59 -41.78
CA LEU A 39 62.66 51.95 -40.56
C LEU A 39 63.37 50.61 -40.41
N VAL A 40 63.48 50.15 -39.18
CA VAL A 40 64.14 48.89 -38.86
C VAL A 40 63.14 47.97 -38.19
N LEU A 41 63.23 46.68 -38.52
CA LEU A 41 62.37 45.67 -37.92
C LEU A 41 63.22 44.77 -37.02
N GLY A 42 62.64 44.37 -35.88
CA GLY A 42 63.34 43.51 -34.94
C GLY A 42 63.06 42.05 -35.25
N GLY A 43 64.12 41.29 -35.45
CA GLY A 43 64.02 39.86 -35.71
C GLY A 43 64.47 39.07 -34.50
N LEU A 44 63.70 38.04 -34.16
CA LEU A 44 64.08 37.10 -33.11
C LEU A 44 63.91 35.69 -33.64
N PHE A 45 64.96 34.88 -33.56
CA PHE A 45 64.92 33.51 -34.02
C PHE A 45 65.74 32.64 -33.08
N PRO A 46 65.44 31.34 -33.01
CA PRO A 46 66.28 30.43 -32.22
C PRO A 46 67.50 29.97 -33.02
N ILE A 47 68.54 30.81 -33.05
CA ILE A 47 69.75 30.45 -33.78
C ILE A 47 70.65 29.58 -32.90
N ASN A 48 71.06 30.11 -31.75
CA ASN A 48 71.88 29.35 -30.82
C ASN A 48 70.99 28.65 -29.79
N GLU A 49 71.61 27.76 -29.02
CA GLU A 49 70.88 27.00 -28.01
C GLU A 49 71.65 26.93 -26.71
N CYS A 57 75.62 29.91 -26.00
CA CYS A 57 74.75 29.29 -25.02
C CYS A 57 74.55 27.81 -25.34
N GLY A 58 75.04 27.39 -26.50
CA GLY A 58 74.92 26.00 -26.92
C GLY A 58 75.27 25.85 -28.39
N ARG A 59 74.73 24.79 -28.99
CA ARG A 59 74.92 24.56 -30.41
C ARG A 59 74.04 25.50 -31.23
N ILE A 60 74.40 25.64 -32.50
CA ILE A 60 73.69 26.53 -33.43
C ILE A 60 72.64 25.72 -34.16
N ASN A 61 71.39 26.20 -34.13
CA ASN A 61 70.28 25.52 -34.79
C ASN A 61 70.53 25.45 -36.29
N GLU A 62 69.81 24.54 -36.95
CA GLU A 62 70.04 24.25 -38.35
C GLU A 62 68.80 24.42 -39.22
N ASP A 63 67.62 24.10 -38.72
CA ASP A 63 66.39 24.16 -39.51
C ASP A 63 65.45 25.25 -39.03
N ARG A 64 65.07 25.23 -37.75
CA ARG A 64 64.19 26.28 -37.23
C ARG A 64 64.84 27.65 -37.31
N GLY A 65 66.09 27.76 -36.88
CA GLY A 65 66.74 29.05 -36.78
C GLY A 65 67.16 29.68 -38.09
N ILE A 66 68.12 29.05 -38.77
CA ILE A 66 68.81 29.70 -39.87
C ILE A 66 67.89 29.85 -41.08
N GLN A 67 67.08 28.83 -41.37
CA GLN A 67 66.10 28.95 -42.43
C GLN A 67 65.19 30.15 -42.20
N ARG A 68 64.68 30.29 -40.98
CA ARG A 68 63.74 31.38 -40.68
C ARG A 68 64.43 32.74 -40.75
N LEU A 69 65.65 32.83 -40.23
CA LEU A 69 66.38 34.10 -40.24
C LEU A 69 66.68 34.53 -41.68
N GLU A 70 67.16 33.60 -42.51
CA GLU A 70 67.38 33.92 -43.91
C GLU A 70 66.08 34.21 -44.62
N ALA A 71 64.98 33.60 -44.18
CA ALA A 71 63.68 33.89 -44.78
C ALA A 71 63.27 35.33 -44.51
N MET A 72 63.42 35.78 -43.27
CA MET A 72 63.09 37.17 -42.97
C MET A 72 64.00 38.12 -43.74
N LEU A 73 65.29 37.80 -43.82
CA LEU A 73 66.19 38.65 -44.60
C LEU A 73 65.78 38.69 -46.08
N PHE A 74 65.39 37.54 -46.63
CA PHE A 74 64.94 37.49 -48.01
C PHE A 74 63.67 38.31 -48.21
N ALA A 75 62.74 38.22 -47.26
CA ALA A 75 61.51 39.01 -47.36
C ALA A 75 61.82 40.49 -47.30
N ILE A 76 62.74 40.90 -46.43
CA ILE A 76 63.12 42.31 -46.35
C ILE A 76 63.75 42.77 -47.65
N ASP A 77 64.64 41.95 -48.22
CA ASP A 77 65.26 42.32 -49.49
C ASP A 77 64.22 42.45 -50.59
N GLU A 78 63.25 41.52 -50.62
CA GLU A 78 62.18 41.60 -51.62
C GLU A 78 61.33 42.85 -51.41
N ILE A 79 61.05 43.19 -50.15
CA ILE A 79 60.31 44.42 -49.85
C ILE A 79 61.04 45.63 -50.41
N ASN A 80 62.34 45.72 -50.11
CA ASN A 80 63.11 46.89 -50.53
C ASN A 80 63.44 46.89 -52.01
N LYS A 81 63.27 45.76 -52.71
CA LYS A 81 63.58 45.68 -54.13
C LYS A 81 62.34 45.60 -55.02
N ASP A 82 61.15 45.47 -54.45
CA ASP A 82 59.93 45.52 -55.25
C ASP A 82 59.57 46.99 -55.49
N ASP A 83 58.38 47.23 -56.02
CA ASP A 83 57.96 48.58 -56.36
C ASP A 83 56.68 49.01 -55.67
N TYR A 84 55.71 48.11 -55.51
CA TYR A 84 54.37 48.49 -55.10
C TYR A 84 54.13 48.36 -53.60
N LEU A 85 55.16 48.09 -52.81
CA LEU A 85 55.06 48.06 -51.36
C LEU A 85 56.23 48.87 -50.80
N LEU A 86 55.95 50.13 -50.46
CA LEU A 86 56.94 51.07 -49.94
C LEU A 86 58.10 51.23 -50.91
N PRO A 87 57.91 51.86 -52.07
CA PRO A 87 59.05 52.08 -52.97
C PRO A 87 60.02 53.12 -52.45
N GLY A 88 59.52 54.26 -51.97
CA GLY A 88 60.34 55.31 -51.43
C GLY A 88 60.78 55.12 -50.00
N VAL A 89 60.37 54.02 -49.36
CA VAL A 89 60.73 53.72 -47.98
C VAL A 89 61.59 52.48 -47.96
N LYS A 90 62.79 52.60 -47.40
CA LYS A 90 63.72 51.48 -47.27
C LYS A 90 63.57 50.87 -45.88
N LEU A 91 63.44 49.55 -45.84
CA LEU A 91 63.18 48.83 -44.59
C LEU A 91 64.47 48.14 -44.13
N GLY A 92 64.92 48.47 -42.93
CA GLY A 92 66.09 47.86 -42.34
C GLY A 92 65.72 46.79 -41.32
N VAL A 93 66.75 46.15 -40.78
CA VAL A 93 66.56 45.06 -39.82
C VAL A 93 67.54 45.20 -38.67
N HIS A 94 67.11 44.75 -37.50
CA HIS A 94 67.97 44.58 -36.32
C HIS A 94 67.62 43.21 -35.74
N ILE A 95 68.31 42.19 -36.20
CA ILE A 95 68.03 40.81 -35.83
C ILE A 95 68.97 40.39 -34.73
N LEU A 96 68.42 39.72 -33.71
CA LEU A 96 69.15 39.34 -32.52
C LEU A 96 68.93 37.87 -32.19
N ASP A 97 69.90 37.29 -31.50
CA ASP A 97 69.84 35.92 -31.04
C ASP A 97 68.87 35.80 -29.87
N THR A 98 68.32 34.60 -29.70
CA THR A 98 67.40 34.32 -28.59
C THR A 98 67.81 33.17 -27.70
N CYS A 99 68.64 32.24 -28.17
CA CYS A 99 69.06 31.05 -27.45
C CYS A 99 67.89 30.15 -27.06
N SER A 100 66.69 30.43 -27.56
CA SER A 100 65.46 29.77 -27.09
C SER A 100 65.36 29.86 -25.57
N ARG A 101 65.66 31.04 -25.02
CA ARG A 101 65.66 31.26 -23.58
C ARG A 101 64.92 32.55 -23.27
N ASP A 102 64.20 32.55 -22.15
CA ASP A 102 63.48 33.75 -21.74
C ASP A 102 64.45 34.87 -21.38
N THR A 103 65.48 34.56 -20.60
CA THR A 103 66.35 35.61 -20.07
C THR A 103 67.27 36.18 -21.15
N TYR A 104 67.83 35.32 -21.99
CA TYR A 104 68.74 35.83 -23.03
C TYR A 104 67.98 36.62 -24.08
N ALA A 105 66.85 36.09 -24.54
CA ALA A 105 66.00 36.85 -25.44
C ALA A 105 65.49 38.12 -24.78
N LEU A 106 65.33 38.10 -23.45
CA LEU A 106 64.96 39.32 -22.73
C LEU A 106 66.08 40.35 -22.78
N GLU A 107 67.33 39.92 -22.64
CA GLU A 107 68.44 40.85 -22.75
C GLU A 107 68.54 41.44 -24.15
N GLN A 108 68.36 40.62 -25.19
CA GLN A 108 68.34 41.19 -26.54
C GLN A 108 67.10 42.04 -26.78
N SER A 109 66.00 41.76 -26.07
CA SER A 109 64.85 42.64 -26.12
C SER A 109 65.19 44.00 -25.53
N LEU A 110 65.94 44.01 -24.43
CA LEU A 110 66.49 45.26 -23.91
C LEU A 110 67.33 45.95 -24.97
N GLU A 111 68.16 45.19 -25.68
CA GLU A 111 68.94 45.73 -26.79
C GLU A 111 68.05 46.41 -27.81
N PHE A 112 66.88 45.82 -28.07
CA PHE A 112 65.86 46.52 -28.86
C PHE A 112 65.44 47.80 -28.18
N VAL A 113 65.22 47.74 -26.86
CA VAL A 113 64.57 48.83 -26.15
C VAL A 113 65.57 49.95 -25.85
N ARG A 114 66.85 49.63 -25.76
CA ARG A 114 67.81 50.64 -25.35
C ARG A 114 68.12 51.59 -26.51
N ALA A 115 67.07 52.14 -27.09
CA ALA A 115 67.14 53.26 -28.02
C ALA A 115 66.13 54.35 -27.68
N SER A 116 64.96 53.97 -27.19
CA SER A 116 63.92 54.94 -26.86
C SER A 116 64.37 55.86 -25.73
N LEU A 117 65.06 55.31 -24.74
CA LEU A 117 65.52 56.12 -23.62
C LEU A 117 66.76 56.93 -23.95
N THR A 118 67.35 56.72 -25.12
CA THR A 118 68.59 57.40 -25.47
C THR A 118 68.32 58.85 -25.86
N LYS A 119 67.36 59.08 -26.76
CA LYS A 119 67.11 60.44 -27.26
C LYS A 119 66.68 61.37 -26.14
N VAL A 120 65.80 60.91 -25.24
CA VAL A 120 65.36 61.75 -24.15
C VAL A 120 66.47 62.02 -23.14
N ASP A 121 67.48 61.15 -23.09
CA ASP A 121 68.58 61.31 -22.16
C ASP A 121 69.45 62.52 -22.53
N ASP A 129 74.76 64.67 -23.57
CA ASP A 129 75.65 65.79 -23.27
C ASP A 129 77.08 65.31 -23.02
N GLY A 130 77.86 65.21 -24.09
CA GLY A 130 79.23 64.80 -23.99
C GLY A 130 80.19 65.98 -24.07
N SER A 131 81.47 65.70 -23.80
CA SER A 131 82.49 66.74 -23.89
C SER A 131 82.61 67.25 -25.32
N TYR A 132 82.75 66.36 -26.28
CA TYR A 132 82.77 66.70 -27.69
C TYR A 132 81.72 65.96 -28.49
N ALA A 133 81.50 64.68 -28.21
CA ALA A 133 80.49 63.88 -28.88
C ALA A 133 80.29 62.60 -28.09
N ILE A 134 79.07 62.06 -28.16
CA ILE A 134 78.74 60.78 -27.52
C ILE A 134 78.02 59.95 -28.58
N GLN A 135 78.78 59.14 -29.32
CA GLN A 135 78.20 58.29 -30.36
C GLN A 135 79.21 57.20 -30.69
N GLU A 136 78.91 55.96 -30.29
CA GLU A 136 79.70 54.81 -30.69
C GLU A 136 78.93 53.89 -31.61
N ASN A 137 77.76 53.40 -31.18
CA ASN A 137 76.85 52.66 -32.05
C ASN A 137 75.44 52.95 -31.56
N ILE A 138 74.79 53.94 -32.16
CA ILE A 138 73.48 54.39 -31.72
C ILE A 138 72.43 53.37 -32.17
N PRO A 139 71.70 52.75 -31.26
CA PRO A 139 70.61 51.86 -31.67
C PRO A 139 69.48 52.64 -32.33
N LEU A 140 68.73 51.94 -33.17
CA LEU A 140 67.68 52.55 -33.96
C LEU A 140 66.31 52.11 -33.44
N LEU A 141 65.36 53.04 -33.46
CA LEU A 141 64.01 52.73 -32.99
C LEU A 141 63.31 51.79 -33.96
N ILE A 142 62.74 50.72 -33.43
CA ILE A 142 62.19 49.65 -34.25
C ILE A 142 60.73 49.95 -34.56
N ALA A 143 60.40 50.00 -35.85
CA ALA A 143 59.02 50.22 -36.25
C ALA A 143 58.12 49.04 -35.88
N GLY A 144 58.67 47.83 -35.94
CA GLY A 144 57.92 46.63 -35.62
C GLY A 144 58.83 45.43 -35.46
N VAL A 145 58.53 44.55 -34.51
CA VAL A 145 59.40 43.42 -34.20
C VAL A 145 58.74 42.14 -34.67
N ILE A 146 59.49 41.35 -35.44
CA ILE A 146 59.12 39.97 -35.77
C ILE A 146 59.86 39.07 -34.80
N GLY A 147 59.14 38.52 -33.82
CA GLY A 147 59.75 37.65 -32.85
C GLY A 147 58.83 36.51 -32.44
N GLY A 148 59.32 35.28 -32.58
CA GLY A 148 58.43 34.14 -32.49
C GLY A 148 59.08 32.90 -31.93
N SER A 149 58.88 31.78 -32.62
CA SER A 149 59.36 30.47 -32.20
C SER A 149 58.82 30.10 -30.82
N TYR A 150 59.70 29.99 -29.83
CA TYR A 150 59.29 29.49 -28.53
C TYR A 150 58.28 30.44 -27.88
N SER A 151 57.29 29.85 -27.21
CA SER A 151 56.18 30.63 -26.68
C SER A 151 56.64 31.56 -25.55
N SER A 152 57.48 31.05 -24.64
CA SER A 152 57.91 31.87 -23.51
C SER A 152 58.70 33.08 -23.97
N VAL A 153 59.56 32.91 -24.97
CA VAL A 153 60.32 34.02 -25.53
C VAL A 153 59.37 35.07 -26.09
N SER A 154 58.38 34.63 -26.87
CA SER A 154 57.42 35.56 -27.46
C SER A 154 56.65 36.30 -26.38
N ILE A 155 56.28 35.59 -25.30
CA ILE A 155 55.54 36.23 -24.21
C ILE A 155 56.39 37.30 -23.54
N GLN A 156 57.65 36.99 -23.24
CA GLN A 156 58.51 37.97 -22.58
C GLN A 156 58.73 39.19 -23.47
N VAL A 157 58.99 38.96 -24.75
CA VAL A 157 59.22 40.09 -25.65
C VAL A 157 57.94 40.91 -25.82
N ALA A 158 56.78 40.25 -25.82
CA ALA A 158 55.52 40.97 -25.91
C ALA A 158 55.28 41.81 -24.66
N ASN A 159 55.59 41.27 -23.48
CA ASN A 159 55.51 42.08 -22.27
C ASN A 159 56.39 43.32 -22.37
N LEU A 160 57.62 43.15 -22.85
CA LEU A 160 58.50 44.31 -22.98
C LEU A 160 57.96 45.32 -24.00
N LEU A 161 57.44 44.84 -25.13
CA LEU A 161 56.99 45.74 -26.18
C LEU A 161 55.67 46.43 -25.87
N ARG A 162 54.81 45.82 -25.04
CA ARG A 162 53.54 46.44 -24.70
C ARG A 162 53.74 47.82 -24.12
N LEU A 163 54.80 48.01 -23.33
CA LEU A 163 55.11 49.28 -22.71
C LEU A 163 55.68 50.29 -23.69
N PHE A 164 55.74 49.95 -24.98
CA PHE A 164 56.32 50.84 -25.98
C PHE A 164 55.48 50.93 -27.24
N GLN A 165 54.28 50.36 -27.24
CA GLN A 165 53.39 50.23 -28.41
C GLN A 165 54.15 49.87 -29.68
N ILE A 166 55.15 48.99 -29.57
CA ILE A 166 55.86 48.46 -30.72
C ILE A 166 55.21 47.13 -31.09
N PRO A 167 54.55 47.01 -32.25
CA PRO A 167 53.85 45.77 -32.57
C PRO A 167 54.81 44.61 -32.72
N GLN A 168 54.41 43.46 -32.19
CA GLN A 168 55.23 42.25 -32.22
C GLN A 168 54.45 41.13 -32.89
N ILE A 169 55.03 40.55 -33.94
CA ILE A 169 54.40 39.47 -34.67
C ILE A 169 55.26 38.23 -34.48
N SER A 170 54.69 37.20 -33.87
CA SER A 170 55.32 35.89 -33.86
C SER A 170 55.07 35.18 -35.18
N TYR A 171 55.92 34.19 -35.46
CA TYR A 171 55.75 33.38 -36.66
C TYR A 171 55.50 31.91 -36.36
N ALA A 172 55.77 31.44 -35.14
CA ALA A 172 55.52 30.05 -34.78
C ALA A 172 54.92 29.85 -33.40
N SER A 173 54.93 30.85 -32.54
CA SER A 173 54.46 30.66 -31.17
C SER A 173 52.94 30.53 -31.17
N THR A 174 52.45 29.29 -31.06
CA THR A 174 51.03 29.00 -31.15
C THR A 174 50.32 29.03 -29.80
N SER A 175 51.00 29.48 -28.74
CA SER A 175 50.41 29.41 -27.41
C SER A 175 49.11 30.22 -27.34
N ALA A 176 48.09 29.62 -26.74
CA ALA A 176 46.82 30.32 -26.56
C ALA A 176 46.90 31.42 -25.51
N LYS A 177 47.93 31.38 -24.65
CA LYS A 177 48.10 32.43 -23.65
C LYS A 177 48.30 33.79 -24.31
N LEU A 178 49.05 33.83 -25.41
CA LEU A 178 49.23 35.07 -26.17
C LEU A 178 47.93 35.51 -26.83
N SER A 179 46.93 34.63 -26.92
CA SER A 179 45.61 35.04 -27.42
C SER A 179 44.97 36.09 -26.51
N ASP A 180 45.37 36.14 -25.24
CA ASP A 180 44.88 37.16 -24.31
C ASP A 180 45.40 38.52 -24.75
N LYS A 181 44.51 39.38 -25.23
CA LYS A 181 44.91 40.70 -25.70
C LYS A 181 44.99 41.73 -24.59
N SER A 182 44.74 41.34 -23.34
CA SER A 182 44.87 42.29 -22.24
C SER A 182 46.32 42.65 -22.01
N ARG A 183 47.15 41.67 -21.67
CA ARG A 183 48.56 41.90 -21.39
C ARG A 183 49.45 41.65 -22.60
N TYR A 184 48.89 41.18 -23.70
CA TYR A 184 49.62 40.99 -24.95
C TYR A 184 48.88 41.70 -26.08
N ASP A 185 48.51 42.96 -25.83
CA ASP A 185 47.69 43.70 -26.77
C ASP A 185 48.37 43.86 -28.12
N TYR A 186 49.61 44.31 -28.12
CA TYR A 186 50.32 44.63 -29.36
C TYR A 186 50.91 43.39 -30.02
N PHE A 187 50.43 42.21 -29.65
CA PHE A 187 50.90 40.96 -30.18
C PHE A 187 50.02 40.49 -31.32
N ALA A 188 50.64 39.82 -32.29
CA ALA A 188 49.94 39.20 -33.40
C ALA A 188 50.73 37.99 -33.83
N ARG A 189 50.10 37.11 -34.62
CA ARG A 189 50.79 35.92 -35.09
C ARG A 189 50.04 35.37 -36.29
N THR A 190 50.77 35.05 -37.36
CA THR A 190 50.16 34.37 -38.49
C THR A 190 49.86 32.91 -38.19
N VAL A 191 50.16 32.44 -36.99
CA VAL A 191 49.86 31.07 -36.60
C VAL A 191 48.62 31.04 -35.72
N PRO A 192 47.74 30.06 -35.91
CA PRO A 192 46.54 29.98 -35.08
C PRO A 192 46.89 29.62 -33.65
N PRO A 193 45.99 29.87 -32.69
CA PRO A 193 46.29 29.54 -31.30
C PRO A 193 46.34 28.05 -31.05
N ASP A 194 46.67 27.67 -29.81
CA ASP A 194 47.00 26.29 -29.52
C ASP A 194 45.75 25.41 -29.44
N PHE A 195 44.61 25.98 -29.01
CA PHE A 195 43.42 25.17 -28.79
C PHE A 195 42.99 24.41 -30.04
N TYR A 196 43.20 24.99 -31.23
CA TYR A 196 43.07 24.21 -32.45
C TYR A 196 43.92 22.94 -32.39
N GLN A 197 45.16 23.06 -31.95
CA GLN A 197 46.07 21.92 -31.92
C GLN A 197 45.62 20.89 -30.88
N ALA A 198 45.16 21.36 -29.72
CA ALA A 198 44.62 20.45 -28.72
C ALA A 198 43.43 19.67 -29.27
N LYS A 199 42.52 20.37 -29.94
CA LYS A 199 41.36 19.71 -30.53
C LYS A 199 41.80 18.69 -31.58
N ALA A 200 42.78 19.07 -32.41
CA ALA A 200 43.25 18.16 -33.45
C ALA A 200 43.86 16.90 -32.86
N MET A 201 44.67 17.04 -31.82
CA MET A 201 45.28 15.87 -31.19
C MET A 201 44.22 14.98 -30.56
N ALA A 202 43.25 15.58 -29.86
CA ALA A 202 42.18 14.78 -29.27
C ALA A 202 41.39 14.05 -30.34
N GLU A 203 41.18 14.69 -31.50
CA GLU A 203 40.43 14.04 -32.57
C GLU A 203 41.25 12.93 -33.22
N ILE A 204 42.57 13.11 -33.31
CA ILE A 204 43.44 12.01 -33.74
C ILE A 204 43.26 10.82 -32.81
N LEU A 205 43.33 11.07 -31.50
CA LEU A 205 43.23 9.97 -30.55
C LEU A 205 41.86 9.30 -30.60
N ARG A 206 40.80 10.07 -30.83
CA ARG A 206 39.48 9.47 -30.90
C ARG A 206 39.28 8.68 -32.20
N PHE A 207 39.79 9.19 -33.32
CA PHE A 207 39.53 8.55 -34.61
C PHE A 207 40.03 7.12 -34.62
N PHE A 208 41.12 6.84 -33.92
CA PHE A 208 41.62 5.47 -33.77
C PHE A 208 41.20 4.84 -32.45
N ASN A 209 40.19 5.41 -31.78
CA ASN A 209 39.56 4.78 -30.62
C ASN A 209 40.53 4.64 -29.45
N TRP A 210 41.60 5.45 -29.46
CA TRP A 210 42.62 5.40 -28.41
C TRP A 210 42.08 6.10 -27.18
N THR A 211 41.22 5.41 -26.42
CA THR A 211 40.61 5.99 -25.24
C THR A 211 41.60 6.18 -24.09
N TYR A 212 42.77 5.56 -24.15
CA TYR A 212 43.72 5.62 -23.04
C TYR A 212 45.11 5.81 -23.63
N VAL A 213 45.76 6.93 -23.30
CA VAL A 213 47.08 7.26 -23.83
C VAL A 213 47.94 7.81 -22.69
N SER A 214 49.25 7.79 -22.94
CA SER A 214 50.19 8.53 -22.11
C SER A 214 50.36 9.94 -22.67
N THR A 215 50.90 10.84 -21.86
CA THR A 215 51.21 12.17 -22.37
C THR A 215 52.35 12.78 -21.57
N VAL A 216 53.11 13.65 -22.23
CA VAL A 216 54.21 14.37 -21.60
C VAL A 216 54.26 15.77 -22.19
N ALA A 217 54.24 16.78 -21.33
CA ALA A 217 54.28 18.17 -21.73
C ALA A 217 55.56 18.81 -21.22
N SER A 218 56.17 19.65 -22.05
CA SER A 218 57.35 20.38 -21.63
C SER A 218 56.99 21.36 -20.51
N GLU A 219 57.83 21.39 -19.48
CA GLU A 219 57.60 22.34 -18.40
C GLU A 219 57.80 23.76 -18.90
N GLY A 220 56.85 24.62 -18.60
CA GLY A 220 56.82 25.95 -19.18
C GLY A 220 55.41 26.29 -19.62
N ASP A 221 55.26 27.52 -20.09
CA ASP A 221 53.94 28.03 -20.46
C ASP A 221 53.33 27.23 -21.61
N TYR A 222 54.11 26.97 -22.67
CA TYR A 222 53.55 26.36 -23.87
C TYR A 222 53.06 24.94 -23.58
N GLY A 223 53.92 24.11 -23.01
CA GLY A 223 53.53 22.75 -22.71
C GLY A 223 52.39 22.67 -21.72
N GLU A 224 52.45 23.46 -20.65
CA GLU A 224 51.40 23.45 -19.64
C GLU A 224 50.05 23.83 -20.23
N THR A 225 49.99 24.98 -20.92
CA THR A 225 48.72 25.43 -21.47
C THR A 225 48.19 24.47 -22.53
N GLY A 226 49.07 24.00 -23.42
CA GLY A 226 48.62 23.10 -24.46
C GLY A 226 48.13 21.77 -23.92
N ILE A 227 48.84 21.22 -22.93
CA ILE A 227 48.41 19.95 -22.38
C ILE A 227 47.12 20.12 -21.59
N GLU A 228 46.91 21.26 -20.94
CA GLU A 228 45.63 21.50 -20.27
C GLU A 228 44.50 21.55 -21.28
N ALA A 229 44.72 22.26 -22.39
CA ALA A 229 43.69 22.31 -23.44
C ALA A 229 43.42 20.93 -24.02
N PHE A 230 44.48 20.14 -24.26
CA PHE A 230 44.29 18.82 -24.82
C PHE A 230 43.59 17.90 -23.83
N GLU A 231 43.91 18.01 -22.54
CA GLU A 231 43.20 17.24 -21.53
C GLU A 231 41.72 17.55 -21.54
N GLN A 232 41.37 18.85 -21.62
CA GLN A 232 39.96 19.22 -21.73
C GLN A 232 39.32 18.62 -22.98
N GLU A 233 40.01 18.71 -24.11
CA GLU A 233 39.42 18.23 -25.36
C GLU A 233 39.27 16.71 -25.35
N ALA A 234 40.21 16.01 -24.73
CA ALA A 234 40.15 14.55 -24.67
C ALA A 234 39.04 14.10 -23.73
N ARG A 235 38.94 14.70 -22.54
CA ARG A 235 37.85 14.33 -21.64
C ARG A 235 36.51 14.67 -22.25
N LEU A 236 36.47 15.66 -23.15
CA LEU A 236 35.23 15.91 -23.89
C LEU A 236 34.88 14.78 -24.83
N ARG A 237 35.86 14.01 -25.30
CA ARG A 237 35.64 12.97 -26.31
C ARG A 237 35.87 11.57 -25.77
N ASN A 238 35.62 11.35 -24.47
CA ASN A 238 35.70 10.02 -23.86
C ASN A 238 37.08 9.41 -24.07
N ILE A 239 38.12 10.11 -23.63
CA ILE A 239 39.49 9.64 -23.73
C ILE A 239 40.17 9.84 -22.38
N CYS A 240 40.73 8.77 -21.84
CA CYS A 240 41.41 8.82 -20.56
C CYS A 240 42.87 9.23 -20.77
N ILE A 241 43.68 9.12 -19.72
CA ILE A 241 45.09 9.51 -19.78
C ILE A 241 45.87 8.66 -18.80
N ALA A 242 47.14 8.40 -19.11
CA ALA A 242 47.95 7.53 -18.28
C ALA A 242 48.76 8.31 -17.24
N THR A 243 49.65 9.18 -17.70
CA THR A 243 50.52 9.93 -16.80
C THR A 243 50.73 11.33 -17.37
N ALA A 244 51.12 12.25 -16.49
CA ALA A 244 51.46 13.60 -16.87
C ALA A 244 52.80 13.97 -16.24
N GLU A 245 53.70 14.54 -17.03
CA GLU A 245 55.04 14.86 -16.58
C GLU A 245 55.49 16.20 -17.15
N LYS A 246 56.48 16.80 -16.48
CA LYS A 246 57.09 18.05 -16.92
C LYS A 246 58.59 17.83 -17.00
N VAL A 247 59.14 18.05 -18.20
CA VAL A 247 60.55 17.71 -18.46
C VAL A 247 61.49 18.89 -18.32
N GLY A 248 60.98 20.11 -18.14
CA GLY A 248 61.84 21.27 -18.03
C GLY A 248 62.28 21.80 -19.38
N ARG A 249 62.45 23.13 -19.43
CA ARG A 249 62.93 23.77 -20.65
C ARG A 249 64.33 23.27 -21.02
N SER A 250 65.13 22.93 -20.02
CA SER A 250 66.44 22.33 -20.25
C SER A 250 66.84 21.58 -18.99
N ASN A 251 66.77 20.25 -19.05
CA ASN A 251 67.08 19.40 -17.91
C ASN A 251 68.11 18.37 -18.31
N ILE A 252 68.94 17.98 -17.34
CA ILE A 252 69.86 16.86 -17.52
C ILE A 252 69.01 15.61 -17.74
N ARG A 253 69.53 14.65 -18.51
CA ARG A 253 68.71 13.52 -18.90
C ARG A 253 68.63 12.47 -17.79
N LYS A 254 68.28 12.90 -16.59
CA LYS A 254 67.94 11.99 -15.50
C LYS A 254 66.43 11.93 -15.29
N SER A 255 65.74 13.07 -15.39
CA SER A 255 64.29 13.06 -15.34
C SER A 255 63.69 12.41 -16.57
N TYR A 256 64.36 12.53 -17.71
CA TYR A 256 63.81 12.00 -18.97
C TYR A 256 63.71 10.48 -18.93
N ASP A 257 64.77 9.81 -18.48
CA ASP A 257 64.73 8.35 -18.36
C ASP A 257 63.72 7.92 -17.30
N SER A 258 63.56 8.71 -16.23
CA SER A 258 62.54 8.40 -15.24
C SER A 258 61.14 8.48 -15.85
N VAL A 259 60.92 9.48 -16.71
CA VAL A 259 59.63 9.59 -17.40
C VAL A 259 59.43 8.42 -18.34
N ILE A 260 60.51 7.99 -19.01
CA ILE A 260 60.42 6.83 -19.89
C ILE A 260 60.04 5.58 -19.08
N ARG A 261 60.64 5.41 -17.91
CA ARG A 261 60.30 4.27 -17.05
C ARG A 261 58.86 4.36 -16.58
N GLU A 262 58.40 5.56 -16.23
CA GLU A 262 57.01 5.74 -15.82
C GLU A 262 56.06 5.35 -16.95
N LEU A 263 56.38 5.75 -18.19
CA LEU A 263 55.56 5.37 -19.32
C LEU A 263 55.56 3.86 -19.52
N LEU A 264 56.74 3.24 -19.44
CA LEU A 264 56.88 1.81 -19.59
C LEU A 264 56.20 1.02 -18.48
N GLN A 265 55.95 1.64 -17.32
CA GLN A 265 55.30 0.95 -16.22
C GLN A 265 53.85 0.59 -16.55
N LYS A 266 53.29 1.15 -17.61
CA LYS A 266 51.92 0.87 -18.06
C LYS A 266 51.99 0.42 -19.51
N PRO A 267 52.18 -0.87 -19.76
CA PRO A 267 52.31 -1.34 -21.16
C PRO A 267 51.06 -1.14 -21.98
N ASN A 268 49.89 -0.98 -21.36
CA ASN A 268 48.67 -0.79 -22.12
C ASN A 268 48.72 0.49 -22.94
N ALA A 269 49.23 1.57 -22.36
CA ALA A 269 49.28 2.85 -23.04
C ALA A 269 50.40 2.87 -24.08
N ARG A 270 50.04 2.68 -25.35
CA ARG A 270 51.01 2.62 -26.43
C ARG A 270 50.96 3.81 -27.37
N VAL A 271 50.18 4.84 -27.06
CA VAL A 271 50.20 6.09 -27.79
C VAL A 271 50.54 7.20 -26.81
N VAL A 272 51.52 8.03 -27.17
CA VAL A 272 52.01 9.09 -26.31
C VAL A 272 51.71 10.43 -26.98
N VAL A 273 51.02 11.29 -26.25
CA VAL A 273 50.85 12.69 -26.65
C VAL A 273 52.07 13.43 -26.16
N LEU A 274 53.05 13.58 -27.04
CA LEU A 274 54.30 14.27 -26.70
C LEU A 274 54.10 15.73 -27.06
N PHE A 275 53.46 16.48 -26.16
CA PHE A 275 53.16 17.88 -26.43
C PHE A 275 54.34 18.69 -25.94
N MET A 276 55.31 18.88 -26.85
CA MET A 276 56.64 19.32 -26.46
C MET A 276 57.15 20.39 -27.43
N ARG A 277 58.19 21.09 -26.99
CA ARG A 277 58.95 21.98 -27.84
C ARG A 277 60.02 21.18 -28.58
N SER A 278 60.87 21.89 -29.32
CA SER A 278 61.89 21.20 -30.12
C SER A 278 62.97 20.59 -29.23
N ASP A 279 63.61 21.41 -28.40
CA ASP A 279 64.77 20.95 -27.64
C ASP A 279 64.40 19.88 -26.63
N ASP A 280 63.26 20.06 -25.94
CA ASP A 280 62.84 19.06 -24.97
C ASP A 280 62.51 17.74 -25.65
N SER A 281 61.94 17.80 -26.86
CA SER A 281 61.67 16.58 -27.61
C SER A 281 62.97 15.90 -28.03
N ARG A 282 63.95 16.69 -28.49
CA ARG A 282 65.27 16.14 -28.78
C ARG A 282 65.82 15.39 -27.58
N GLU A 283 65.79 16.03 -26.40
CA GLU A 283 66.29 15.40 -25.18
C GLU A 283 65.51 14.13 -24.85
N LEU A 284 64.18 14.20 -24.93
CA LEU A 284 63.36 13.04 -24.57
C LEU A 284 63.63 11.86 -25.47
N ILE A 285 63.68 12.08 -26.79
CA ILE A 285 63.90 10.95 -27.69
C ILE A 285 65.33 10.43 -27.57
N ALA A 286 66.29 11.31 -27.29
CA ALA A 286 67.63 10.83 -26.98
C ALA A 286 67.60 9.88 -25.79
N ALA A 287 66.94 10.29 -24.70
CA ALA A 287 66.86 9.44 -23.51
C ALA A 287 66.10 8.15 -23.79
N ALA A 288 65.00 8.24 -24.57
CA ALA A 288 64.22 7.05 -24.87
C ALA A 288 65.04 6.05 -25.69
N SER A 289 65.79 6.53 -26.69
CA SER A 289 66.67 5.66 -27.44
C SER A 289 67.78 5.11 -26.55
N ARG A 290 68.14 5.84 -25.50
CA ARG A 290 69.12 5.30 -24.55
C ARG A 290 68.62 4.00 -23.92
N ALA A 291 67.35 3.97 -23.54
CA ALA A 291 66.73 2.71 -23.14
C ALA A 291 66.34 1.91 -24.39
N ASN A 292 66.12 0.61 -24.19
CA ASN A 292 65.68 -0.27 -25.28
C ASN A 292 64.16 -0.35 -25.18
N ALA A 293 63.49 0.68 -25.70
CA ALA A 293 62.04 0.80 -25.58
C ALA A 293 61.50 1.39 -26.88
N SER A 294 60.18 1.52 -26.97
CA SER A 294 59.53 2.02 -28.16
C SER A 294 58.10 2.42 -27.81
N PHE A 295 57.55 3.33 -28.61
CA PHE A 295 56.18 3.80 -28.45
C PHE A 295 55.63 4.15 -29.82
N THR A 296 54.49 4.83 -29.83
CA THR A 296 53.88 5.37 -31.05
C THR A 296 53.54 6.82 -30.73
N TRP A 297 54.48 7.72 -30.99
CA TRP A 297 54.37 9.09 -30.50
C TRP A 297 53.38 9.89 -31.33
N VAL A 298 52.54 10.64 -30.63
CA VAL A 298 51.72 11.69 -31.22
C VAL A 298 52.21 13.01 -30.67
N ALA A 299 52.70 13.88 -31.54
CA ALA A 299 53.51 15.00 -31.12
C ALA A 299 52.85 16.33 -31.46
N SER A 300 53.32 17.38 -30.80
CA SER A 300 52.75 18.72 -30.92
C SER A 300 53.23 19.39 -32.20
N ASP A 301 52.78 20.64 -32.39
CA ASP A 301 53.24 21.42 -33.53
C ASP A 301 54.73 21.74 -33.42
N GLY A 302 55.25 21.82 -32.20
CA GLY A 302 56.67 22.10 -32.03
C GLY A 302 57.56 21.02 -32.62
N TRP A 303 57.18 19.76 -32.44
CA TRP A 303 57.89 18.67 -33.08
C TRP A 303 57.78 18.76 -34.60
N GLY A 304 56.55 18.68 -35.12
CA GLY A 304 56.26 18.92 -36.52
C GLY A 304 57.07 18.05 -37.46
N ALA A 305 57.21 18.52 -38.68
CA ALA A 305 57.94 17.80 -39.73
C ALA A 305 59.43 18.15 -39.65
N GLN A 306 60.01 17.88 -38.49
CA GLN A 306 61.41 18.17 -38.22
C GLN A 306 62.22 16.89 -38.31
N GLU A 307 63.37 16.97 -39.00
CA GLU A 307 64.26 15.84 -39.19
C GLU A 307 65.42 15.83 -38.22
N SER A 308 65.93 17.01 -37.84
CA SER A 308 67.13 17.07 -37.02
C SER A 308 66.88 16.58 -35.59
N ILE A 309 65.62 16.45 -35.18
CA ILE A 309 65.32 15.93 -33.84
C ILE A 309 65.75 14.48 -33.73
N ILE A 310 65.59 13.71 -34.81
CA ILE A 310 65.78 12.27 -34.77
C ILE A 310 66.88 11.83 -35.72
N LYS A 311 67.90 12.67 -35.89
CA LYS A 311 69.07 12.25 -36.65
C LYS A 311 69.67 10.99 -36.05
N GLY A 312 69.61 9.90 -36.79
CA GLY A 312 70.15 8.63 -36.33
C GLY A 312 69.37 7.97 -35.21
N SER A 313 68.15 8.43 -34.92
CA SER A 313 67.34 7.91 -33.84
C SER A 313 65.96 7.52 -34.36
N GLU A 314 65.95 6.93 -35.56
CA GLU A 314 64.68 6.66 -36.22
C GLU A 314 63.94 5.49 -35.57
N HIS A 315 64.68 4.51 -35.06
CA HIS A 315 64.06 3.30 -34.54
C HIS A 315 63.18 3.59 -33.33
N VAL A 316 63.66 4.45 -32.43
CA VAL A 316 62.88 4.74 -31.21
C VAL A 316 61.57 5.44 -31.56
N ALA A 317 61.54 6.22 -32.63
CA ALA A 317 60.35 6.96 -33.04
C ALA A 317 60.01 6.59 -34.48
N TYR A 318 59.25 5.52 -34.63
CA TYR A 318 58.72 5.10 -35.92
C TYR A 318 57.21 5.23 -36.01
N GLY A 319 56.52 5.21 -34.88
CA GLY A 319 55.10 5.48 -34.87
C GLY A 319 54.81 6.94 -34.58
N ALA A 320 55.53 7.84 -35.24
CA ALA A 320 55.36 9.26 -35.00
C ALA A 320 54.22 9.81 -35.87
N ILE A 321 53.09 10.11 -35.24
CA ILE A 321 51.96 10.75 -35.89
C ILE A 321 51.96 12.21 -35.44
N THR A 322 52.21 13.11 -36.38
CA THR A 322 52.68 14.45 -36.05
C THR A 322 51.76 15.50 -36.62
N LEU A 323 51.52 16.56 -35.86
CA LEU A 323 50.77 17.71 -36.34
C LEU A 323 51.77 18.80 -36.72
N GLU A 324 51.46 19.53 -37.79
CA GLU A 324 52.22 20.71 -38.16
C GLU A 324 51.27 21.75 -38.73
N LEU A 325 51.68 23.00 -38.62
CA LEU A 325 50.90 24.09 -39.18
C LEU A 325 50.93 24.03 -40.70
N ALA A 326 49.81 23.64 -41.31
CA ALA A 326 49.78 23.42 -42.75
C ALA A 326 50.18 24.69 -43.49
N SER A 327 51.02 24.53 -44.51
CA SER A 327 51.55 25.67 -45.24
C SER A 327 51.86 25.26 -46.67
N GLN A 328 51.96 26.25 -47.54
CA GLN A 328 52.42 26.03 -48.90
C GLN A 328 53.89 26.45 -48.98
N PRO A 329 54.82 25.52 -49.20
CA PRO A 329 56.23 25.91 -49.27
C PRO A 329 56.50 26.93 -50.36
N VAL A 330 57.41 27.86 -50.07
CA VAL A 330 57.73 28.95 -50.98
C VAL A 330 58.96 28.58 -51.80
N ARG A 331 58.84 28.73 -53.13
CA ARG A 331 59.91 28.30 -54.03
C ARG A 331 61.01 29.36 -54.13
N GLN A 332 60.62 30.63 -54.23
CA GLN A 332 61.60 31.70 -54.46
C GLN A 332 62.60 31.79 -53.31
N PHE A 333 62.12 31.66 -52.08
CA PHE A 333 63.04 31.68 -50.94
C PHE A 333 64.00 30.51 -51.01
N ASP A 334 63.51 29.34 -51.45
CA ASP A 334 64.39 28.19 -51.59
C ASP A 334 65.49 28.45 -52.62
N ARG A 335 65.13 29.01 -53.77
CA ARG A 335 66.15 29.27 -54.79
C ARG A 335 67.11 30.38 -54.35
N TYR A 336 66.65 31.28 -53.48
CA TYR A 336 67.57 32.25 -52.91
C TYR A 336 68.50 31.60 -51.88
N PHE A 337 67.94 30.86 -50.93
CA PHE A 337 68.70 30.30 -49.82
C PHE A 337 69.70 29.27 -50.29
N GLN A 338 69.30 28.39 -51.20
CA GLN A 338 70.20 27.35 -51.68
C GLN A 338 71.41 27.95 -52.40
N SER A 339 71.30 29.20 -52.83
CA SER A 339 72.40 29.94 -53.43
C SER A 339 73.20 30.74 -52.42
N LEU A 340 72.94 30.60 -51.13
CA LEU A 340 73.65 31.37 -50.12
C LEU A 340 75.02 30.75 -49.84
N ASN A 341 76.07 31.54 -50.06
CA ASN A 341 77.44 31.09 -50.00
C ASN A 341 78.14 31.80 -48.86
N PRO A 342 78.83 31.08 -47.97
CA PRO A 342 79.54 31.75 -46.87
C PRO A 342 80.63 32.70 -47.34
N TYR A 343 80.90 32.77 -48.65
CA TYR A 343 81.89 33.72 -49.14
C TYR A 343 81.24 35.01 -49.64
N ASN A 344 79.94 35.00 -49.93
CA ASN A 344 79.24 36.21 -50.33
C ASN A 344 78.18 36.63 -49.31
N ASN A 345 78.08 35.93 -48.18
CA ASN A 345 77.06 36.22 -47.17
C ASN A 345 77.76 36.50 -45.85
N HIS A 346 78.18 37.75 -45.66
CA HIS A 346 78.69 38.22 -44.38
C HIS A 346 77.66 39.04 -43.60
N ARG A 347 76.43 39.13 -44.12
CA ARG A 347 75.34 39.75 -43.38
C ARG A 347 74.97 38.97 -42.12
N ASN A 348 75.36 37.70 -42.05
CA ASN A 348 75.07 36.85 -40.91
C ASN A 348 76.34 36.54 -40.15
N PRO A 349 76.47 36.95 -38.88
CA PRO A 349 77.62 36.51 -38.08
C PRO A 349 77.58 35.03 -37.74
N TRP A 350 76.56 34.30 -38.18
CA TRP A 350 76.42 32.88 -37.86
C TRP A 350 76.34 31.99 -39.08
N PHE A 351 76.21 32.56 -40.29
CA PHE A 351 76.04 31.73 -41.48
C PHE A 351 77.25 30.84 -41.70
N ARG A 352 78.45 31.39 -41.51
CA ARG A 352 79.66 30.57 -41.64
C ARG A 352 79.72 29.51 -40.54
N ASP A 353 79.34 29.88 -39.32
CA ASP A 353 79.32 28.90 -38.23
C ASP A 353 78.24 27.85 -38.46
N PHE A 354 77.05 28.30 -38.86
CA PHE A 354 76.03 27.38 -39.37
C PHE A 354 76.62 26.39 -40.37
N TRP A 355 77.33 26.89 -41.38
CA TRP A 355 77.83 26.05 -42.44
C TRP A 355 78.85 25.05 -41.92
N GLU A 356 79.72 25.50 -41.01
CA GLU A 356 80.76 24.63 -40.48
C GLU A 356 80.19 23.56 -39.55
N GLN A 357 79.10 23.86 -38.84
CA GLN A 357 78.50 22.83 -38.00
C GLN A 357 77.60 21.91 -38.81
N LYS A 358 77.03 22.41 -39.91
CA LYS A 358 76.20 21.57 -40.77
C LYS A 358 77.05 20.58 -41.54
N PHE A 359 77.99 21.07 -42.34
CA PHE A 359 78.86 20.22 -43.13
C PHE A 359 80.01 19.63 -42.31
N GLN A 360 80.10 19.98 -41.03
CA GLN A 360 81.00 19.32 -40.08
C GLN A 360 82.46 19.46 -40.50
N CYS A 361 82.82 20.61 -41.05
CA CYS A 361 84.20 20.91 -41.39
C CYS A 361 84.57 22.28 -40.86
N SER A 362 85.77 22.38 -40.29
CA SER A 362 86.27 23.64 -39.77
C SER A 362 86.88 24.46 -40.90
N LEU A 363 86.58 25.75 -40.91
CA LEU A 363 87.04 26.63 -41.99
C LEU A 363 88.50 27.02 -41.75
N GLN A 364 88.98 27.99 -42.54
CA GLN A 364 90.39 28.37 -42.52
C GLN A 364 90.84 28.99 -41.21
N ASN A 365 89.92 29.24 -40.27
CA ASN A 365 90.31 29.77 -38.97
C ASN A 365 91.25 28.81 -38.25
N LYS A 366 90.95 27.52 -38.29
CA LYS A 366 91.79 26.50 -37.67
C LYS A 366 92.44 25.59 -38.72
N ARG A 367 91.63 25.04 -39.62
CA ARG A 367 92.06 24.13 -40.69
C ARG A 367 92.72 22.86 -40.15
N ASN A 368 92.68 22.63 -38.84
CA ASN A 368 93.22 21.41 -38.26
C ASN A 368 92.36 20.85 -37.14
N HIS A 369 91.17 21.40 -36.89
CA HIS A 369 90.32 20.89 -35.84
C HIS A 369 89.56 19.64 -36.28
N ARG A 370 88.76 19.76 -37.33
CA ARG A 370 88.02 18.63 -37.89
C ARG A 370 88.44 18.28 -39.30
N ARG A 371 88.35 19.23 -40.23
CA ARG A 371 88.67 18.99 -41.62
C ARG A 371 88.81 20.33 -42.32
N VAL A 372 88.93 20.29 -43.65
CA VAL A 372 88.98 21.48 -44.48
C VAL A 372 87.84 21.40 -45.49
N CYS A 373 86.98 22.42 -45.49
CA CYS A 373 85.83 22.45 -46.38
C CYS A 373 86.30 22.67 -47.82
N ASP A 374 85.77 21.86 -48.74
CA ASP A 374 86.10 22.00 -50.14
C ASP A 374 85.26 23.10 -50.79
N LYS A 375 85.82 23.72 -51.83
CA LYS A 375 85.10 24.77 -52.54
C LYS A 375 83.84 24.22 -53.21
N HIS A 376 83.82 22.92 -53.51
CA HIS A 376 82.66 22.30 -54.13
C HIS A 376 81.48 22.15 -53.19
N LEU A 377 81.67 22.45 -51.90
CA LEU A 377 80.60 22.29 -50.93
C LEU A 377 79.40 23.17 -51.29
N ALA A 378 78.21 22.57 -51.27
CA ALA A 378 77.00 23.26 -51.70
C ALA A 378 75.80 22.61 -51.05
N ILE A 379 74.64 23.26 -51.21
CA ILE A 379 73.41 22.81 -50.55
C ILE A 379 72.33 22.44 -51.57
N ASP A 380 72.46 22.85 -52.83
CA ASP A 380 71.46 22.53 -53.85
C ASP A 380 71.24 21.03 -53.96
N SER A 381 72.28 20.31 -54.40
CA SER A 381 72.17 18.85 -54.51
C SER A 381 71.95 18.20 -53.15
N SER A 382 72.41 18.83 -52.07
CA SER A 382 72.12 18.33 -50.73
C SER A 382 70.61 18.25 -50.54
N ASN A 383 70.16 17.17 -49.91
CA ASN A 383 68.74 16.91 -49.73
C ASN A 383 68.19 17.87 -48.67
N TYR A 384 68.16 19.15 -49.04
CA TYR A 384 67.88 20.21 -48.09
C TYR A 384 66.38 20.30 -47.83
N GLU A 385 65.92 19.60 -46.79
CA GLU A 385 64.54 19.69 -46.34
C GLU A 385 64.40 20.94 -45.49
N GLN A 386 63.77 21.97 -46.05
CA GLN A 386 63.55 23.21 -45.32
C GLN A 386 62.61 22.98 -44.14
N GLU A 387 62.35 24.05 -43.40
CA GLU A 387 61.26 24.03 -42.45
C GLU A 387 59.93 24.27 -43.18
N SER A 388 58.84 23.90 -42.52
CA SER A 388 57.51 24.03 -43.08
C SER A 388 56.76 25.25 -42.57
N LYS A 389 57.47 26.22 -41.99
CA LYS A 389 56.86 27.41 -41.40
C LYS A 389 57.43 28.66 -42.05
N ILE A 390 58.11 28.49 -43.18
CA ILE A 390 58.83 29.58 -43.83
C ILE A 390 57.88 30.61 -44.40
N MET A 391 56.75 30.16 -44.94
CA MET A 391 55.76 31.12 -45.43
C MET A 391 55.13 31.88 -44.27
N PHE A 392 55.24 31.36 -43.04
CA PHE A 392 54.69 32.08 -41.90
C PHE A 392 55.56 33.26 -41.50
N VAL A 393 56.88 33.08 -41.49
CA VAL A 393 57.80 34.20 -41.24
C VAL A 393 57.62 35.27 -42.31
N VAL A 394 57.62 34.85 -43.58
CA VAL A 394 57.48 35.80 -44.69
C VAL A 394 56.14 36.51 -44.62
N ASN A 395 55.08 35.77 -44.29
CA ASN A 395 53.75 36.36 -44.21
C ASN A 395 53.65 37.35 -43.06
N ALA A 396 54.27 37.05 -41.91
CA ALA A 396 54.30 38.02 -40.82
C ALA A 396 55.07 39.28 -41.22
N VAL A 397 56.21 39.10 -41.88
CA VAL A 397 57.01 40.25 -42.31
C VAL A 397 56.21 41.10 -43.28
N TYR A 398 55.54 40.48 -44.26
CA TYR A 398 54.73 41.25 -45.20
C TYR A 398 53.49 41.83 -44.53
N ALA A 399 52.96 41.20 -43.50
CA ALA A 399 51.87 41.82 -42.75
C ALA A 399 52.34 43.13 -42.14
N MET A 400 53.51 43.11 -41.50
CA MET A 400 54.07 44.34 -40.95
C MET A 400 54.38 45.35 -42.05
N ALA A 401 54.87 44.87 -43.20
CA ALA A 401 55.24 45.77 -44.29
C ALA A 401 54.02 46.42 -44.92
N HIS A 402 52.96 45.64 -45.17
CA HIS A 402 51.71 46.19 -45.68
C HIS A 402 51.09 47.14 -44.67
N ALA A 403 51.20 46.82 -43.38
CA ALA A 403 50.72 47.75 -42.36
C ALA A 403 51.45 49.08 -42.45
N LEU A 404 52.78 49.04 -42.53
CA LEU A 404 53.55 50.27 -42.66
C LEU A 404 53.21 51.01 -43.94
N HIS A 405 53.04 50.28 -45.05
CA HIS A 405 52.73 50.91 -46.32
C HIS A 405 51.37 51.60 -46.29
N LYS A 406 50.37 50.95 -45.68
CA LYS A 406 49.05 51.57 -45.58
C LYS A 406 49.08 52.75 -44.61
N MET A 407 49.87 52.67 -43.55
CA MET A 407 50.01 53.81 -42.65
C MET A 407 50.64 54.99 -43.36
N GLN A 408 51.65 54.73 -44.20
CA GLN A 408 52.23 55.80 -45.01
C GLN A 408 51.21 56.37 -45.97
N ARG A 409 50.46 55.50 -46.66
CA ARG A 409 49.46 55.94 -47.62
C ARG A 409 48.31 56.69 -46.97
N THR A 410 48.07 56.48 -45.68
CA THR A 410 46.97 57.12 -44.97
C THR A 410 47.39 58.42 -44.30
N LEU A 411 48.38 58.35 -43.39
CA LEU A 411 48.78 59.54 -42.66
C LEU A 411 49.44 60.58 -43.57
N CYS A 412 50.33 60.13 -44.44
CA CYS A 412 51.18 61.03 -45.22
C CYS A 412 51.14 60.61 -46.69
N PRO A 413 50.00 60.81 -47.35
CA PRO A 413 49.84 60.33 -48.74
C PRO A 413 50.43 61.24 -49.80
N ASN A 414 50.56 62.54 -49.53
CA ASN A 414 51.02 63.47 -50.57
C ASN A 414 52.41 63.12 -51.05
N THR A 415 53.32 62.81 -50.14
CA THR A 415 54.66 62.36 -50.48
C THR A 415 54.85 60.92 -50.02
N THR A 416 55.47 60.12 -50.89
CA THR A 416 55.66 58.69 -50.64
C THR A 416 56.97 58.43 -49.90
N LYS A 417 57.16 59.11 -48.77
CA LYS A 417 58.37 58.95 -47.95
C LYS A 417 57.96 58.96 -46.49
N LEU A 418 58.98 58.86 -45.62
CA LEU A 418 58.80 58.95 -44.17
C LEU A 418 58.84 60.42 -43.78
N CYS A 419 57.71 61.10 -43.98
CA CYS A 419 57.64 62.54 -43.75
C CYS A 419 57.52 62.82 -42.25
N ASP A 420 57.38 64.11 -41.91
CA ASP A 420 57.39 64.51 -40.51
C ASP A 420 56.22 63.91 -39.74
N ALA A 421 55.07 63.79 -40.39
CA ALA A 421 53.89 63.22 -39.73
C ALA A 421 54.16 61.79 -39.29
N MET A 422 54.76 60.98 -40.16
CA MET A 422 54.93 59.56 -39.87
C MET A 422 56.26 59.25 -39.18
N LYS A 423 57.22 60.18 -39.17
CA LYS A 423 58.54 59.87 -38.63
C LYS A 423 58.49 59.51 -37.15
N ILE A 424 57.42 59.88 -36.44
CA ILE A 424 57.16 59.36 -35.11
C ILE A 424 56.38 58.06 -35.25
N LEU A 425 56.93 56.98 -34.71
CA LEU A 425 56.36 55.65 -34.91
C LEU A 425 55.17 55.49 -33.96
N ASP A 426 53.97 55.65 -34.52
CA ASP A 426 52.73 55.49 -33.79
C ASP A 426 52.26 54.04 -33.95
N GLY A 427 52.75 53.19 -33.06
CA GLY A 427 52.40 51.78 -33.11
C GLY A 427 50.95 51.48 -32.79
N LYS A 428 50.32 52.29 -31.93
CA LYS A 428 48.93 52.05 -31.56
C LYS A 428 48.02 52.16 -32.78
N LYS A 429 48.09 53.30 -33.48
CA LYS A 429 47.26 53.49 -34.67
C LYS A 429 47.60 52.48 -35.75
N LEU A 430 48.89 52.23 -35.95
CA LEU A 430 49.32 51.28 -36.98
C LEU A 430 48.76 49.89 -36.71
N TYR A 431 48.82 49.45 -35.45
CA TYR A 431 48.41 48.10 -35.11
C TYR A 431 46.89 47.96 -35.09
N LYS A 432 46.19 48.97 -34.59
CA LYS A 432 44.73 48.87 -34.46
C LYS A 432 43.99 49.30 -35.72
N ASP A 433 44.66 49.90 -36.69
CA ASP A 433 44.02 50.33 -37.92
C ASP A 433 44.41 49.50 -39.13
N TYR A 434 45.70 49.25 -39.35
CA TYR A 434 46.16 48.58 -40.55
C TYR A 434 46.61 47.15 -40.30
N LEU A 435 47.38 46.90 -39.25
CA LEU A 435 47.86 45.55 -38.97
C LEU A 435 46.70 44.59 -38.72
N LEU A 436 45.89 44.87 -37.71
CA LEU A 436 44.81 43.95 -37.35
C LEU A 436 43.85 43.73 -38.50
N LYS A 437 43.53 44.80 -39.23
CA LYS A 437 42.64 44.72 -40.38
C LYS A 437 43.50 44.86 -41.63
N ILE A 438 44.04 43.73 -42.09
CA ILE A 438 44.78 43.66 -43.33
C ILE A 438 44.17 42.57 -44.19
N ASN A 439 43.87 42.91 -45.45
CA ASN A 439 43.21 42.00 -46.37
C ASN A 439 44.03 41.99 -47.66
N PHE A 440 45.03 41.11 -47.71
CA PHE A 440 45.93 41.00 -48.84
C PHE A 440 46.17 39.54 -49.17
N THR A 441 46.22 39.23 -50.45
CA THR A 441 46.45 37.87 -50.91
C THR A 441 47.85 37.41 -50.54
N ALA A 442 48.06 36.10 -50.64
CA ALA A 442 49.35 35.52 -50.30
C ALA A 442 50.44 36.09 -51.20
N PRO A 443 51.68 36.17 -50.70
CA PRO A 443 52.74 36.81 -51.49
C PRO A 443 53.00 36.12 -52.81
N PHE A 444 52.68 34.84 -52.92
CA PHE A 444 52.93 34.02 -54.10
C PHE A 444 51.66 33.26 -54.50
N ASN A 445 50.57 34.00 -54.58
CA ASN A 445 49.27 33.59 -55.11
C ASN A 445 49.35 33.16 -56.57
N PRO A 446 50.35 33.61 -57.35
CA PRO A 446 50.59 32.94 -58.64
C PRO A 446 50.63 31.43 -58.53
N ASN A 447 51.25 30.88 -57.50
CA ASN A 447 51.08 29.47 -57.20
C ASN A 447 49.67 29.21 -56.70
N LYS A 448 49.17 28.00 -56.97
CA LYS A 448 47.78 27.67 -56.65
C LYS A 448 47.50 27.84 -55.16
N ASP A 449 46.65 28.82 -54.83
CA ASP A 449 46.34 29.10 -53.43
C ASP A 449 44.94 29.73 -53.36
N ALA A 450 44.00 29.03 -52.73
CA ALA A 450 42.65 29.58 -52.60
C ALA A 450 42.56 30.56 -51.44
N ASP A 451 42.85 30.11 -50.22
CA ASP A 451 42.82 30.99 -49.05
C ASP A 451 44.13 31.77 -48.97
N SER A 452 44.37 32.53 -50.03
CA SER A 452 45.61 33.30 -50.13
C SER A 452 45.65 34.42 -49.10
N ILE A 453 44.50 35.00 -48.76
CA ILE A 453 44.44 36.17 -47.89
C ILE A 453 45.00 35.80 -46.52
N VAL A 454 45.99 36.56 -46.07
CA VAL A 454 46.57 36.38 -44.74
C VAL A 454 45.90 37.42 -43.86
N LYS A 455 44.76 37.05 -43.28
CA LYS A 455 44.00 37.95 -42.43
C LYS A 455 44.06 37.48 -40.99
N PHE A 456 44.07 38.44 -40.06
CA PHE A 456 43.99 38.15 -38.65
C PHE A 456 42.54 38.05 -38.22
N ASP A 457 42.29 37.25 -37.19
CA ASP A 457 40.95 37.16 -36.62
C ASP A 457 40.73 38.35 -35.69
N THR A 458 39.64 38.32 -34.92
CA THR A 458 39.40 39.37 -33.93
C THR A 458 40.53 39.47 -32.92
N PHE A 459 41.22 38.37 -32.65
CA PHE A 459 42.30 38.34 -31.67
C PHE A 459 43.68 38.45 -32.30
N GLY A 460 43.77 38.73 -33.59
CA GLY A 460 45.06 38.81 -34.27
C GLY A 460 45.78 37.48 -34.37
N ASP A 461 45.05 36.39 -34.58
CA ASP A 461 45.60 35.07 -34.74
C ASP A 461 45.14 34.47 -36.06
N GLY A 462 46.09 34.01 -36.86
CA GLY A 462 45.79 33.55 -38.20
C GLY A 462 44.92 32.30 -38.23
N MET A 463 44.41 32.01 -39.42
CA MET A 463 43.50 30.88 -39.61
C MET A 463 44.20 29.56 -39.30
N GLY A 464 43.43 28.61 -38.80
CA GLY A 464 43.96 27.32 -38.41
C GLY A 464 43.73 26.17 -39.37
N ARG A 465 44.76 25.81 -40.13
CA ARG A 465 44.76 24.58 -40.92
C ARG A 465 46.01 23.78 -40.58
N TYR A 466 45.84 22.48 -40.38
CA TYR A 466 46.91 21.62 -39.93
C TYR A 466 47.13 20.48 -40.91
N ASN A 467 48.38 20.06 -41.01
CA ASN A 467 48.74 18.85 -41.74
C ASN A 467 49.20 17.80 -40.74
N VAL A 468 49.01 16.54 -41.10
CA VAL A 468 49.41 15.42 -40.27
C VAL A 468 50.41 14.59 -41.05
N PHE A 469 51.58 14.38 -40.46
CA PHE A 469 52.66 13.65 -41.10
C PHE A 469 52.95 12.41 -40.28
N ASN A 470 53.61 11.44 -40.89
CA ASN A 470 54.12 10.29 -40.15
C ASN A 470 55.55 10.01 -40.57
N PHE A 471 56.34 9.51 -39.61
CA PHE A 471 57.70 9.06 -39.89
C PHE A 471 57.66 7.58 -40.23
N GLN A 472 57.82 7.26 -41.51
CA GLN A 472 57.66 5.90 -41.99
C GLN A 472 58.79 5.55 -42.94
N ASN A 473 59.07 4.25 -43.05
CA ASN A 473 60.19 3.74 -43.83
C ASN A 473 59.73 3.34 -45.22
N VAL A 474 60.58 3.63 -46.21
CA VAL A 474 60.35 3.22 -47.59
C VAL A 474 61.56 2.46 -48.15
N GLY A 475 62.74 3.05 -48.06
CA GLY A 475 63.94 2.40 -48.57
C GLY A 475 65.18 2.69 -47.74
N GLY A 476 64.99 3.27 -46.55
CA GLY A 476 66.11 3.70 -45.76
C GLY A 476 66.31 5.19 -45.86
N LYS A 477 66.18 5.72 -47.07
CA LYS A 477 66.16 7.18 -47.28
C LYS A 477 64.73 7.70 -47.17
N TYR A 478 64.19 7.59 -45.96
CA TYR A 478 62.78 7.85 -45.69
C TYR A 478 62.62 9.03 -44.75
N SER A 479 61.49 9.72 -44.89
CA SER A 479 61.21 10.92 -44.11
C SER A 479 59.70 11.02 -43.91
N TYR A 480 59.24 12.21 -43.51
CA TYR A 480 57.83 12.44 -43.27
C TYR A 480 57.04 12.46 -44.58
N LEU A 481 55.73 12.29 -44.45
CA LEU A 481 54.82 12.54 -45.57
C LEU A 481 53.44 12.85 -45.02
N LYS A 482 52.72 13.71 -45.74
CA LYS A 482 51.41 14.15 -45.31
C LYS A 482 50.40 13.02 -45.40
N VAL A 483 49.67 12.79 -44.31
CA VAL A 483 48.68 11.72 -44.25
C VAL A 483 47.26 12.23 -44.10
N GLY A 484 47.06 13.46 -43.65
CA GLY A 484 45.71 14.00 -43.49
C GLY A 484 45.67 15.46 -43.10
N HIS A 485 44.76 16.22 -43.69
CA HIS A 485 44.64 17.64 -43.43
C HIS A 485 43.49 17.88 -42.47
N TRP A 486 43.80 18.33 -41.27
CA TRP A 486 42.80 18.68 -40.27
C TRP A 486 42.59 20.18 -40.24
N ALA A 487 41.42 20.62 -40.68
CA ALA A 487 40.98 22.00 -40.46
C ALA A 487 39.93 22.07 -39.36
N GLU A 488 38.84 21.33 -39.51
CA GLU A 488 37.86 21.15 -38.45
C GLU A 488 37.42 19.71 -38.27
N THR A 489 37.45 18.89 -39.32
CA THR A 489 37.16 17.47 -39.24
C THR A 489 38.27 16.71 -39.97
N LEU A 490 38.75 15.64 -39.35
CA LEU A 490 39.91 14.93 -39.86
C LEU A 490 39.64 14.35 -41.25
N SER A 491 40.69 14.35 -42.07
CA SER A 491 40.65 13.82 -43.42
C SER A 491 41.86 12.96 -43.69
N LEU A 492 42.14 12.02 -42.81
CA LEU A 492 43.34 11.20 -42.89
C LEU A 492 43.30 10.30 -44.12
N ASP A 493 44.42 9.60 -44.33
CA ASP A 493 44.52 8.49 -45.26
C ASP A 493 45.12 7.33 -44.50
N VAL A 494 44.27 6.54 -43.84
CA VAL A 494 44.74 5.50 -42.94
C VAL A 494 45.62 4.49 -43.67
N ASN A 495 45.46 4.38 -44.99
CA ASN A 495 46.22 3.39 -45.74
C ASN A 495 47.72 3.64 -45.67
N SER A 496 48.15 4.89 -45.81
CA SER A 496 49.56 5.25 -45.97
C SER A 496 50.25 5.63 -44.66
N ILE A 497 49.85 5.05 -43.52
CA ILE A 497 50.49 5.41 -42.26
C ILE A 497 51.81 4.67 -42.09
N HIS A 498 51.82 3.36 -42.38
CA HIS A 498 52.98 2.52 -42.14
C HIS A 498 53.38 2.55 -40.67
N TRP A 499 52.52 1.92 -39.86
CA TRP A 499 52.63 1.98 -38.41
C TRP A 499 53.96 1.43 -37.92
N SER A 500 54.21 1.65 -36.63
CA SER A 500 55.41 1.14 -35.98
C SER A 500 55.46 -0.38 -36.03
N ARG A 501 54.51 -1.03 -35.36
CA ARG A 501 54.46 -2.49 -35.35
C ARG A 501 53.53 -3.02 -36.44
N ASN A 502 53.71 -2.50 -37.65
CA ASN A 502 53.01 -2.98 -38.85
C ASN A 502 51.49 -3.05 -38.68
N SER A 503 50.95 -2.43 -37.63
CA SER A 503 49.52 -2.55 -37.36
C SER A 503 49.08 -1.42 -36.44
N VAL A 504 47.77 -1.25 -36.35
CA VAL A 504 47.20 -0.21 -35.48
C VAL A 504 47.58 -0.49 -34.03
N PRO A 505 48.15 0.47 -33.31
CA PRO A 505 48.58 0.19 -31.94
C PRO A 505 47.39 0.03 -31.00
N THR A 506 47.57 -0.83 -29.99
CA THR A 506 46.56 -1.04 -28.95
C THR A 506 46.94 -0.25 -27.71
N SER A 507 46.57 1.03 -27.70
CA SER A 507 47.01 1.90 -26.63
C SER A 507 46.03 2.00 -25.48
N GLN A 508 44.79 1.55 -25.65
CA GLN A 508 43.79 1.72 -24.61
C GLN A 508 44.14 0.89 -23.38
N CYS A 509 43.34 1.05 -22.33
CA CYS A 509 43.55 0.29 -21.11
C CYS A 509 43.03 -1.14 -21.30
N SER A 510 42.82 -1.86 -20.20
CA SER A 510 42.56 -3.30 -20.24
C SER A 510 41.53 -3.66 -21.32
N ASP A 511 40.30 -3.14 -21.20
CA ASP A 511 39.26 -3.49 -22.16
C ASP A 511 38.04 -2.59 -22.02
N PRO A 512 37.31 -2.33 -23.11
CA PRO A 512 35.95 -1.78 -22.98
C PRO A 512 35.05 -2.83 -22.37
N CYS A 513 34.48 -2.50 -21.21
CA CYS A 513 33.87 -3.54 -20.39
C CYS A 513 32.51 -3.97 -20.92
N ALA A 514 31.75 -3.05 -21.52
CA ALA A 514 30.37 -3.29 -21.91
C ALA A 514 29.53 -3.66 -20.69
N PRO A 515 29.16 -2.70 -19.85
CA PRO A 515 28.41 -3.02 -18.62
C PRO A 515 27.01 -3.58 -18.85
N ASN A 516 26.58 -3.64 -20.12
CA ASN A 516 25.26 -4.18 -20.42
C ASN A 516 25.14 -5.64 -19.99
N GLU A 517 26.26 -6.35 -19.91
CA GLU A 517 26.29 -7.71 -19.40
C GLU A 517 27.22 -7.88 -18.21
N MET A 518 28.17 -6.97 -18.02
CA MET A 518 29.14 -7.07 -16.93
C MET A 518 29.49 -5.66 -16.48
N LYS A 519 28.98 -5.27 -15.33
CA LYS A 519 29.23 -3.92 -14.80
C LYS A 519 30.73 -3.67 -14.65
N ASN A 520 31.10 -2.40 -14.59
CA ASN A 520 32.51 -2.02 -14.54
C ASN A 520 32.89 -1.55 -13.15
N MET A 521 34.12 -1.86 -12.74
CA MET A 521 34.64 -1.40 -11.46
C MET A 521 36.03 -0.80 -11.66
N GLN A 522 36.38 0.15 -10.78
CA GLN A 522 37.66 0.85 -10.86
C GLN A 522 38.42 0.63 -9.56
N PRO A 523 39.30 -0.36 -9.49
CA PRO A 523 39.99 -0.65 -8.23
C PRO A 523 40.99 0.42 -7.82
N GLY A 524 41.89 0.78 -8.74
CA GLY A 524 42.93 1.74 -8.43
C GLY A 524 43.08 2.83 -9.46
N ASP A 525 42.49 2.64 -10.64
CA ASP A 525 42.60 3.59 -11.73
C ASP A 525 41.19 4.00 -12.17
N VAL A 526 40.97 5.32 -12.27
CA VAL A 526 39.72 5.80 -12.83
C VAL A 526 39.63 5.45 -14.31
N CYS A 527 40.76 5.48 -15.01
CA CYS A 527 40.78 5.16 -16.43
C CYS A 527 40.46 3.69 -16.67
N CYS A 528 40.89 2.82 -15.77
CA CYS A 528 40.80 1.38 -15.97
C CYS A 528 39.69 0.75 -15.14
N TRP A 529 38.94 -0.13 -15.80
CA TRP A 529 37.85 -0.87 -15.19
C TRP A 529 38.00 -2.37 -15.45
N ILE A 530 37.35 -3.15 -14.60
CA ILE A 530 37.29 -4.60 -14.73
C ILE A 530 35.82 -5.00 -14.67
N CYS A 531 35.46 -6.03 -15.45
CA CYS A 531 34.08 -6.41 -15.62
C CYS A 531 33.61 -7.35 -14.52
N ILE A 532 32.31 -7.31 -14.24
CA ILE A 532 31.67 -8.20 -13.30
C ILE A 532 30.39 -8.68 -13.99
N PRO A 533 30.32 -9.93 -14.45
CA PRO A 533 29.14 -10.38 -15.21
C PRO A 533 27.86 -10.19 -14.42
N CYS A 534 27.00 -9.31 -14.93
CA CYS A 534 25.76 -8.95 -14.26
C CYS A 534 24.71 -10.02 -14.56
N GLU A 535 23.96 -10.40 -13.53
CA GLU A 535 23.07 -11.54 -13.63
C GLU A 535 21.90 -11.24 -14.56
N PRO A 536 21.26 -12.28 -15.11
CA PRO A 536 20.06 -12.04 -15.93
C PRO A 536 18.93 -11.38 -15.17
N TYR A 537 18.87 -11.56 -13.84
CA TYR A 537 17.84 -10.91 -13.04
C TYR A 537 18.26 -9.55 -12.51
N GLU A 538 19.54 -9.23 -12.51
CA GLU A 538 19.95 -7.95 -11.96
C GLU A 538 19.97 -6.86 -13.04
N TYR A 539 20.25 -5.64 -12.59
CA TYR A 539 20.31 -4.46 -13.44
C TYR A 539 21.36 -3.47 -12.95
N LEU A 540 22.17 -2.97 -13.88
CA LEU A 540 23.16 -1.93 -13.60
C LEU A 540 22.47 -0.58 -13.67
N ALA A 541 22.00 -0.11 -12.51
CA ALA A 541 21.31 1.18 -12.45
C ALA A 541 22.20 2.30 -12.97
N ASP A 542 23.43 2.36 -12.48
CA ASP A 542 24.49 3.13 -13.12
C ASP A 542 25.44 2.14 -13.80
N GLU A 543 26.41 2.66 -14.53
CA GLU A 543 27.43 1.79 -15.10
C GLU A 543 28.23 1.08 -14.02
N PHE A 544 28.37 1.68 -12.84
CA PHE A 544 29.25 1.15 -11.81
C PHE A 544 28.55 0.30 -10.77
N THR A 545 27.24 0.11 -10.86
CA THR A 545 26.50 -0.58 -9.81
C THR A 545 25.36 -1.40 -10.39
N CYS A 546 25.51 -2.72 -10.38
CA CYS A 546 24.38 -3.59 -10.66
C CYS A 546 23.46 -3.67 -9.44
N MET A 547 22.19 -3.97 -9.70
CA MET A 547 21.20 -4.02 -8.63
C MET A 547 20.04 -4.90 -9.08
N ASP A 548 19.63 -5.83 -8.23
CA ASP A 548 18.55 -6.74 -8.58
C ASP A 548 17.21 -6.00 -8.69
N CYS A 549 16.34 -6.53 -9.53
CA CYS A 549 15.03 -5.94 -9.77
C CYS A 549 13.95 -6.55 -8.88
N GLY A 550 14.32 -7.44 -7.96
CA GLY A 550 13.36 -8.11 -7.11
C GLY A 550 12.78 -9.37 -7.74
N SER A 551 12.18 -10.19 -6.89
CA SER A 551 11.59 -11.43 -7.37
C SER A 551 10.41 -11.17 -8.30
N GLY A 552 9.56 -10.20 -7.94
CA GLY A 552 8.40 -9.92 -8.77
C GLY A 552 8.74 -9.32 -10.12
N GLN A 553 9.74 -8.44 -10.15
CA GLN A 553 10.05 -7.66 -11.34
C GLN A 553 11.29 -8.20 -12.04
N TRP A 554 11.25 -8.18 -13.38
CA TRP A 554 12.35 -8.64 -14.22
C TRP A 554 12.97 -7.47 -14.97
N PRO A 555 14.30 -7.46 -15.14
CA PRO A 555 14.92 -6.40 -15.92
C PRO A 555 14.53 -6.49 -17.39
N THR A 556 14.45 -5.32 -18.03
CA THR A 556 14.05 -5.27 -19.43
C THR A 556 15.16 -5.82 -20.32
N ALA A 557 14.75 -6.27 -21.52
CA ALA A 557 15.71 -6.84 -22.47
C ALA A 557 16.69 -5.82 -23.00
N ASP A 558 16.33 -4.53 -23.01
CA ASP A 558 17.19 -3.47 -23.52
C ASP A 558 18.20 -2.99 -22.50
N LEU A 559 18.19 -3.55 -21.29
CA LEU A 559 19.10 -3.17 -20.21
C LEU A 559 18.96 -1.68 -19.91
N THR A 560 17.74 -1.25 -19.66
CA THR A 560 17.43 0.14 -19.32
C THR A 560 16.60 0.25 -18.04
N GLY A 561 16.11 -0.84 -17.49
CA GLY A 561 15.25 -0.74 -16.32
C GLY A 561 14.84 -2.10 -15.82
N CYS A 562 13.77 -2.10 -15.01
CA CYS A 562 13.24 -3.31 -14.37
C CYS A 562 11.72 -3.21 -14.47
N TYR A 563 11.14 -3.90 -15.45
CA TYR A 563 9.71 -3.94 -15.61
C TYR A 563 9.09 -4.96 -14.67
N ASP A 564 7.76 -4.95 -14.59
CA ASP A 564 7.03 -5.93 -13.80
C ASP A 564 6.79 -7.18 -14.65
N LEU A 565 7.30 -8.32 -14.18
CA LEU A 565 7.22 -9.54 -14.97
C LEU A 565 5.76 -9.97 -15.13
N PRO A 566 5.35 -10.43 -16.31
CA PRO A 566 3.95 -10.85 -16.49
C PRO A 566 3.63 -12.09 -15.66
N GLU A 567 2.35 -12.25 -15.36
CA GLU A 567 1.88 -13.30 -14.47
C GLU A 567 1.59 -14.59 -15.24
N ASP A 568 1.76 -15.71 -14.54
CA ASP A 568 1.43 -17.02 -15.06
C ASP A 568 0.44 -17.69 -14.12
N TYR A 569 -0.63 -18.26 -14.67
CA TYR A 569 -1.71 -18.81 -13.87
C TYR A 569 -2.41 -19.89 -14.67
N ILE A 570 -3.44 -20.48 -14.05
CA ILE A 570 -4.24 -21.51 -14.71
C ILE A 570 -5.19 -20.85 -15.71
N ARG A 571 -5.26 -21.40 -16.92
CA ARG A 571 -5.98 -20.78 -18.02
C ARG A 571 -7.01 -21.74 -18.59
N TRP A 572 -8.07 -21.17 -19.16
CA TRP A 572 -9.14 -21.95 -19.78
C TRP A 572 -8.71 -22.61 -21.08
N GLU A 573 -7.54 -22.26 -21.63
CA GLU A 573 -7.16 -22.72 -22.95
C GLU A 573 -7.01 -24.23 -23.00
N ASP A 574 -6.03 -24.77 -22.30
CA ASP A 574 -5.70 -26.18 -22.41
C ASP A 574 -5.14 -26.66 -21.07
N ALA A 575 -4.50 -27.84 -21.08
CA ALA A 575 -3.84 -28.44 -19.94
C ALA A 575 -4.85 -28.95 -18.91
N TRP A 576 -4.79 -28.42 -17.69
CA TRP A 576 -5.54 -28.94 -16.56
C TRP A 576 -6.85 -28.18 -16.33
N ALA A 577 -7.47 -27.69 -17.39
CA ALA A 577 -8.73 -26.95 -17.26
C ALA A 577 -9.86 -27.53 -18.10
N ILE A 578 -9.58 -27.95 -19.33
CA ILE A 578 -10.64 -28.39 -20.23
C ILE A 578 -11.38 -29.59 -19.66
N GLY A 579 -10.63 -30.56 -19.12
CA GLY A 579 -11.20 -31.73 -18.51
C GLY A 579 -12.09 -31.41 -17.31
N PRO A 580 -11.59 -30.60 -16.37
CA PRO A 580 -12.46 -30.15 -15.28
C PRO A 580 -13.68 -29.39 -15.73
N VAL A 581 -13.56 -28.56 -16.79
CA VAL A 581 -14.73 -27.86 -17.30
C VAL A 581 -15.76 -28.84 -17.85
N THR A 582 -15.32 -29.83 -18.62
CA THR A 582 -16.25 -30.82 -19.14
C THR A 582 -16.88 -31.64 -18.00
N ILE A 583 -16.09 -31.95 -16.97
CA ILE A 583 -16.63 -32.68 -15.83
C ILE A 583 -17.71 -31.88 -15.12
N ALA A 584 -17.45 -30.58 -14.90
CA ALA A 584 -18.45 -29.73 -14.26
C ALA A 584 -19.69 -29.60 -15.13
N CYS A 585 -19.51 -29.49 -16.45
CA CYS A 585 -20.66 -29.43 -17.35
C CYS A 585 -21.49 -30.71 -17.27
N LEU A 586 -20.84 -31.86 -17.25
CA LEU A 586 -21.57 -33.13 -17.12
C LEU A 586 -22.32 -33.20 -15.80
N GLY A 587 -21.67 -32.78 -14.70
CA GLY A 587 -22.33 -32.81 -13.42
C GLY A 587 -23.53 -31.88 -13.34
N PHE A 588 -23.39 -30.68 -13.89
CA PHE A 588 -24.52 -29.75 -13.90
C PHE A 588 -25.64 -30.24 -14.79
N MET A 589 -25.30 -30.88 -15.91
CA MET A 589 -26.32 -31.46 -16.78
C MET A 589 -27.07 -32.57 -16.05
N CYS A 590 -26.34 -33.42 -15.32
CA CYS A 590 -27.00 -34.47 -14.54
C CYS A 590 -27.91 -33.88 -13.48
N THR A 591 -27.44 -32.84 -12.78
CA THR A 591 -28.26 -32.22 -11.75
C THR A 591 -29.52 -31.59 -12.34
N CYS A 592 -29.39 -30.90 -13.47
CA CYS A 592 -30.56 -30.27 -14.08
C CYS A 592 -31.53 -31.32 -14.61
N MET A 593 -31.02 -32.42 -15.17
CA MET A 593 -31.90 -33.49 -15.64
C MET A 593 -32.65 -34.12 -14.47
N VAL A 594 -31.96 -34.34 -13.35
CA VAL A 594 -32.61 -34.88 -12.16
C VAL A 594 -33.67 -33.91 -11.66
N VAL A 595 -33.38 -32.62 -11.68
CA VAL A 595 -34.34 -31.62 -11.23
C VAL A 595 -35.57 -31.61 -12.13
N THR A 596 -35.36 -31.73 -13.45
CA THR A 596 -36.49 -31.81 -14.37
C THR A 596 -37.33 -33.05 -14.11
N VAL A 597 -36.68 -34.18 -13.83
CA VAL A 597 -37.42 -35.39 -13.50
C VAL A 597 -38.24 -35.19 -12.24
N PHE A 598 -37.66 -34.55 -11.22
CA PHE A 598 -38.37 -34.32 -9.97
C PHE A 598 -39.57 -33.41 -10.18
N ILE A 599 -39.38 -32.28 -10.85
CA ILE A 599 -40.49 -31.36 -11.10
C ILE A 599 -41.53 -32.00 -12.02
N LYS A 600 -41.14 -32.97 -12.84
CA LYS A 600 -42.10 -33.69 -13.66
C LYS A 600 -42.93 -34.66 -12.82
N HIS A 601 -42.25 -35.62 -12.18
CA HIS A 601 -42.92 -36.55 -11.26
C HIS A 601 -42.74 -36.08 -9.82
N ASN A 602 -43.41 -34.97 -9.51
CA ASN A 602 -43.36 -34.41 -8.16
C ASN A 602 -44.49 -34.90 -7.27
N ASN A 603 -45.60 -35.37 -7.85
CA ASN A 603 -46.74 -35.82 -7.06
C ASN A 603 -46.55 -37.22 -6.49
N THR A 604 -45.49 -37.93 -6.89
CA THR A 604 -45.28 -39.28 -6.42
C THR A 604 -45.03 -39.29 -4.90
N PRO A 605 -45.44 -40.36 -4.22
CA PRO A 605 -45.25 -40.41 -2.76
C PRO A 605 -43.80 -40.33 -2.32
N LEU A 606 -42.86 -40.86 -3.09
CA LEU A 606 -41.47 -40.93 -2.63
C LEU A 606 -40.85 -39.53 -2.56
N VAL A 607 -41.02 -38.73 -3.61
CA VAL A 607 -40.43 -37.39 -3.63
C VAL A 607 -40.94 -36.57 -2.46
N LYS A 608 -42.26 -36.56 -2.25
CA LYS A 608 -42.85 -35.80 -1.17
C LYS A 608 -42.41 -36.34 0.19
N ALA A 609 -42.40 -37.67 0.35
CA ALA A 609 -42.15 -38.26 1.66
C ALA A 609 -40.69 -38.08 2.08
N SER A 610 -39.76 -38.15 1.13
CA SER A 610 -38.35 -37.95 1.46
C SER A 610 -38.07 -36.54 1.94
N GLY A 611 -38.96 -35.60 1.68
CA GLY A 611 -38.75 -34.20 1.97
C GLY A 611 -38.38 -33.47 0.70
N ARG A 612 -39.37 -32.80 0.10
CA ARG A 612 -39.13 -32.17 -1.19
C ARG A 612 -38.32 -30.89 -1.07
N GLU A 613 -38.53 -30.13 0.01
CA GLU A 613 -37.72 -28.93 0.22
C GLU A 613 -36.25 -29.29 0.38
N LEU A 614 -35.96 -30.25 1.26
CA LEU A 614 -34.57 -30.61 1.54
C LEU A 614 -33.88 -31.15 0.30
N CYS A 615 -34.55 -32.03 -0.44
CA CYS A 615 -33.91 -32.61 -1.64
C CYS A 615 -33.73 -31.56 -2.73
N TYR A 616 -34.71 -30.67 -2.90
CA TYR A 616 -34.59 -29.65 -3.93
C TYR A 616 -33.45 -28.68 -3.61
N ILE A 617 -33.33 -28.27 -2.35
CA ILE A 617 -32.22 -27.38 -1.99
C ILE A 617 -30.89 -28.13 -2.02
N LEU A 618 -30.89 -29.44 -1.76
CA LEU A 618 -29.68 -30.23 -1.92
C LEU A 618 -29.23 -30.26 -3.38
N LEU A 619 -30.19 -30.42 -4.29
CA LEU A 619 -29.87 -30.38 -5.71
C LEU A 619 -29.35 -29.01 -6.11
N PHE A 620 -29.93 -27.94 -5.55
CA PHE A 620 -29.43 -26.60 -5.82
C PHE A 620 -28.00 -26.43 -5.31
N GLY A 621 -27.71 -26.97 -4.13
CA GLY A 621 -26.35 -26.90 -3.61
C GLY A 621 -25.37 -27.68 -4.47
N VAL A 622 -25.79 -28.82 -5.01
CA VAL A 622 -24.94 -29.57 -5.92
C VAL A 622 -24.68 -28.78 -7.20
N GLY A 623 -25.72 -28.14 -7.73
CA GLY A 623 -25.52 -27.27 -8.87
C GLY A 623 -24.57 -26.13 -8.59
N LEU A 624 -24.65 -25.56 -7.38
CA LEU A 624 -23.72 -24.51 -6.98
C LEU A 624 -22.30 -25.04 -6.88
N SER A 625 -22.14 -26.27 -6.38
CA SER A 625 -20.82 -26.89 -6.33
C SER A 625 -20.24 -27.06 -7.73
N TYR A 626 -21.08 -27.45 -8.69
CA TYR A 626 -20.60 -27.59 -10.06
C TYR A 626 -20.33 -26.23 -10.71
N CYS A 627 -21.05 -25.19 -10.28
CA CYS A 627 -20.82 -23.86 -10.85
C CYS A 627 -19.52 -23.25 -10.34
N MET A 628 -19.23 -23.42 -9.04
CA MET A 628 -18.08 -22.77 -8.44
C MET A 628 -16.74 -23.30 -8.96
N THR A 629 -16.76 -24.42 -9.68
CA THR A 629 -15.55 -24.88 -10.37
C THR A 629 -15.01 -23.78 -11.29
N PHE A 630 -15.88 -23.20 -12.11
CA PHE A 630 -15.45 -22.15 -13.03
C PHE A 630 -14.94 -20.92 -12.27
N PHE A 631 -15.49 -20.65 -11.08
CA PHE A 631 -14.96 -19.56 -10.27
C PHE A 631 -13.66 -19.94 -9.58
N PHE A 632 -13.29 -21.22 -9.58
CA PHE A 632 -11.92 -21.58 -9.23
C PHE A 632 -11.01 -21.54 -10.45
N ILE A 633 -11.49 -21.99 -11.60
CA ILE A 633 -10.70 -21.99 -12.84
C ILE A 633 -11.05 -20.72 -13.59
N ALA A 634 -10.33 -19.65 -13.31
CA ALA A 634 -10.56 -18.35 -13.92
C ALA A 634 -9.40 -17.43 -13.54
N LYS A 635 -9.29 -16.32 -14.28
CA LYS A 635 -8.27 -15.33 -13.98
C LYS A 635 -8.64 -14.61 -12.68
N PRO A 636 -7.81 -14.69 -11.64
CA PRO A 636 -8.25 -14.22 -10.31
C PRO A 636 -8.15 -12.71 -10.17
N SER A 637 -9.30 -12.08 -9.95
CA SER A 637 -9.43 -10.72 -9.45
C SER A 637 -9.97 -10.79 -8.02
N PRO A 638 -9.86 -9.70 -7.24
CA PRO A 638 -10.42 -9.75 -5.87
C PRO A 638 -11.89 -10.15 -5.84
N VAL A 639 -12.66 -9.72 -6.85
CA VAL A 639 -14.05 -10.15 -6.96
C VAL A 639 -14.12 -11.66 -7.11
N ILE A 640 -13.30 -12.22 -7.99
CA ILE A 640 -13.35 -13.66 -8.25
C ILE A 640 -12.78 -14.46 -7.08
N CYS A 641 -11.75 -13.93 -6.40
CA CYS A 641 -11.25 -14.59 -5.19
C CYS A 641 -12.33 -14.66 -4.12
N ALA A 642 -13.01 -13.54 -3.86
CA ALA A 642 -14.11 -13.54 -2.91
C ALA A 642 -15.23 -14.48 -3.37
N LEU A 643 -15.52 -14.49 -4.68
CA LEU A 643 -16.60 -15.31 -5.21
C LEU A 643 -16.31 -16.79 -5.06
N ARG A 644 -15.05 -17.20 -5.30
CA ARG A 644 -14.71 -18.62 -5.14
C ARG A 644 -14.76 -19.03 -3.67
N ARG A 645 -14.28 -18.16 -2.77
CA ARG A 645 -14.42 -18.45 -1.35
C ARG A 645 -15.88 -18.64 -0.97
N LEU A 646 -16.73 -17.67 -1.36
CA LEU A 646 -18.14 -17.73 -1.03
C LEU A 646 -18.81 -18.96 -1.63
N GLY A 647 -18.50 -19.27 -2.89
CA GLY A 647 -19.12 -20.42 -3.53
C GLY A 647 -18.77 -21.72 -2.84
N LEU A 648 -17.47 -21.92 -2.56
CA LEU A 648 -17.07 -23.15 -1.88
C LEU A 648 -17.74 -23.28 -0.52
N GLY A 649 -17.63 -22.24 0.31
CA GLY A 649 -18.21 -22.32 1.64
C GLY A 649 -19.71 -22.53 1.61
N SER A 650 -20.41 -21.74 0.80
CA SER A 650 -21.87 -21.80 0.75
C SER A 650 -22.35 -23.14 0.21
N SER A 651 -21.70 -23.66 -0.84
CA SER A 651 -22.14 -24.93 -1.42
C SER A 651 -21.97 -26.07 -0.44
N PHE A 652 -20.79 -26.17 0.19
CA PHE A 652 -20.60 -27.24 1.16
C PHE A 652 -21.56 -27.10 2.33
N ALA A 653 -21.74 -25.87 2.83
CA ALA A 653 -22.66 -25.65 3.94
C ALA A 653 -24.08 -26.05 3.56
N ILE A 654 -24.53 -25.67 2.37
CA ILE A 654 -25.88 -25.98 1.93
C ILE A 654 -26.09 -27.49 1.90
N CYS A 655 -25.18 -28.19 1.23
CA CYS A 655 -25.35 -29.63 1.07
C CYS A 655 -25.37 -30.34 2.42
N TYR A 656 -24.37 -30.07 3.27
CA TYR A 656 -24.27 -30.80 4.52
C TYR A 656 -25.29 -30.34 5.55
N SER A 657 -25.78 -29.10 5.47
CA SER A 657 -26.86 -28.67 6.36
C SER A 657 -28.17 -29.34 5.97
N ALA A 658 -28.44 -29.46 4.66
CA ALA A 658 -29.62 -30.21 4.24
C ALA A 658 -29.54 -31.66 4.70
N LEU A 659 -28.35 -32.26 4.58
CA LEU A 659 -28.20 -33.64 5.03
C LEU A 659 -28.37 -33.76 6.54
N LEU A 660 -27.89 -32.77 7.30
CA LEU A 660 -28.11 -32.77 8.75
C LEU A 660 -29.59 -32.65 9.10
N THR A 661 -30.32 -31.77 8.40
CA THR A 661 -31.75 -31.67 8.65
C THR A 661 -32.44 -33.00 8.38
N LYS A 662 -32.11 -33.63 7.26
CA LYS A 662 -32.73 -34.92 6.92
C LYS A 662 -32.39 -35.99 7.96
N THR A 663 -31.13 -36.04 8.40
CA THR A 663 -30.75 -37.07 9.35
C THR A 663 -31.36 -36.83 10.73
N ASN A 664 -31.51 -35.56 11.14
CA ASN A 664 -32.20 -35.28 12.39
C ASN A 664 -33.66 -35.68 12.31
N CYS A 665 -34.31 -35.39 11.18
CA CYS A 665 -35.70 -35.79 11.01
C CYS A 665 -35.84 -37.31 11.10
N ILE A 666 -34.96 -38.02 10.40
CA ILE A 666 -35.04 -39.48 10.39
C ILE A 666 -34.73 -40.06 11.76
N ALA A 667 -33.77 -39.44 12.48
CA ALA A 667 -33.47 -39.89 13.83
C ALA A 667 -34.65 -39.69 14.77
N ARG A 668 -35.31 -38.54 14.67
CA ARG A 668 -36.48 -38.30 15.52
C ARG A 668 -37.60 -39.29 15.22
N ILE A 669 -37.81 -39.59 13.93
CA ILE A 669 -38.81 -40.59 13.57
C ILE A 669 -38.43 -41.96 14.13
N PHE A 670 -37.15 -42.34 13.99
CA PHE A 670 -36.74 -43.69 14.34
C PHE A 670 -36.72 -43.92 15.85
N ASP A 671 -36.24 -42.94 16.62
CA ASP A 671 -36.04 -43.16 18.05
C ASP A 671 -37.34 -43.32 18.81
N GLY A 672 -38.48 -42.99 18.20
CA GLY A 672 -39.75 -43.16 18.88
C GLY A 672 -39.97 -42.12 19.96
N VAL A 673 -41.05 -42.34 20.71
CA VAL A 673 -41.42 -41.41 21.78
C VAL A 673 -40.35 -41.41 22.85
N LYS A 674 -39.94 -40.21 23.26
CA LYS A 674 -38.89 -40.06 24.27
C LYS A 674 -39.47 -40.35 25.65
N ASN A 675 -38.67 -40.14 26.69
CA ASN A 675 -39.06 -40.47 28.05
C ASN A 675 -39.86 -39.32 28.63
N GLY A 676 -41.19 -39.40 28.52
CA GLY A 676 -42.10 -38.41 29.08
C GLY A 676 -43.01 -37.76 28.04
N ALA A 677 -42.58 -37.72 26.79
CA ALA A 677 -43.36 -37.06 25.75
C ALA A 677 -44.48 -37.96 25.27
N GLN A 678 -45.25 -37.46 24.31
CA GLN A 678 -46.36 -38.20 23.70
C GLN A 678 -46.15 -38.48 22.22
N ARG A 679 -45.46 -37.58 21.51
CA ARG A 679 -45.08 -37.81 20.14
C ARG A 679 -43.88 -36.94 19.80
N PRO A 680 -42.80 -37.53 19.29
CA PRO A 680 -41.58 -36.77 18.99
C PRO A 680 -41.47 -36.22 17.57
N LYS A 681 -42.57 -36.20 16.82
CA LYS A 681 -42.51 -35.87 15.40
C LYS A 681 -41.91 -34.49 15.18
N PHE A 682 -41.52 -34.24 13.93
CA PHE A 682 -40.88 -33.00 13.52
C PHE A 682 -41.64 -32.45 12.32
N ILE A 683 -41.99 -31.16 12.37
CA ILE A 683 -42.75 -30.57 11.28
C ILE A 683 -41.82 -30.32 10.10
N SER A 684 -42.15 -30.94 8.96
CA SER A 684 -41.28 -30.91 7.79
C SER A 684 -41.32 -29.61 7.00
N PRO A 685 -42.49 -29.09 6.59
CA PRO A 685 -42.49 -28.03 5.57
C PRO A 685 -41.87 -26.71 6.04
N SER A 686 -41.77 -26.48 7.36
CA SER A 686 -41.28 -25.20 7.86
C SER A 686 -39.98 -25.34 8.65
N SER A 687 -39.94 -26.22 9.66
CA SER A 687 -38.79 -26.23 10.55
C SER A 687 -37.55 -26.84 9.90
N GLN A 688 -37.73 -27.80 8.98
CA GLN A 688 -36.60 -28.29 8.21
C GLN A 688 -35.90 -27.16 7.47
N VAL A 689 -36.67 -26.37 6.73
CA VAL A 689 -36.11 -25.26 5.96
C VAL A 689 -35.52 -24.22 6.90
N PHE A 690 -36.19 -23.96 8.03
CA PHE A 690 -35.69 -22.96 8.97
C PHE A 690 -34.33 -23.37 9.51
N ILE A 691 -34.18 -24.64 9.90
CA ILE A 691 -32.90 -25.11 10.45
C ILE A 691 -31.83 -25.12 9.36
N CYS A 692 -32.19 -25.54 8.14
CA CYS A 692 -31.19 -25.59 7.07
C CYS A 692 -30.66 -24.20 6.76
N LEU A 693 -31.56 -23.22 6.57
CA LEU A 693 -31.12 -21.86 6.38
C LEU A 693 -30.44 -21.29 7.62
N GLY A 694 -30.76 -21.77 8.81
CA GLY A 694 -30.02 -21.34 9.98
C GLY A 694 -28.56 -21.73 9.91
N LEU A 695 -28.29 -22.99 9.56
CA LEU A 695 -26.91 -23.44 9.41
C LEU A 695 -26.22 -22.71 8.26
N ILE A 696 -26.91 -22.56 7.13
CA ILE A 696 -26.34 -21.88 5.97
C ILE A 696 -25.99 -20.43 6.31
N LEU A 697 -26.89 -19.76 7.03
CA LEU A 697 -26.66 -18.38 7.45
C LEU A 697 -25.53 -18.28 8.46
N VAL A 698 -25.38 -19.29 9.33
CA VAL A 698 -24.24 -19.28 10.25
C VAL A 698 -22.94 -19.33 9.47
N GLN A 699 -22.87 -20.22 8.48
CA GLN A 699 -21.67 -20.29 7.65
C GLN A 699 -21.45 -18.99 6.89
N ILE A 700 -22.53 -18.39 6.38
CA ILE A 700 -22.43 -17.15 5.63
C ILE A 700 -21.92 -16.02 6.51
N VAL A 701 -22.42 -15.94 7.74
CA VAL A 701 -21.94 -14.93 8.69
C VAL A 701 -20.45 -15.13 8.96
N MET A 702 -20.03 -16.38 9.16
CA MET A 702 -18.62 -16.66 9.43
C MET A 702 -17.76 -16.22 8.25
N VAL A 703 -18.14 -16.61 7.03
CA VAL A 703 -17.32 -16.24 5.88
C VAL A 703 -17.37 -14.73 5.65
N SER A 704 -18.50 -14.08 5.92
CA SER A 704 -18.59 -12.65 5.67
C SER A 704 -17.73 -11.87 6.65
N VAL A 705 -17.75 -12.23 7.93
CA VAL A 705 -16.86 -11.56 8.88
C VAL A 705 -15.41 -11.88 8.56
N TRP A 706 -15.13 -13.06 8.01
CA TRP A 706 -13.76 -13.39 7.64
C TRP A 706 -13.26 -12.55 6.47
N LEU A 707 -14.11 -12.30 5.48
CA LEU A 707 -13.74 -11.36 4.41
C LEU A 707 -13.68 -9.92 4.91
N ILE A 708 -14.47 -9.58 5.93
CA ILE A 708 -14.35 -8.25 6.53
C ILE A 708 -12.98 -8.06 7.17
N LEU A 709 -12.53 -9.08 7.92
CA LEU A 709 -11.24 -8.98 8.60
C LEU A 709 -10.06 -9.11 7.64
N GLU A 710 -10.23 -9.84 6.53
CA GLU A 710 -9.14 -10.20 5.63
C GLU A 710 -9.54 -9.97 4.18
N ALA A 711 -9.99 -8.74 3.88
CA ALA A 711 -10.60 -8.30 2.62
C ALA A 711 -9.95 -8.91 1.39
N PRO A 712 -10.75 -9.26 0.38
CA PRO A 712 -10.21 -10.00 -0.77
C PRO A 712 -9.25 -9.16 -1.58
N GLY A 713 -8.39 -9.87 -2.32
CA GLY A 713 -7.41 -9.21 -3.16
C GLY A 713 -6.62 -10.26 -3.93
N THR A 714 -5.62 -9.78 -4.65
CA THR A 714 -4.74 -10.66 -5.42
C THR A 714 -3.30 -10.36 -5.05
N ARG A 715 -2.51 -11.42 -4.92
CA ARG A 715 -1.10 -11.30 -4.59
C ARG A 715 -0.25 -11.95 -5.67
N ARG A 716 1.02 -11.55 -5.70
CA ARG A 716 1.98 -12.03 -6.68
C ARG A 716 2.92 -13.02 -5.99
N TYR A 717 2.80 -14.30 -6.33
CA TYR A 717 3.69 -15.32 -5.82
C TYR A 717 4.83 -15.52 -6.82
N THR A 718 6.05 -15.28 -6.37
CA THR A 718 7.24 -15.40 -7.22
C THR A 718 8.27 -16.26 -6.53
N LEU A 719 8.83 -17.21 -7.29
CA LEU A 719 9.86 -18.11 -6.77
C LEU A 719 11.21 -17.42 -6.92
N ALA A 720 11.75 -16.91 -5.81
CA ALA A 720 13.07 -16.29 -5.85
C ALA A 720 14.12 -17.30 -6.31
N GLU A 721 13.97 -18.56 -5.92
CA GLU A 721 14.87 -19.61 -6.38
C GLU A 721 14.78 -19.79 -7.89
N LYS A 722 13.61 -19.55 -8.48
CA LYS A 722 13.40 -19.75 -9.91
C LYS A 722 13.41 -18.45 -10.70
N ARG A 723 12.74 -17.42 -10.19
CA ARG A 723 12.56 -16.15 -10.89
C ARG A 723 11.78 -16.34 -12.20
N GLU A 724 11.43 -15.23 -12.85
CA GLU A 724 10.66 -15.24 -14.10
C GLU A 724 9.32 -15.96 -13.95
N THR A 725 8.84 -16.15 -12.73
CA THR A 725 7.59 -16.86 -12.48
C THR A 725 6.72 -16.00 -11.58
N VAL A 726 5.62 -15.49 -12.12
CA VAL A 726 4.66 -14.66 -11.39
C VAL A 726 3.33 -15.38 -11.39
N ILE A 727 2.77 -15.58 -10.19
CA ILE A 727 1.53 -16.32 -10.01
C ILE A 727 0.50 -15.40 -9.39
N LEU A 728 -0.65 -15.28 -10.04
CA LEU A 728 -1.79 -14.54 -9.49
C LEU A 728 -2.49 -15.41 -8.47
N LYS A 729 -2.50 -14.99 -7.21
CA LYS A 729 -3.06 -15.79 -6.13
C LYS A 729 -4.18 -15.05 -5.43
N CYS A 730 -5.28 -15.75 -5.18
CA CYS A 730 -6.30 -15.27 -4.25
C CYS A 730 -5.64 -14.99 -2.91
N ASN A 731 -5.98 -13.84 -2.32
CA ASN A 731 -5.19 -13.23 -1.25
C ASN A 731 -5.13 -14.08 0.01
N VAL A 732 -5.74 -15.26 -0.01
CA VAL A 732 -5.84 -16.10 1.17
C VAL A 732 -4.77 -17.18 1.11
N LYS A 733 -3.94 -17.25 2.16
CA LYS A 733 -3.02 -18.37 2.32
C LYS A 733 -3.79 -19.64 2.67
N ASP A 734 -3.30 -20.78 2.18
CA ASP A 734 -4.05 -22.03 2.25
C ASP A 734 -4.41 -22.41 3.68
N SER A 735 -3.54 -22.09 4.64
CA SER A 735 -3.86 -22.37 6.04
C SER A 735 -5.13 -21.64 6.46
N SER A 736 -5.28 -20.38 6.03
CA SER A 736 -6.50 -19.64 6.33
C SER A 736 -7.71 -20.27 5.65
N MET A 737 -7.53 -20.79 4.43
CA MET A 737 -8.65 -21.46 3.75
C MET A 737 -9.09 -22.70 4.50
N LEU A 738 -8.13 -23.49 5.00
CA LEU A 738 -8.51 -24.67 5.78
C LEU A 738 -9.16 -24.27 7.11
N ILE A 739 -8.66 -23.20 7.73
CA ILE A 739 -9.29 -22.70 8.95
C ILE A 739 -10.72 -22.28 8.68
N SER A 740 -10.97 -21.74 7.47
CA SER A 740 -12.35 -21.43 7.08
C SER A 740 -13.17 -22.70 6.94
N LEU A 741 -12.63 -23.72 6.26
CA LEU A 741 -13.37 -24.95 5.97
C LEU A 741 -13.53 -25.87 7.17
N THR A 742 -12.87 -25.58 8.30
CA THR A 742 -13.02 -26.46 9.46
C THR A 742 -14.47 -26.53 9.92
N TYR A 743 -15.27 -25.50 9.68
CA TYR A 743 -16.67 -25.55 10.10
C TYR A 743 -17.46 -26.54 9.25
N ASP A 744 -17.25 -26.53 7.93
CA ASP A 744 -17.87 -27.55 7.10
C ASP A 744 -17.36 -28.94 7.45
N VAL A 745 -16.09 -29.03 7.89
CA VAL A 745 -15.57 -30.31 8.36
C VAL A 745 -16.36 -30.80 9.58
N ILE A 746 -16.60 -29.89 10.53
CA ILE A 746 -17.37 -30.24 11.72
C ILE A 746 -18.80 -30.64 11.33
N LEU A 747 -19.39 -29.92 10.37
CA LEU A 747 -20.73 -30.23 9.91
C LEU A 747 -20.78 -31.63 9.31
N VAL A 748 -19.76 -31.98 8.52
CA VAL A 748 -19.68 -33.32 7.94
C VAL A 748 -19.54 -34.36 9.03
N ILE A 749 -18.73 -34.08 10.06
CA ILE A 749 -18.56 -35.01 11.16
C ILE A 749 -19.90 -35.29 11.83
N LEU A 750 -20.63 -34.23 12.18
CA LEU A 750 -21.91 -34.40 12.85
C LEU A 750 -22.90 -35.15 11.97
N CYS A 751 -22.95 -34.81 10.68
CA CYS A 751 -23.89 -35.49 9.78
C CYS A 751 -23.54 -36.96 9.64
N THR A 752 -22.25 -37.29 9.54
CA THR A 752 -21.85 -38.68 9.45
C THR A 752 -22.20 -39.46 10.71
N VAL A 753 -21.99 -38.85 11.87
CA VAL A 753 -22.33 -39.53 13.12
C VAL A 753 -23.83 -39.81 13.19
N TYR A 754 -24.65 -38.81 12.84
CA TYR A 754 -26.09 -39.01 12.92
C TYR A 754 -26.60 -39.97 11.84
N ALA A 755 -25.95 -39.99 10.66
CA ALA A 755 -26.31 -40.99 9.67
C ALA A 755 -25.96 -42.40 10.14
N PHE A 756 -24.81 -42.54 10.81
CA PHE A 756 -24.43 -43.84 11.35
C PHE A 756 -25.42 -44.29 12.42
N LYS A 757 -25.86 -43.37 13.28
CA LYS A 757 -26.83 -43.72 14.32
C LYS A 757 -28.18 -44.14 13.74
N THR A 758 -28.46 -43.79 12.49
CA THR A 758 -29.76 -44.10 11.89
C THR A 758 -29.59 -44.98 10.65
N ARG A 759 -28.74 -46.01 10.74
CA ARG A 759 -28.53 -46.89 9.59
C ARG A 759 -29.76 -47.71 9.23
N LYS A 760 -30.64 -47.97 10.20
CA LYS A 760 -31.67 -48.99 10.07
C LYS A 760 -33.08 -48.41 10.15
N CYS A 761 -33.33 -47.32 9.44
CA CYS A 761 -34.67 -46.77 9.32
C CYS A 761 -35.14 -46.97 7.89
N PRO A 762 -36.04 -47.93 7.63
CA PRO A 762 -36.41 -48.27 6.25
C PRO A 762 -37.23 -47.20 5.54
N GLU A 763 -37.47 -46.05 6.15
CA GLU A 763 -38.33 -45.05 5.55
C GLU A 763 -37.80 -44.60 4.18
N ASN A 764 -38.72 -44.25 3.30
CA ASN A 764 -38.41 -43.80 1.95
C ASN A 764 -37.62 -44.86 1.18
N PHE A 765 -38.06 -46.11 1.32
CA PHE A 765 -37.38 -47.26 0.73
C PHE A 765 -35.93 -47.35 1.22
N ASN A 766 -35.78 -47.31 2.54
CA ASN A 766 -34.48 -47.43 3.19
C ASN A 766 -33.51 -46.35 2.72
N GLU A 767 -33.99 -45.10 2.73
CA GLU A 767 -33.13 -43.98 2.34
C GLU A 767 -32.05 -43.68 3.37
N ALA A 768 -32.25 -44.11 4.62
CA ALA A 768 -31.25 -43.87 5.65
C ALA A 768 -29.95 -44.60 5.33
N LYS A 769 -30.04 -45.78 4.72
CA LYS A 769 -28.83 -46.49 4.31
C LYS A 769 -28.04 -45.68 3.29
N PHE A 770 -28.73 -45.11 2.30
CA PHE A 770 -28.04 -44.28 1.31
C PHE A 770 -27.47 -43.02 1.94
N ILE A 771 -28.17 -42.45 2.90
CA ILE A 771 -27.66 -41.28 3.62
C ILE A 771 -26.36 -41.63 4.34
N GLY A 772 -26.35 -42.76 5.04
CA GLY A 772 -25.14 -43.18 5.73
C GLY A 772 -23.99 -43.45 4.78
N PHE A 773 -24.28 -44.14 3.67
CA PHE A 773 -23.23 -44.43 2.69
C PHE A 773 -22.68 -43.14 2.10
N THR A 774 -23.55 -42.18 1.78
CA THR A 774 -23.09 -40.90 1.23
C THR A 774 -22.22 -40.17 2.23
N MET A 775 -22.61 -40.17 3.51
CA MET A 775 -21.79 -39.51 4.52
C MET A 775 -20.43 -40.20 4.65
N TYR A 776 -20.41 -41.53 4.63
CA TYR A 776 -19.14 -42.26 4.73
C TYR A 776 -18.21 -41.91 3.58
N THR A 777 -18.72 -41.96 2.34
CA THR A 777 -17.85 -41.71 1.20
C THR A 777 -17.46 -40.23 1.10
N THR A 778 -18.33 -39.32 1.56
CA THR A 778 -17.94 -37.91 1.62
C THR A 778 -16.81 -37.71 2.63
N CYS A 779 -16.90 -38.35 3.78
CA CYS A 779 -15.81 -38.30 4.74
C CYS A 779 -14.52 -38.85 4.13
N ILE A 780 -14.63 -39.96 3.41
CA ILE A 780 -13.45 -40.57 2.79
C ILE A 780 -12.82 -39.61 1.79
N ILE A 781 -13.64 -39.00 0.93
CA ILE A 781 -13.10 -38.13 -0.11
C ILE A 781 -12.49 -36.87 0.51
N TRP A 782 -13.10 -36.34 1.58
CA TRP A 782 -12.53 -35.15 2.19
C TRP A 782 -11.23 -35.46 2.93
N LEU A 783 -11.16 -36.63 3.60
CA LEU A 783 -9.90 -37.01 4.23
C LEU A 783 -8.81 -37.27 3.20
N ALA A 784 -9.17 -37.79 2.03
CA ALA A 784 -8.20 -38.00 0.97
C ALA A 784 -7.82 -36.70 0.26
N PHE A 785 -8.66 -35.67 0.37
CA PHE A 785 -8.42 -34.44 -0.38
C PHE A 785 -7.71 -33.37 0.45
N LEU A 786 -8.26 -33.02 1.61
CA LEU A 786 -7.81 -31.83 2.33
C LEU A 786 -6.33 -31.86 2.69
N PRO A 787 -5.79 -32.91 3.32
CA PRO A 787 -4.33 -32.93 3.53
C PRO A 787 -3.55 -32.91 2.22
N ILE A 788 -4.07 -33.57 1.18
CA ILE A 788 -3.42 -33.53 -0.12
C ILE A 788 -3.43 -32.12 -0.68
N PHE A 789 -4.56 -31.42 -0.53
CA PHE A 789 -4.63 -30.03 -0.97
C PHE A 789 -3.64 -29.15 -0.20
N TYR A 790 -3.45 -29.42 1.09
CA TYR A 790 -2.60 -28.54 1.89
C TYR A 790 -1.12 -28.79 1.61
N VAL A 791 -0.67 -30.03 1.78
CA VAL A 791 0.76 -30.32 1.69
C VAL A 791 1.31 -30.10 0.29
N THR A 792 0.45 -30.13 -0.73
CA THR A 792 0.87 -29.91 -2.11
C THR A 792 0.67 -28.46 -2.55
N SER A 793 0.79 -27.51 -1.61
CA SER A 793 0.62 -26.10 -1.92
C SER A 793 1.73 -25.53 -2.79
N SER A 794 2.81 -26.29 -3.00
CA SER A 794 3.92 -25.79 -3.80
C SER A 794 3.50 -25.48 -5.23
N ASP A 795 2.72 -26.36 -5.84
CA ASP A 795 2.29 -26.21 -7.22
C ASP A 795 0.90 -25.59 -7.27
N TYR A 796 0.54 -25.09 -8.45
CA TYR A 796 -0.73 -24.41 -8.65
C TYR A 796 -1.68 -25.14 -9.60
N ARG A 797 -1.17 -25.68 -10.71
CA ARG A 797 -2.04 -26.40 -11.63
C ARG A 797 -2.69 -27.60 -10.95
N VAL A 798 -1.88 -28.43 -10.29
CA VAL A 798 -2.43 -29.58 -9.59
C VAL A 798 -3.32 -29.13 -8.43
N GLN A 799 -2.99 -28.01 -7.79
CA GLN A 799 -3.79 -27.55 -6.67
C GLN A 799 -5.18 -27.12 -7.12
N THR A 800 -5.25 -26.29 -8.16
CA THR A 800 -6.55 -25.86 -8.69
C THR A 800 -7.32 -27.05 -9.24
N THR A 801 -6.63 -27.96 -9.92
CA THR A 801 -7.31 -29.14 -10.46
C THR A 801 -7.87 -30.01 -9.35
N THR A 802 -7.11 -30.18 -8.27
CA THR A 802 -7.61 -30.97 -7.14
C THR A 802 -8.82 -30.30 -6.51
N MET A 803 -8.79 -28.98 -6.32
CA MET A 803 -9.94 -28.29 -5.74
C MET A 803 -11.18 -28.48 -6.62
N CYS A 804 -11.05 -28.19 -7.92
CA CYS A 804 -12.18 -28.25 -8.82
C CYS A 804 -12.72 -29.67 -8.94
N ILE A 805 -11.84 -30.64 -9.16
CA ILE A 805 -12.29 -32.02 -9.33
C ILE A 805 -12.84 -32.56 -8.02
N SER A 806 -12.30 -32.14 -6.88
CA SER A 806 -12.84 -32.59 -5.60
C SER A 806 -14.26 -32.10 -5.39
N VAL A 807 -14.52 -30.83 -5.69
CA VAL A 807 -15.90 -30.34 -5.50
C VAL A 807 -16.84 -30.97 -6.52
N SER A 808 -16.39 -31.14 -7.77
CA SER A 808 -17.22 -31.79 -8.77
C SER A 808 -17.53 -33.22 -8.38
N LEU A 809 -16.54 -33.95 -7.86
CA LEU A 809 -16.75 -35.33 -7.48
C LEU A 809 -17.57 -35.43 -6.20
N SER A 810 -17.50 -34.43 -5.32
CA SER A 810 -18.41 -34.39 -4.18
C SER A 810 -19.85 -34.25 -4.66
N GLY A 811 -20.08 -33.38 -5.64
CA GLY A 811 -21.41 -33.31 -6.24
C GLY A 811 -21.82 -34.63 -6.86
N PHE A 812 -20.90 -35.28 -7.57
CA PHE A 812 -21.20 -36.59 -8.17
C PHE A 812 -21.53 -37.62 -7.10
N VAL A 813 -20.80 -37.61 -5.99
CA VAL A 813 -21.06 -38.54 -4.90
C VAL A 813 -22.46 -38.32 -4.34
N VAL A 814 -22.79 -37.06 -4.02
CA VAL A 814 -24.11 -36.77 -3.47
C VAL A 814 -25.19 -37.24 -4.43
N LEU A 815 -25.06 -36.87 -5.71
CA LEU A 815 -26.05 -37.27 -6.71
C LEU A 815 -26.20 -38.78 -6.78
N GLY A 816 -25.13 -39.47 -7.17
CA GLY A 816 -25.19 -40.89 -7.42
C GLY A 816 -25.36 -41.76 -6.19
N CYS A 817 -25.21 -41.19 -5.00
CA CYS A 817 -25.40 -41.96 -3.79
C CYS A 817 -26.72 -41.68 -3.08
N LEU A 818 -27.38 -40.56 -3.38
CA LEU A 818 -28.69 -40.30 -2.78
C LEU A 818 -29.82 -40.26 -3.80
N PHE A 819 -29.69 -39.45 -4.86
CA PHE A 819 -30.79 -39.28 -5.79
C PHE A 819 -30.83 -40.37 -6.86
N ALA A 820 -29.72 -41.06 -7.10
CA ALA A 820 -29.72 -42.11 -8.11
C ALA A 820 -30.67 -43.25 -7.78
N PRO A 821 -30.68 -43.83 -6.56
CA PRO A 821 -31.72 -44.81 -6.26
C PRO A 821 -33.13 -44.25 -6.37
N LYS A 822 -33.32 -43.00 -5.93
CA LYS A 822 -34.65 -42.39 -6.05
C LYS A 822 -35.03 -42.19 -7.50
N VAL A 823 -34.09 -41.75 -8.34
CA VAL A 823 -34.39 -41.58 -9.76
C VAL A 823 -34.75 -42.92 -10.39
N HIS A 824 -33.98 -43.96 -10.06
CA HIS A 824 -34.27 -45.30 -10.60
C HIS A 824 -35.65 -45.77 -10.18
N ILE A 825 -35.99 -45.61 -8.91
CA ILE A 825 -37.29 -46.06 -8.43
C ILE A 825 -38.41 -45.27 -9.09
N ILE A 826 -38.26 -43.95 -9.16
CA ILE A 826 -39.33 -43.09 -9.68
C ILE A 826 -39.56 -43.38 -11.16
N LEU A 827 -38.48 -43.49 -11.94
CA LEU A 827 -38.61 -43.64 -13.39
C LEU A 827 -38.68 -45.10 -13.82
N PHE A 828 -37.66 -45.88 -13.47
CA PHE A 828 -37.55 -47.23 -14.01
C PHE A 828 -38.52 -48.21 -13.37
N GLN A 829 -39.04 -47.90 -12.17
CA GLN A 829 -40.00 -48.76 -11.48
C GLN A 829 -41.17 -47.92 -10.98
N PRO A 830 -42.03 -47.47 -11.89
CA PRO A 830 -43.15 -46.61 -11.49
C PRO A 830 -44.26 -47.33 -10.75
N GLN A 831 -44.17 -48.65 -10.57
CA GLN A 831 -45.22 -49.42 -9.95
C GLN A 831 -45.07 -49.58 -8.44
N LYS A 832 -43.96 -49.11 -7.87
CA LYS A 832 -43.74 -49.27 -6.43
C LYS A 832 -43.88 -47.97 -5.64
N ASN A 833 -43.94 -46.82 -6.31
CA ASN A 833 -44.18 -45.55 -5.62
C ASN A 833 -45.66 -45.21 -5.69
N VAL A 834 -46.44 -46.06 -5.02
CA VAL A 834 -47.90 -45.95 -5.01
C VAL A 834 -48.37 -45.94 -3.56
N VAL A 835 -49.57 -45.41 -3.35
CA VAL A 835 -50.11 -45.22 -2.01
C VAL A 835 -50.88 -46.45 -1.54
N THR A 836 -51.81 -46.94 -2.36
CA THR A 836 -52.73 -47.98 -1.93
C THR A 836 -52.74 -49.12 -2.94
N HIS A 837 -53.12 -50.30 -2.45
CA HIS A 837 -53.20 -51.49 -3.29
C HIS A 837 -54.20 -52.49 -2.72
N SEP A 856 -78.62 -51.05 12.70
CA SEP A 856 -77.58 -51.20 13.72
CB SEP A 856 -77.95 -50.42 14.97
C SEP A 856 -77.34 -52.67 14.06
O SEP A 856 -78.21 -53.52 13.83
N SEP A 857 -76.16 -52.97 14.58
CA SEP A 857 -75.79 -54.33 14.93
CB SEP A 857 -74.33 -54.38 15.41
OG SEP A 857 -73.45 -54.24 14.31
C SEP A 857 -76.70 -54.90 16.02
O SEP A 857 -76.39 -54.84 17.21
P SEP A 857 -72.78 -52.78 14.31
O1P SEP A 857 -72.31 -52.41 12.81
O2P SEP A 857 -73.87 -51.69 14.81
O3P SEP A 857 -71.51 -52.76 15.29
N ALA A 858 -77.84 -55.44 15.59
CA ALA A 858 -78.83 -55.97 16.51
C ALA A 858 -78.48 -57.39 16.96
N SEP A 859 -79.51 -58.19 17.22
CA SEP A 859 -79.33 -59.55 17.70
CB SEP A 859 -78.80 -59.55 19.13
OG SEP A 859 -79.63 -58.74 19.95
C SEP A 859 -80.64 -60.33 17.63
O SEP A 859 -81.65 -59.81 17.14
P SEP A 859 -79.56 -59.24 21.47
O1P SEP A 859 -78.07 -59.05 22.04
O2P SEP A 859 -80.59 -58.38 22.35
O3P SEP A 859 -79.97 -60.80 21.54
N TPO A 860 -80.62 -61.56 18.15
CA TPO A 860 -81.81 -62.40 18.19
CB TPO A 860 -82.22 -62.82 16.78
CG2 TPO A 860 -81.06 -63.49 16.05
OG1 TPO A 860 -83.37 -63.66 16.80
P TPO A 860 -84.56 -62.80 16.11
O1P TPO A 860 -84.16 -62.44 14.74
O2P TPO A 860 -85.90 -63.68 16.07
O3P TPO A 860 -84.80 -61.46 16.97
C TPO A 860 -81.58 -63.61 19.10
O TPO A 860 -80.84 -63.54 20.08
N TYR A 861 -82.21 -64.73 18.76
CA TYR A 861 -82.08 -65.97 19.53
C TYR A 861 -81.98 -67.17 18.59
N VAL A 862 -81.15 -68.14 18.94
CA VAL A 862 -80.97 -69.34 18.13
C VAL A 862 -81.51 -70.53 18.93
N PRO A 863 -82.53 -71.23 18.43
CA PRO A 863 -83.02 -72.42 19.14
C PRO A 863 -81.96 -73.50 19.23
N THR A 864 -82.02 -74.25 20.32
CA THR A 864 -81.08 -75.33 20.54
C THR A 864 -81.58 -76.65 19.97
N GLY B 5 -80.86 -72.02 21.97
CA GLY B 5 -80.17 -71.82 23.23
C GLY B 5 -79.00 -70.87 23.14
N THR B 6 -78.84 -70.22 21.98
CA THR B 6 -77.77 -69.28 21.74
C THR B 6 -78.31 -68.08 20.98
N ARG B 7 -77.42 -67.15 20.65
CA ARG B 7 -77.78 -65.93 19.94
C ARG B 7 -76.69 -65.56 18.96
N VAL B 8 -77.07 -64.83 17.91
CA VAL B 8 -76.17 -64.42 16.85
C VAL B 8 -76.34 -62.91 16.64
N PHE B 9 -75.61 -62.37 15.66
CA PHE B 9 -75.63 -60.95 15.37
C PHE B 9 -76.20 -60.73 13.96
N LYS B 10 -77.05 -59.72 13.82
CA LYS B 10 -77.82 -59.51 12.61
C LYS B 10 -77.66 -58.09 12.10
N LYS B 11 -77.54 -57.95 10.78
CA LYS B 11 -77.52 -56.65 10.12
C LYS B 11 -78.40 -56.73 8.88
N ALA B 12 -78.92 -55.58 8.44
CA ALA B 12 -79.91 -55.55 7.38
C ALA B 12 -79.57 -54.48 6.35
N SER B 13 -80.26 -54.57 5.21
CA SER B 13 -80.11 -53.64 4.10
C SER B 13 -81.46 -53.05 3.70
N PRO B 14 -81.50 -51.80 3.26
CA PRO B 14 -82.79 -51.18 2.90
C PRO B 14 -83.47 -51.80 1.68
N ASN B 15 -82.78 -51.85 0.54
CA ASN B 15 -83.44 -52.18 -0.72
C ASN B 15 -83.80 -53.66 -0.79
N GLY B 16 -82.86 -54.54 -0.47
CA GLY B 16 -83.05 -55.96 -0.62
C GLY B 16 -83.37 -56.72 0.64
N LYS B 17 -83.32 -56.07 1.81
CA LYS B 17 -83.54 -56.73 3.09
C LYS B 17 -82.61 -57.92 3.26
N LEU B 18 -81.36 -57.76 2.84
CA LEU B 18 -80.37 -58.82 2.91
C LEU B 18 -79.91 -58.92 4.35
N THR B 19 -80.57 -59.77 5.14
CA THR B 19 -80.27 -59.88 6.55
C THR B 19 -79.08 -60.82 6.72
N VAL B 20 -77.92 -60.26 7.03
CA VAL B 20 -76.71 -61.03 7.26
C VAL B 20 -76.63 -61.38 8.74
N TYR B 21 -76.48 -62.67 9.03
CA TYR B 21 -76.38 -63.19 10.38
C TYR B 21 -75.01 -63.84 10.55
N LEU B 22 -74.32 -63.46 11.63
CA LEU B 22 -73.00 -63.97 11.96
C LEU B 22 -73.02 -64.58 13.36
N GLY B 23 -72.31 -65.69 13.53
CA GLY B 23 -72.32 -66.38 14.81
C GLY B 23 -71.71 -65.57 15.93
N LYS B 24 -70.57 -64.93 15.66
CA LYS B 24 -69.88 -64.13 16.66
C LYS B 24 -69.20 -62.96 15.98
N ARG B 25 -68.93 -61.91 16.76
CA ARG B 25 -68.22 -60.76 16.24
C ARG B 25 -66.74 -61.06 16.03
N ASP B 26 -66.13 -61.78 16.97
CA ASP B 26 -64.71 -62.10 16.89
C ASP B 26 -64.51 -63.53 16.40
N PHE B 27 -63.25 -63.85 16.14
CA PHE B 27 -62.86 -65.19 15.67
C PHE B 27 -61.47 -65.46 16.20
N VAL B 28 -61.35 -66.34 17.19
CA VAL B 28 -60.07 -66.54 17.85
C VAL B 28 -59.04 -67.09 16.87
N ASP B 29 -57.77 -66.92 17.21
CA ASP B 29 -56.67 -67.26 16.32
C ASP B 29 -55.78 -68.30 16.98
N HIS B 30 -56.08 -69.57 16.75
CA HIS B 30 -55.09 -70.61 16.98
C HIS B 30 -53.99 -70.47 15.94
N ILE B 31 -52.75 -70.71 16.37
CA ILE B 31 -51.62 -70.49 15.47
C ILE B 31 -51.71 -71.39 14.25
N ASP B 32 -52.14 -72.65 14.46
CA ASP B 32 -52.25 -73.57 13.34
C ASP B 32 -53.36 -73.16 12.37
N LEU B 33 -54.49 -72.67 12.89
CA LEU B 33 -55.61 -72.31 12.03
C LEU B 33 -56.52 -71.32 12.76
N VAL B 34 -57.19 -70.48 11.97
CA VAL B 34 -58.14 -69.51 12.48
C VAL B 34 -59.54 -70.11 12.44
N ASP B 35 -60.35 -69.80 13.46
CA ASP B 35 -61.71 -70.31 13.51
C ASP B 35 -62.49 -69.83 12.29
N PRO B 36 -63.39 -70.65 11.75
CA PRO B 36 -64.09 -70.25 10.52
C PRO B 36 -65.04 -69.10 10.75
N VAL B 37 -65.21 -68.30 9.70
CA VAL B 37 -66.18 -67.21 9.69
C VAL B 37 -67.39 -67.76 8.96
N ASP B 38 -68.35 -68.31 9.71
CA ASP B 38 -69.51 -68.95 9.15
C ASP B 38 -70.77 -68.17 9.52
N GLY B 39 -71.64 -67.94 8.54
CA GLY B 39 -72.86 -67.20 8.78
C GLY B 39 -73.87 -67.52 7.70
N VAL B 40 -75.00 -66.81 7.76
CA VAL B 40 -76.08 -67.01 6.81
C VAL B 40 -76.61 -65.66 6.35
N VAL B 41 -77.43 -65.69 5.32
CA VAL B 41 -78.10 -64.49 4.82
C VAL B 41 -79.54 -64.85 4.44
N LEU B 42 -80.48 -64.00 4.82
CA LEU B 42 -81.81 -64.00 4.22
C LEU B 42 -81.81 -63.02 3.06
N VAL B 43 -82.18 -63.50 1.89
CA VAL B 43 -82.16 -62.71 0.66
C VAL B 43 -83.55 -62.80 0.06
N ASP B 44 -84.43 -61.89 0.46
CA ASP B 44 -85.74 -61.82 -0.15
C ASP B 44 -85.61 -61.30 -1.58
N PRO B 45 -86.36 -61.83 -2.53
CA PRO B 45 -86.21 -61.38 -3.91
C PRO B 45 -86.76 -59.98 -4.11
N GLU B 46 -85.85 -59.01 -4.24
CA GLU B 46 -86.17 -57.62 -4.51
C GLU B 46 -85.83 -57.26 -5.95
N TYR B 47 -86.06 -58.20 -6.85
CA TYR B 47 -85.56 -58.11 -8.22
C TYR B 47 -86.33 -59.09 -9.08
N LEU B 48 -85.92 -59.18 -10.34
CA LEU B 48 -86.46 -60.18 -11.27
C LEU B 48 -85.34 -60.92 -11.96
N LYS B 49 -84.17 -60.28 -12.08
CA LYS B 49 -83.04 -60.87 -12.79
C LYS B 49 -81.77 -60.85 -11.95
N GLU B 50 -81.62 -59.83 -11.10
CA GLU B 50 -80.41 -59.65 -10.29
C GLU B 50 -80.42 -60.66 -9.14
N ARG B 51 -80.16 -61.92 -9.49
CA ARG B 51 -80.28 -63.04 -8.58
C ARG B 51 -78.97 -63.36 -7.85
N ARG B 52 -77.94 -62.55 -8.02
CA ARG B 52 -76.64 -62.82 -7.42
C ARG B 52 -76.43 -61.91 -6.21
N VAL B 53 -76.01 -62.52 -5.10
CA VAL B 53 -75.53 -61.77 -3.94
C VAL B 53 -74.18 -62.35 -3.54
N TYR B 54 -73.20 -61.49 -3.34
CA TYR B 54 -71.84 -61.90 -3.06
C TYR B 54 -71.42 -61.45 -1.67
N VAL B 55 -70.63 -62.29 -1.01
CA VAL B 55 -70.06 -61.97 0.30
C VAL B 55 -68.57 -61.81 0.15
N THR B 56 -68.05 -60.69 0.65
CA THR B 56 -66.64 -60.35 0.56
C THR B 56 -66.07 -60.14 1.95
N LEU B 57 -65.01 -60.86 2.26
CA LEU B 57 -64.24 -60.64 3.48
C LEU B 57 -62.97 -59.89 3.12
N THR B 58 -62.67 -58.82 3.85
CA THR B 58 -61.53 -57.96 3.56
C THR B 58 -60.79 -57.65 4.84
N VAL B 59 -59.50 -57.99 4.88
CA VAL B 59 -58.64 -57.69 6.03
C VAL B 59 -57.86 -56.42 5.72
N ALA B 60 -58.56 -55.29 5.80
CA ALA B 60 -57.96 -54.02 5.41
C ALA B 60 -56.92 -53.59 6.43
N PHE B 61 -55.90 -52.86 5.95
CA PHE B 61 -54.84 -52.33 6.78
C PHE B 61 -54.64 -50.87 6.38
N ARG B 62 -55.00 -49.96 7.28
CA ARG B 62 -54.87 -48.53 7.04
C ARG B 62 -53.81 -47.95 7.96
N TYR B 63 -53.09 -46.94 7.47
CA TYR B 63 -52.02 -46.35 8.25
C TYR B 63 -51.74 -44.93 7.78
N GLY B 64 -51.29 -44.10 8.71
CA GLY B 64 -50.89 -42.74 8.42
C GLY B 64 -50.39 -42.05 9.67
N ARG B 65 -49.23 -41.40 9.59
CA ARG B 65 -48.64 -40.74 10.74
C ARG B 65 -49.05 -39.27 10.76
N GLU B 66 -48.62 -38.57 11.82
CA GLU B 66 -48.91 -37.15 11.93
C GLU B 66 -48.30 -36.37 10.77
N ASP B 67 -47.00 -36.56 10.51
CA ASP B 67 -46.36 -35.88 9.41
C ASP B 67 -46.84 -36.42 8.06
N LEU B 68 -47.25 -37.69 8.01
CA LEU B 68 -47.85 -38.21 6.80
C LEU B 68 -49.16 -37.49 6.47
N ASP B 69 -49.99 -37.24 7.48
CA ASP B 69 -51.19 -36.45 7.28
C ASP B 69 -50.86 -35.01 6.93
N VAL B 70 -49.81 -34.46 7.56
CA VAL B 70 -49.40 -33.09 7.25
C VAL B 70 -49.03 -32.96 5.79
N LEU B 71 -48.25 -33.92 5.27
CA LEU B 71 -47.87 -33.90 3.87
C LEU B 71 -49.05 -34.24 2.96
N GLY B 72 -49.97 -35.09 3.45
CA GLY B 72 -51.15 -35.41 2.68
C GLY B 72 -51.11 -36.77 2.01
N LEU B 73 -50.65 -37.79 2.73
CA LEU B 73 -50.65 -39.15 2.19
C LEU B 73 -50.78 -40.14 3.33
N THR B 74 -51.66 -41.13 3.15
CA THR B 74 -51.83 -42.22 4.10
C THR B 74 -52.02 -43.51 3.32
N PHE B 75 -51.32 -44.56 3.75
CA PHE B 75 -51.33 -45.83 3.03
C PHE B 75 -52.50 -46.69 3.48
N ARG B 76 -52.93 -47.57 2.59
CA ARG B 76 -53.98 -48.55 2.92
C ARG B 76 -53.89 -49.69 1.93
N LYS B 77 -53.83 -50.92 2.44
CA LYS B 77 -53.67 -52.10 1.61
C LYS B 77 -54.71 -53.15 2.00
N ASP B 78 -55.18 -53.88 0.99
CA ASP B 78 -56.09 -55.01 1.20
C ASP B 78 -55.22 -56.25 1.34
N LEU B 79 -54.91 -56.63 2.59
CA LEU B 79 -54.06 -57.79 2.83
C LEU B 79 -54.69 -59.06 2.27
N PHE B 80 -55.98 -59.25 2.51
CA PHE B 80 -56.68 -60.44 2.05
C PHE B 80 -58.08 -60.07 1.61
N VAL B 81 -58.50 -60.59 0.47
CA VAL B 81 -59.83 -60.35 -0.07
C VAL B 81 -60.41 -61.68 -0.53
N ALA B 82 -61.62 -61.98 -0.09
CA ALA B 82 -62.30 -63.21 -0.47
C ALA B 82 -63.71 -62.88 -0.96
N ASN B 83 -64.06 -63.39 -2.13
CA ASN B 83 -65.39 -63.21 -2.71
C ASN B 83 -66.03 -64.57 -2.94
N VAL B 84 -67.24 -64.75 -2.40
CA VAL B 84 -67.99 -65.98 -2.59
C VAL B 84 -69.42 -65.64 -2.98
N GLN B 85 -69.91 -66.29 -4.04
CA GLN B 85 -71.30 -66.16 -4.47
C GLN B 85 -72.15 -67.04 -3.56
N SER B 86 -72.60 -66.46 -2.45
CA SER B 86 -73.27 -67.25 -1.42
C SER B 86 -74.63 -67.75 -1.88
N PHE B 87 -75.23 -67.10 -2.88
CA PHE B 87 -76.51 -67.56 -3.42
C PHE B 87 -76.26 -68.34 -4.70
N PRO B 88 -76.56 -69.63 -4.74
CA PRO B 88 -76.56 -70.37 -6.01
C PRO B 88 -77.91 -70.23 -6.71
N PRO B 89 -78.10 -69.19 -7.53
CA PRO B 89 -79.42 -68.87 -8.07
C PRO B 89 -79.94 -69.92 -9.04
N LYS B 94 -70.50 -76.88 -2.86
CA LYS B 94 -69.39 -76.20 -2.20
C LYS B 94 -69.83 -75.63 -0.85
N LYS B 95 -68.84 -75.46 0.04
CA LYS B 95 -69.06 -74.88 1.37
C LYS B 95 -70.09 -75.69 2.15
N PRO B 96 -69.76 -76.90 2.60
CA PRO B 96 -70.73 -77.69 3.37
C PRO B 96 -71.12 -76.99 4.65
N LEU B 97 -72.35 -77.24 5.08
CA LEU B 97 -72.94 -76.52 6.20
C LEU B 97 -72.29 -76.92 7.51
N THR B 98 -72.55 -76.11 8.54
CA THR B 98 -72.05 -76.33 9.89
C THR B 98 -73.24 -76.40 10.86
N ARG B 99 -72.93 -76.66 12.14
CA ARG B 99 -73.97 -76.80 13.15
C ARG B 99 -74.71 -75.49 13.37
N LEU B 100 -73.97 -74.40 13.59
CA LEU B 100 -74.60 -73.10 13.81
C LEU B 100 -75.36 -72.66 12.56
N GLN B 101 -74.79 -72.88 11.38
CA GLN B 101 -75.48 -72.57 10.14
C GLN B 101 -76.76 -73.38 10.01
N GLU B 102 -76.71 -74.66 10.40
CA GLU B 102 -77.91 -75.50 10.32
C GLU B 102 -78.99 -75.00 11.27
N ARG B 103 -78.62 -74.63 12.50
CA ARG B 103 -79.60 -74.09 13.44
C ARG B 103 -80.21 -72.81 12.90
N LEU B 104 -79.37 -71.92 12.36
CA LEU B 104 -79.87 -70.66 11.81
C LEU B 104 -80.81 -70.92 10.63
N ILE B 105 -80.48 -71.91 9.79
CA ILE B 105 -81.35 -72.22 8.66
C ILE B 105 -82.69 -72.76 9.14
N LYS B 106 -82.66 -73.63 10.16
CA LYS B 106 -83.91 -74.13 10.73
C LYS B 106 -84.76 -72.99 11.28
N LYS B 107 -84.12 -72.02 11.94
CA LYS B 107 -84.85 -70.82 12.37
C LYS B 107 -85.41 -70.03 11.20
N LEU B 108 -84.61 -69.84 10.15
CA LEU B 108 -84.89 -68.82 9.15
C LEU B 108 -85.91 -69.28 8.11
N GLY B 109 -85.61 -70.33 7.38
CA GLY B 109 -86.52 -70.86 6.40
C GLY B 109 -85.79 -71.27 5.15
N GLU B 110 -86.53 -71.26 4.03
CA GLU B 110 -85.96 -71.72 2.76
C GLU B 110 -84.91 -70.76 2.22
N HIS B 111 -85.17 -69.45 2.28
CA HIS B 111 -84.30 -68.48 1.63
C HIS B 111 -82.95 -68.32 2.32
N ALA B 112 -82.77 -68.90 3.51
CA ALA B 112 -81.49 -68.79 4.19
C ALA B 112 -80.38 -69.44 3.37
N TYR B 113 -79.37 -68.65 3.03
CA TYR B 113 -78.23 -69.13 2.26
C TYR B 113 -76.96 -69.02 3.10
N PRO B 114 -76.20 -70.08 3.26
CA PRO B 114 -74.99 -70.02 4.07
C PRO B 114 -73.84 -69.33 3.33
N PHE B 115 -72.84 -68.95 4.11
CA PHE B 115 -71.56 -68.49 3.59
C PHE B 115 -70.49 -68.76 4.64
N THR B 116 -69.39 -69.37 4.20
CA THR B 116 -68.32 -69.78 5.09
C THR B 116 -66.98 -69.31 4.54
N PHE B 117 -66.14 -68.78 5.43
CA PHE B 117 -64.79 -68.35 5.12
C PHE B 117 -63.84 -68.98 6.12
N GLU B 118 -62.58 -69.10 5.73
CA GLU B 118 -61.50 -69.38 6.67
C GLU B 118 -60.39 -68.36 6.44
N ILE B 119 -59.93 -67.75 7.51
CA ILE B 119 -58.83 -66.79 7.45
C ILE B 119 -57.53 -67.57 7.49
N PRO B 120 -56.69 -67.48 6.46
CA PRO B 120 -55.39 -68.18 6.49
C PRO B 120 -54.57 -67.70 7.66
N PRO B 121 -53.85 -68.61 8.33
CA PRO B 121 -53.11 -68.21 9.53
C PRO B 121 -52.01 -67.21 9.22
N ASN B 122 -51.45 -66.65 10.29
CA ASN B 122 -50.39 -65.65 10.30
C ASN B 122 -50.86 -64.30 9.77
N LEU B 123 -52.14 -64.14 9.42
CA LEU B 123 -52.66 -62.82 9.14
C LEU B 123 -52.71 -62.01 10.42
N PRO B 124 -52.44 -60.70 10.37
CA PRO B 124 -52.32 -59.93 11.61
C PRO B 124 -53.64 -59.86 12.35
N SER B 125 -53.54 -59.86 13.68
CA SER B 125 -54.73 -59.72 14.51
C SER B 125 -55.29 -58.30 14.41
N SER B 126 -56.57 -58.17 14.74
CA SER B 126 -57.26 -56.89 14.62
C SER B 126 -56.70 -55.93 15.67
N VAL B 127 -55.80 -55.05 15.23
CA VAL B 127 -55.18 -54.05 16.08
C VAL B 127 -55.36 -52.70 15.42
N THR B 128 -55.83 -51.72 16.19
CA THR B 128 -56.10 -50.38 15.69
C THR B 128 -55.19 -49.39 16.37
N LEU B 129 -54.64 -48.45 15.60
CA LEU B 129 -53.83 -47.40 16.19
C LEU B 129 -54.74 -46.32 16.76
N GLN B 130 -54.46 -45.90 17.98
CA GLN B 130 -55.31 -44.96 18.68
C GLN B 130 -55.32 -43.62 17.97
N PRO B 131 -56.47 -43.11 17.54
CA PRO B 131 -56.50 -41.81 16.87
C PRO B 131 -56.36 -40.66 17.85
N GLY B 132 -55.81 -39.56 17.36
CA GLY B 132 -55.67 -38.37 18.16
C GLY B 132 -56.94 -37.55 18.20
N PRO B 133 -56.92 -36.48 19.00
CA PRO B 133 -58.09 -35.60 19.06
C PRO B 133 -58.46 -35.00 17.72
N GLU B 134 -57.47 -34.64 16.91
CA GLU B 134 -57.74 -34.13 15.58
C GLU B 134 -58.11 -35.24 14.60
N ASP B 135 -57.59 -36.44 14.82
CA ASP B 135 -57.87 -37.56 13.91
C ASP B 135 -59.34 -37.93 13.97
N THR B 136 -60.02 -37.88 12.82
CA THR B 136 -61.44 -38.16 12.76
C THR B 136 -61.86 -39.04 11.59
N GLY B 137 -60.94 -39.45 10.73
CA GLY B 137 -61.25 -40.30 9.61
C GLY B 137 -61.37 -41.75 10.00
N LYS B 138 -61.28 -42.62 9.00
CA LYS B 138 -61.29 -44.05 9.26
C LYS B 138 -60.11 -44.44 10.14
N ALA B 139 -60.38 -45.25 11.16
CA ALA B 139 -59.37 -45.57 12.14
C ALA B 139 -58.21 -46.32 11.50
N LEU B 140 -56.99 -45.95 11.89
CA LEU B 140 -55.78 -46.56 11.36
C LEU B 140 -55.45 -47.83 12.13
N GLY B 141 -55.25 -48.92 11.41
CA GLY B 141 -54.93 -50.18 12.01
C GLY B 141 -55.32 -51.32 11.08
N VAL B 142 -55.46 -52.50 11.66
CA VAL B 142 -55.87 -53.69 10.93
C VAL B 142 -57.31 -53.99 11.29
N ASP B 143 -58.21 -53.90 10.31
CA ASP B 143 -59.64 -54.09 10.56
C ASP B 143 -60.22 -55.05 9.54
N TYR B 144 -61.07 -55.95 10.02
CA TYR B 144 -61.63 -57.02 9.20
C TYR B 144 -63.11 -56.72 8.95
N GLU B 145 -63.51 -56.71 7.69
CA GLU B 145 -64.87 -56.35 7.31
C GLU B 145 -65.50 -57.46 6.49
N VAL B 146 -66.80 -57.71 6.73
CA VAL B 146 -67.60 -58.63 5.95
C VAL B 146 -68.70 -57.82 5.28
N LYS B 147 -68.79 -57.91 3.96
CA LYS B 147 -69.74 -57.11 3.19
C LYS B 147 -70.56 -58.01 2.28
N ALA B 148 -71.78 -57.58 2.01
CA ALA B 148 -72.72 -58.30 1.15
C ALA B 148 -73.23 -57.35 0.06
N PHE B 149 -73.14 -57.79 -1.19
CA PHE B 149 -73.54 -56.99 -2.34
C PHE B 149 -74.61 -57.71 -3.14
N VAL B 150 -75.71 -57.01 -3.41
CA VAL B 150 -76.78 -57.50 -4.27
C VAL B 150 -76.64 -56.84 -5.63
N ALA B 151 -76.00 -57.56 -6.56
CA ALA B 151 -75.76 -57.06 -7.91
C ALA B 151 -75.69 -58.25 -8.85
N GLU B 152 -75.14 -58.02 -10.05
CA GLU B 152 -74.83 -59.09 -10.99
C GLU B 152 -73.36 -58.97 -11.36
N ASN B 153 -72.61 -60.04 -11.12
CA ASN B 153 -71.17 -60.08 -11.37
C ASN B 153 -70.52 -58.97 -10.55
N LEU B 154 -69.41 -58.41 -11.05
CA LEU B 154 -68.76 -57.28 -10.40
C LEU B 154 -68.66 -56.07 -11.32
N GLU B 155 -69.21 -56.14 -12.53
CA GLU B 155 -69.18 -55.00 -13.43
C GLU B 155 -69.94 -53.81 -12.87
N GLU B 156 -71.12 -54.07 -12.29
CA GLU B 156 -71.91 -53.01 -11.69
C GLU B 156 -71.18 -52.43 -10.48
N LYS B 157 -71.27 -51.11 -10.33
CA LYS B 157 -70.69 -50.46 -9.16
C LYS B 157 -71.40 -50.91 -7.90
N ILE B 158 -70.61 -51.16 -6.85
CA ILE B 158 -71.16 -51.60 -5.57
C ILE B 158 -72.04 -50.49 -5.01
N HIS B 159 -73.34 -50.74 -4.95
CA HIS B 159 -74.31 -49.73 -4.57
C HIS B 159 -74.59 -49.84 -3.07
N LYS B 160 -74.54 -48.69 -2.38
CA LYS B 160 -74.81 -48.66 -0.95
C LYS B 160 -76.24 -49.06 -0.61
N ARG B 161 -77.16 -48.94 -1.57
CA ARG B 161 -78.55 -49.29 -1.34
C ARG B 161 -78.72 -50.78 -1.02
N ASN B 162 -77.75 -51.61 -1.39
CA ASN B 162 -77.86 -53.05 -1.21
C ASN B 162 -76.81 -53.64 -0.27
N SER B 163 -75.63 -53.03 -0.18
CA SER B 163 -74.53 -53.63 0.56
C SER B 163 -74.81 -53.66 2.06
N VAL B 164 -74.20 -54.63 2.73
CA VAL B 164 -74.26 -54.78 4.17
C VAL B 164 -72.84 -54.91 4.70
N ARG B 165 -72.49 -54.13 5.71
CA ARG B 165 -71.15 -54.15 6.28
C ARG B 165 -71.20 -54.51 7.75
N LEU B 166 -70.30 -55.40 8.18
CA LEU B 166 -70.16 -55.73 9.58
C LEU B 166 -68.67 -55.85 9.89
N VAL B 167 -68.26 -55.37 11.05
CA VAL B 167 -66.85 -55.38 11.45
C VAL B 167 -66.62 -56.58 12.35
N ILE B 168 -65.71 -57.46 11.93
CA ILE B 168 -65.34 -58.63 12.71
C ILE B 168 -63.95 -58.42 13.30
N GLU B 169 -63.57 -59.33 14.20
CA GLU B 169 -62.29 -59.25 14.89
C GLU B 169 -61.59 -60.60 14.86
N LYS B 170 -60.26 -60.55 14.83
CA LYS B 170 -59.42 -61.73 14.92
C LYS B 170 -58.38 -61.46 16.01
N VAL B 171 -58.44 -62.23 17.09
CA VAL B 171 -57.64 -61.97 18.27
C VAL B 171 -56.99 -63.25 18.75
N GLN B 172 -55.98 -63.10 19.60
CA GLN B 172 -55.28 -64.20 20.23
C GLN B 172 -55.37 -64.08 21.73
N TYR B 173 -55.24 -65.22 22.41
CA TYR B 173 -55.27 -65.26 23.87
C TYR B 173 -54.06 -66.01 24.39
N ALA B 174 -53.75 -65.79 25.66
CA ALA B 174 -52.51 -66.29 26.24
C ALA B 174 -52.50 -67.82 26.23
N PRO B 175 -51.42 -68.45 25.80
CA PRO B 175 -51.35 -69.91 25.85
C PRO B 175 -51.19 -70.41 27.28
N GLU B 176 -51.60 -71.67 27.49
CA GLU B 176 -51.47 -72.29 28.80
C GLU B 176 -50.00 -72.40 29.21
N ARG B 177 -49.14 -72.74 28.27
CA ARG B 177 -47.71 -72.85 28.56
C ARG B 177 -47.13 -71.46 28.84
N PRO B 178 -46.56 -71.23 30.02
CA PRO B 178 -45.97 -69.90 30.31
C PRO B 178 -44.85 -69.54 29.36
N GLY B 179 -44.06 -70.52 28.91
CA GLY B 179 -42.89 -70.25 28.11
C GLY B 179 -41.71 -69.91 28.99
N PRO B 180 -40.55 -69.66 28.38
CA PRO B 180 -39.37 -69.30 29.17
C PRO B 180 -39.55 -67.95 29.84
N GLN B 181 -39.23 -67.89 31.12
CA GLN B 181 -39.37 -66.65 31.86
C GLN B 181 -38.31 -65.64 31.39
N PRO B 182 -38.70 -64.44 31.01
CA PRO B 182 -37.71 -63.46 30.55
C PRO B 182 -36.73 -63.12 31.66
N THR B 183 -35.46 -62.94 31.28
CA THR B 183 -34.39 -62.60 32.20
C THR B 183 -33.17 -62.19 31.40
N ALA B 184 -32.50 -61.11 31.81
CA ALA B 184 -31.35 -60.64 31.06
C ALA B 184 -30.42 -59.88 31.99
N GLU B 185 -29.12 -60.11 31.81
CA GLU B 185 -28.08 -59.42 32.56
C GLU B 185 -27.00 -58.93 31.60
N THR B 186 -26.49 -57.73 31.87
CA THR B 186 -25.45 -57.12 31.06
C THR B 186 -24.40 -56.53 31.99
N THR B 187 -23.14 -56.78 31.67
CA THR B 187 -22.01 -56.20 32.39
C THR B 187 -21.26 -55.30 31.43
N ARG B 188 -21.09 -54.03 31.81
CA ARG B 188 -20.38 -53.06 30.99
C ARG B 188 -19.04 -52.74 31.63
N GLN B 189 -18.00 -52.66 30.81
CA GLN B 189 -16.66 -52.30 31.25
C GLN B 189 -16.41 -50.83 30.92
N PHE B 190 -16.10 -50.04 31.94
CA PHE B 190 -15.93 -48.61 31.74
C PHE B 190 -14.56 -48.30 31.14
N LEU B 191 -14.43 -47.05 30.66
CA LEU B 191 -13.20 -46.59 30.02
C LEU B 191 -12.00 -46.62 30.97
N MET B 192 -12.24 -46.60 32.29
CA MET B 192 -11.14 -46.69 33.24
C MET B 192 -10.59 -48.10 33.27
N SER B 193 -9.58 -48.38 32.47
CA SER B 193 -9.00 -49.73 32.30
C SER B 193 -10.16 -50.65 31.86
N ASP B 194 -10.26 -51.84 32.43
CA ASP B 194 -11.40 -52.73 32.20
C ASP B 194 -12.05 -52.98 33.56
N LYS B 195 -12.94 -52.07 33.95
CA LYS B 195 -13.64 -52.18 35.22
C LYS B 195 -15.10 -52.52 34.96
N PRO B 196 -15.58 -53.67 35.44
CA PRO B 196 -16.93 -54.12 35.10
C PRO B 196 -18.00 -53.47 35.98
N LEU B 197 -19.24 -53.63 35.52
CA LEU B 197 -20.42 -53.25 36.30
C LEU B 197 -21.57 -54.09 35.79
N HIS B 198 -22.18 -54.88 36.67
CA HIS B 198 -23.18 -55.88 36.31
C HIS B 198 -24.57 -55.39 36.68
N LEU B 199 -25.51 -55.56 35.75
CA LEU B 199 -26.93 -55.33 35.98
C LEU B 199 -27.69 -56.58 35.56
N GLU B 200 -28.69 -56.96 36.34
CA GLU B 200 -29.50 -58.13 36.01
C GLU B 200 -30.96 -57.84 36.33
N ALA B 201 -31.85 -58.30 35.46
CA ALA B 201 -33.28 -58.12 35.63
C ALA B 201 -34.00 -59.39 35.24
N SER B 202 -35.11 -59.65 35.93
CA SER B 202 -35.91 -60.84 35.71
C SER B 202 -37.39 -60.51 35.87
N LEU B 203 -38.23 -61.26 35.18
CA LEU B 203 -39.67 -61.10 35.20
C LEU B 203 -40.32 -62.30 35.90
N ASP B 204 -41.62 -62.15 36.21
CA ASP B 204 -42.33 -63.22 36.90
C ASP B 204 -42.66 -64.37 35.96
N LYS B 205 -43.08 -64.06 34.74
CA LYS B 205 -43.31 -65.05 33.69
C LYS B 205 -43.24 -64.33 32.35
N GLU B 206 -43.65 -65.02 31.28
CA GLU B 206 -43.50 -64.46 29.94
C GLU B 206 -44.78 -63.82 29.42
N ILE B 207 -45.94 -64.38 29.75
CA ILE B 207 -47.23 -63.85 29.33
C ILE B 207 -47.87 -63.15 30.51
N TYR B 208 -48.23 -61.89 30.32
CA TYR B 208 -48.90 -61.09 31.34
C TYR B 208 -50.29 -60.68 30.86
N TYR B 209 -51.27 -60.93 31.72
CA TYR B 209 -52.63 -60.49 31.42
C TYR B 209 -52.74 -58.98 31.66
N HIS B 210 -53.57 -58.33 30.85
CA HIS B 210 -53.65 -56.88 30.86
C HIS B 210 -54.01 -56.36 32.24
N GLY B 211 -53.23 -55.40 32.72
CA GLY B 211 -53.45 -54.80 34.02
C GLY B 211 -52.72 -55.48 35.17
N GLU B 212 -52.25 -56.70 34.97
CA GLU B 212 -51.56 -57.41 36.04
C GLU B 212 -50.22 -56.73 36.36
N PRO B 213 -49.81 -56.76 37.62
CA PRO B 213 -48.53 -56.12 37.98
C PRO B 213 -47.34 -56.86 37.41
N ILE B 214 -46.28 -56.10 37.12
CA ILE B 214 -45.03 -56.63 36.63
C ILE B 214 -43.98 -56.37 37.72
N SER B 215 -43.48 -57.43 38.35
CA SER B 215 -42.51 -57.30 39.43
C SER B 215 -41.12 -57.58 38.88
N VAL B 216 -40.55 -56.58 38.22
CA VAL B 216 -39.22 -56.71 37.63
C VAL B 216 -38.20 -56.74 38.77
N ASN B 217 -37.55 -57.89 38.96
CA ASN B 217 -36.49 -57.98 39.95
C ASN B 217 -35.19 -57.49 39.33
N VAL B 218 -34.58 -56.47 39.95
CA VAL B 218 -33.39 -55.83 39.44
C VAL B 218 -32.31 -55.89 40.51
N HIS B 219 -31.12 -56.34 40.13
CA HIS B 219 -29.96 -56.39 41.01
C HIS B 219 -28.74 -55.85 40.28
N VAL B 220 -28.01 -54.96 40.93
CA VAL B 220 -26.85 -54.29 40.35
C VAL B 220 -25.65 -54.53 41.25
N THR B 221 -24.56 -55.00 40.66
CA THR B 221 -23.27 -55.17 41.35
C THR B 221 -22.27 -54.28 40.63
N ASN B 222 -21.93 -53.15 41.24
CA ASN B 222 -21.02 -52.18 40.64
C ASN B 222 -19.61 -52.50 41.08
N ASN B 223 -18.77 -52.93 40.14
CA ASN B 223 -17.35 -53.15 40.42
C ASN B 223 -16.52 -51.93 40.04
N THR B 224 -16.94 -50.75 40.51
CA THR B 224 -16.29 -49.49 40.15
C THR B 224 -16.31 -48.55 41.35
N ASN B 225 -15.70 -47.38 41.18
CA ASN B 225 -15.71 -46.33 42.19
C ASN B 225 -16.82 -45.32 41.99
N LYS B 226 -17.64 -45.48 40.95
CA LYS B 226 -18.71 -44.53 40.65
C LYS B 226 -19.96 -44.86 41.47
N THR B 227 -21.04 -44.12 41.21
CA THR B 227 -22.31 -44.31 41.90
C THR B 227 -23.44 -44.26 40.88
N VAL B 228 -24.44 -45.12 41.08
CA VAL B 228 -25.62 -45.11 40.24
C VAL B 228 -26.51 -43.94 40.65
N LYS B 229 -26.81 -43.06 39.69
CA LYS B 229 -27.57 -41.85 40.00
C LYS B 229 -29.05 -42.17 40.16
N LYS B 230 -29.67 -42.72 39.10
CA LYS B 230 -31.08 -43.07 39.13
C LYS B 230 -31.30 -44.30 38.25
N ILE B 231 -32.43 -44.95 38.48
CA ILE B 231 -32.80 -46.16 37.74
C ILE B 231 -34.14 -45.89 37.06
N LYS B 232 -34.12 -45.82 35.72
CA LYS B 232 -35.33 -45.61 34.93
C LYS B 232 -35.80 -46.97 34.44
N ILE B 233 -36.84 -47.50 35.06
CA ILE B 233 -37.40 -48.80 34.67
C ILE B 233 -38.73 -48.54 34.00
N SER B 234 -38.84 -48.92 32.73
CA SER B 234 -40.01 -48.58 31.92
C SER B 234 -40.47 -49.81 31.15
N VAL B 235 -41.69 -49.72 30.64
CA VAL B 235 -42.26 -50.79 29.83
C VAL B 235 -42.47 -50.26 28.42
N ARG B 236 -41.49 -50.47 27.55
CA ARG B 236 -41.57 -49.95 26.19
C ARG B 236 -42.42 -50.89 25.35
N GLN B 237 -43.16 -50.31 24.41
CA GLN B 237 -44.00 -51.07 23.49
C GLN B 237 -43.56 -50.78 22.06
N TYR B 238 -43.26 -51.83 21.31
CA TYR B 238 -42.80 -51.72 19.94
C TYR B 238 -43.89 -52.24 19.01
N ALA B 239 -44.35 -51.38 18.11
CA ALA B 239 -45.38 -51.74 17.14
C ALA B 239 -44.76 -51.69 15.75
N ASP B 240 -44.13 -52.80 15.36
CA ASP B 240 -43.56 -52.88 14.02
C ASP B 240 -44.65 -52.88 12.97
N ILE B 241 -44.36 -52.25 11.84
CA ILE B 241 -45.26 -52.19 10.70
C ILE B 241 -44.53 -52.79 9.51
N VAL B 242 -45.19 -53.71 8.82
CA VAL B 242 -44.55 -54.54 7.81
C VAL B 242 -44.98 -54.18 6.39
N LEU B 243 -45.34 -52.92 6.16
CA LEU B 243 -45.72 -52.47 4.82
C LEU B 243 -45.18 -51.07 4.59
N PHE B 244 -44.75 -50.82 3.35
CA PHE B 244 -44.25 -49.52 2.91
C PHE B 244 -43.03 -49.06 3.70
N ASN B 245 -42.30 -50.01 4.29
CA ASN B 245 -41.00 -49.76 4.92
C ASN B 245 -41.10 -48.67 5.99
N THR B 246 -42.16 -48.72 6.77
CA THR B 246 -42.37 -47.75 7.83
C THR B 246 -41.57 -48.12 9.07
N ALA B 247 -41.14 -47.11 9.81
CA ALA B 247 -40.29 -47.31 10.97
C ALA B 247 -41.04 -48.05 12.08
N GLN B 248 -40.29 -48.44 13.11
CA GLN B 248 -40.83 -49.18 14.25
C GLN B 248 -41.33 -48.19 15.29
N TYR B 249 -42.64 -48.10 15.45
CA TYR B 249 -43.23 -47.18 16.42
C TYR B 249 -42.91 -47.66 17.83
N LYS B 250 -42.00 -46.96 18.51
CA LYS B 250 -41.62 -47.28 19.88
C LYS B 250 -42.28 -46.28 20.81
N VAL B 251 -42.83 -46.78 21.92
CA VAL B 251 -43.56 -45.90 22.82
C VAL B 251 -43.60 -46.48 24.24
N PRO B 252 -43.10 -45.75 25.24
CA PRO B 252 -43.15 -46.22 26.62
C PRO B 252 -44.55 -46.07 27.20
N VAL B 253 -45.14 -47.18 27.65
CA VAL B 253 -46.49 -47.17 28.18
C VAL B 253 -46.54 -47.26 29.69
N ALA B 254 -45.40 -47.46 30.35
CA ALA B 254 -45.34 -47.40 31.80
C ALA B 254 -43.92 -47.00 32.18
N MET B 255 -43.78 -46.41 33.36
CA MET B 255 -42.48 -45.85 33.73
C MET B 255 -42.35 -45.76 35.24
N GLU B 256 -41.10 -45.72 35.69
CA GLU B 256 -40.77 -45.36 37.06
C GLU B 256 -39.31 -44.92 37.07
N GLU B 257 -39.07 -43.66 37.37
CA GLU B 257 -37.71 -43.13 37.49
C GLU B 257 -37.28 -43.17 38.95
N ALA B 258 -37.09 -44.40 39.45
CA ALA B 258 -36.78 -44.61 40.85
C ALA B 258 -35.29 -44.36 41.05
N ASP B 259 -34.95 -43.33 41.82
CA ASP B 259 -33.57 -42.93 42.02
C ASP B 259 -33.02 -43.61 43.28
N ASP B 260 -31.84 -44.22 43.15
CA ASP B 260 -31.20 -44.88 44.28
C ASP B 260 -29.70 -44.79 44.08
N THR B 261 -29.00 -44.26 45.07
CA THR B 261 -27.54 -44.18 45.06
C THR B 261 -26.97 -45.36 45.83
N VAL B 262 -26.06 -46.09 45.19
CA VAL B 262 -25.50 -47.31 45.75
C VAL B 262 -24.01 -47.12 45.95
N ALA B 263 -23.48 -47.73 47.01
CA ALA B 263 -22.07 -47.57 47.35
C ALA B 263 -21.20 -48.08 46.20
N PRO B 264 -20.07 -47.42 45.92
CA PRO B 264 -19.19 -47.89 44.85
C PRO B 264 -18.68 -49.30 45.13
N SER B 265 -18.58 -50.09 44.07
CA SER B 265 -18.12 -51.47 44.12
C SER B 265 -18.88 -52.26 45.18
N SER B 266 -20.21 -52.27 45.03
CA SER B 266 -21.08 -52.94 45.99
C SER B 266 -22.29 -53.50 45.26
N THR B 267 -23.10 -54.25 45.99
CA THR B 267 -24.27 -54.93 45.44
C THR B 267 -25.55 -54.35 46.01
N PHE B 268 -26.62 -54.45 45.22
CA PHE B 268 -27.92 -53.91 45.62
C PHE B 268 -29.00 -54.61 44.80
N SER B 269 -29.89 -55.33 45.48
CA SER B 269 -30.94 -56.09 44.80
C SER B 269 -32.30 -55.73 45.39
N LYS B 270 -33.30 -55.62 44.51
CA LYS B 270 -34.67 -55.34 44.94
C LYS B 270 -35.60 -55.64 43.78
N VAL B 271 -36.88 -55.29 43.95
CA VAL B 271 -37.90 -55.50 42.93
C VAL B 271 -38.67 -54.20 42.72
N TYR B 272 -38.92 -53.84 41.47
CA TYR B 272 -39.68 -52.67 41.10
C TYR B 272 -40.91 -53.10 40.31
N THR B 273 -42.06 -52.51 40.64
CA THR B 273 -43.34 -52.92 40.08
C THR B 273 -43.81 -51.90 39.05
N LEU B 274 -44.21 -52.38 37.88
CA LEU B 274 -44.75 -51.56 36.80
C LEU B 274 -46.00 -52.22 36.25
N THR B 275 -47.02 -51.41 35.98
CA THR B 275 -48.27 -51.91 35.41
C THR B 275 -48.67 -51.08 34.20
N PRO B 276 -48.77 -51.66 33.02
CA PRO B 276 -49.29 -50.91 31.87
C PRO B 276 -50.79 -50.73 31.98
N PHE B 277 -51.25 -49.52 31.66
CA PHE B 277 -52.69 -49.25 31.66
C PHE B 277 -52.96 -48.01 30.83
N LEU B 278 -54.16 -47.99 30.23
CA LEU B 278 -54.54 -46.95 29.29
C LEU B 278 -54.92 -45.63 29.96
N ALA B 279 -55.15 -45.62 31.27
CA ALA B 279 -55.59 -44.40 31.93
C ALA B 279 -54.54 -43.31 31.85
N ASN B 280 -53.29 -43.63 32.20
CA ASN B 280 -52.21 -42.66 32.22
C ASN B 280 -51.64 -42.38 30.85
N ASN B 281 -52.00 -43.16 29.83
CA ASN B 281 -51.33 -43.12 28.54
C ASN B 281 -52.34 -43.05 27.41
N ARG B 282 -53.35 -42.21 27.56
CA ARG B 282 -54.42 -42.09 26.59
C ARG B 282 -54.16 -41.02 25.53
N GLU B 283 -52.98 -40.38 25.56
CA GLU B 283 -52.69 -39.27 24.67
C GLU B 283 -51.73 -39.62 23.55
N LYS B 284 -50.93 -40.67 23.71
CA LYS B 284 -49.84 -40.98 22.78
C LYS B 284 -50.42 -41.53 21.49
N ARG B 285 -50.72 -40.63 20.56
CA ARG B 285 -51.33 -41.00 19.30
C ARG B 285 -50.43 -41.94 18.52
N GLY B 286 -51.07 -42.87 17.78
CA GLY B 286 -50.36 -43.91 17.08
C GLY B 286 -50.13 -45.16 17.90
N LEU B 287 -50.48 -45.15 19.18
CA LEU B 287 -50.35 -46.32 20.02
C LEU B 287 -51.22 -47.45 19.49
N ALA B 288 -50.72 -48.68 19.62
CA ALA B 288 -51.43 -49.85 19.17
C ALA B 288 -52.35 -50.37 20.27
N LEU B 289 -53.64 -50.47 19.96
CA LEU B 289 -54.64 -50.96 20.89
C LEU B 289 -55.39 -52.11 20.22
N ASP B 290 -56.02 -52.95 21.05
CA ASP B 290 -56.78 -54.06 20.50
C ASP B 290 -57.93 -53.54 19.63
N GLY B 291 -58.49 -54.44 18.84
CA GLY B 291 -59.50 -54.07 17.86
C GLY B 291 -60.69 -53.34 18.41
N LYS B 292 -60.98 -52.17 17.85
CA LYS B 292 -62.15 -51.38 18.21
C LYS B 292 -63.22 -51.57 17.15
N LEU B 293 -64.43 -51.92 17.58
CA LEU B 293 -65.52 -52.14 16.63
C LEU B 293 -65.96 -50.81 16.02
N LYS B 294 -66.49 -49.91 16.85
CA LYS B 294 -66.81 -48.54 16.42
C LYS B 294 -66.36 -47.59 17.53
N HIS B 295 -65.09 -47.20 17.48
CA HIS B 295 -64.51 -46.19 18.39
C HIS B 295 -64.76 -46.51 19.87
N GLU B 296 -65.04 -47.77 20.20
CA GLU B 296 -65.25 -48.14 21.58
C GLU B 296 -63.92 -48.17 22.34
N ASP B 297 -64.01 -48.05 23.66
CA ASP B 297 -62.82 -48.18 24.50
C ASP B 297 -62.31 -49.61 24.45
N THR B 298 -61.01 -49.76 24.20
CA THR B 298 -60.36 -51.06 24.19
C THR B 298 -59.04 -50.96 24.94
N ASN B 299 -58.51 -52.11 25.33
CA ASN B 299 -57.25 -52.17 26.06
C ASN B 299 -56.10 -51.91 25.10
N LEU B 300 -54.87 -52.08 25.60
CA LEU B 300 -53.71 -52.00 24.73
C LEU B 300 -53.75 -53.13 23.72
N ALA B 301 -52.81 -53.10 22.77
CA ALA B 301 -52.76 -54.14 21.76
C ALA B 301 -52.39 -55.47 22.40
N SER B 302 -53.03 -56.54 21.95
CA SER B 302 -52.69 -57.88 22.40
C SER B 302 -51.45 -58.33 21.65
N SER B 303 -50.38 -58.62 22.39
CA SER B 303 -49.08 -58.91 21.79
C SER B 303 -49.15 -60.13 20.87
N THR B 304 -49.07 -59.90 19.57
CA THR B 304 -49.15 -60.99 18.61
C THR B 304 -47.96 -61.92 18.75
N LEU B 305 -48.20 -63.21 18.49
CA LEU B 305 -47.17 -64.23 18.54
C LEU B 305 -47.17 -64.98 17.22
N LEU B 306 -46.05 -64.94 16.51
CA LEU B 306 -45.91 -65.63 15.23
C LEU B 306 -45.25 -67.00 15.45
N ARG B 307 -45.96 -67.86 16.19
CA ARG B 307 -45.43 -69.18 16.50
C ARG B 307 -45.33 -70.08 15.26
N GLU B 308 -45.99 -69.71 14.17
CA GLU B 308 -45.93 -70.50 12.95
C GLU B 308 -44.68 -70.14 12.14
N GLY B 309 -44.44 -70.92 11.10
CA GLY B 309 -43.29 -70.71 10.24
C GLY B 309 -43.67 -70.52 8.78
N ARG B 312 -42.50 -67.04 10.83
CA ARG B 312 -43.41 -67.03 9.68
C ARG B 312 -43.09 -65.86 8.76
N GLU B 313 -44.14 -65.28 8.18
CA GLU B 313 -44.02 -64.15 7.28
C GLU B 313 -44.47 -62.88 8.00
N ILE B 314 -43.63 -61.85 7.97
CA ILE B 314 -43.93 -60.60 8.65
C ILE B 314 -45.02 -59.87 7.86
N LEU B 315 -46.16 -59.66 8.49
CA LEU B 315 -47.29 -58.99 7.85
C LEU B 315 -48.06 -58.18 8.88
N GLY B 316 -48.74 -57.14 8.39
CA GLY B 316 -49.58 -56.32 9.24
C GLY B 316 -48.80 -55.61 10.32
N ILE B 317 -49.45 -55.40 11.46
CA ILE B 317 -48.87 -54.72 12.60
C ILE B 317 -48.48 -55.77 13.63
N ILE B 318 -47.19 -55.85 13.91
CA ILE B 318 -46.65 -56.80 14.88
C ILE B 318 -46.35 -56.03 16.15
N VAL B 319 -47.13 -56.26 17.20
CA VAL B 319 -46.99 -55.54 18.45
C VAL B 319 -46.27 -56.43 19.45
N SER B 320 -45.38 -55.83 20.25
CA SER B 320 -44.67 -56.56 21.29
C SER B 320 -44.32 -55.58 22.40
N TYR B 321 -44.01 -56.13 23.57
CA TYR B 321 -43.74 -55.33 24.75
C TYR B 321 -42.47 -55.83 25.41
N LYS B 322 -41.64 -54.90 25.86
CA LYS B 322 -40.36 -55.24 26.49
C LYS B 322 -40.09 -54.28 27.63
N VAL B 323 -39.71 -54.83 28.78
CA VAL B 323 -39.33 -54.01 29.93
C VAL B 323 -37.88 -53.56 29.76
N LYS B 324 -37.67 -52.26 29.66
CA LYS B 324 -36.34 -51.69 29.49
C LYS B 324 -35.91 -51.04 30.80
N VAL B 325 -34.77 -51.48 31.33
CA VAL B 325 -34.20 -50.94 32.55
C VAL B 325 -32.93 -50.19 32.19
N LYS B 326 -32.84 -48.93 32.60
CA LYS B 326 -31.71 -48.08 32.28
C LYS B 326 -31.10 -47.52 33.55
N LEU B 327 -29.78 -47.52 33.62
CA LEU B 327 -29.03 -46.95 34.73
C LEU B 327 -28.22 -45.77 34.20
N VAL B 328 -28.28 -44.65 34.92
CA VAL B 328 -27.59 -43.44 34.48
C VAL B 328 -26.16 -43.47 35.02
N VAL B 329 -25.20 -43.23 34.13
CA VAL B 329 -23.78 -43.24 34.48
C VAL B 329 -23.38 -44.57 35.11
N SER B 341 -22.47 -43.18 31.29
CA SER B 341 -23.58 -42.84 30.40
C SER B 341 -24.87 -43.53 30.86
N ASP B 342 -25.14 -44.72 30.30
CA ASP B 342 -26.33 -45.46 30.67
C ASP B 342 -26.12 -46.92 30.33
N VAL B 343 -26.45 -47.79 31.28
CA VAL B 343 -26.46 -49.24 31.06
C VAL B 343 -27.91 -49.65 30.88
N ALA B 344 -28.24 -50.16 29.70
CA ALA B 344 -29.61 -50.48 29.34
C ALA B 344 -29.75 -51.98 29.08
N VAL B 345 -30.85 -52.54 29.58
CA VAL B 345 -31.15 -53.96 29.41
C VAL B 345 -32.62 -54.10 29.03
N GLU B 346 -32.89 -54.92 28.01
CA GLU B 346 -34.22 -55.12 27.49
C GLU B 346 -34.68 -56.55 27.76
N LEU B 347 -35.83 -56.70 28.41
CA LEU B 347 -36.43 -58.00 28.69
C LEU B 347 -37.73 -58.10 27.91
N PRO B 348 -37.74 -58.76 26.75
CA PRO B 348 -39.00 -58.90 26.01
C PRO B 348 -39.97 -59.81 26.75
N PHE B 349 -41.26 -59.58 26.51
CA PHE B 349 -42.32 -60.43 27.03
C PHE B 349 -43.55 -60.22 26.15
N THR B 350 -44.69 -60.75 26.59
CA THR B 350 -45.92 -60.66 25.81
C THR B 350 -47.07 -60.28 26.72
N LEU B 351 -47.87 -59.30 26.29
CA LEU B 351 -49.05 -58.84 27.00
C LEU B 351 -50.28 -59.31 26.23
N MET B 352 -51.08 -60.16 26.86
CA MET B 352 -52.25 -60.70 26.18
C MET B 352 -53.29 -61.12 27.20
N HIS B 353 -54.54 -61.14 26.78
CA HIS B 353 -55.63 -61.60 27.62
C HIS B 353 -55.51 -63.10 27.88
N PRO B 354 -56.06 -63.58 29.01
CA PRO B 354 -56.23 -65.03 29.17
C PRO B 354 -57.33 -65.54 28.26
N LYS B 355 -57.64 -66.83 28.33
CA LYS B 355 -58.71 -67.36 27.50
C LYS B 355 -60.05 -67.01 28.13
N PRO B 356 -60.88 -66.20 27.49
CA PRO B 356 -62.17 -65.84 28.08
C PRO B 356 -63.14 -67.03 28.05
N LYS B 357 -64.09 -66.99 28.98
CA LYS B 357 -65.04 -68.09 29.11
C LYS B 357 -66.06 -68.08 27.98
N GLU B 358 -66.88 -67.04 27.90
CA GLU B 358 -67.89 -66.93 26.85
C GLU B 358 -67.41 -66.09 25.66
N GLU B 359 -67.16 -64.80 25.88
CA GLU B 359 -66.71 -63.87 24.85
C GLU B 359 -66.49 -62.49 25.45
N PRO B 360 -65.63 -61.66 24.86
CA PRO B 360 -65.58 -60.26 25.27
C PRO B 360 -66.85 -59.54 24.83
N PRO B 361 -67.32 -58.56 25.61
CA PRO B 361 -68.53 -57.82 25.21
C PRO B 361 -68.33 -56.94 23.99
N HIS B 362 -67.09 -56.71 23.57
CA HIS B 362 -66.76 -55.85 22.42
C HIS B 362 -67.19 -54.41 22.63
N ARG B 363 -67.30 -53.99 23.89
CA ARG B 363 -67.69 -52.63 24.27
C ARG B 363 -67.41 -52.49 25.75
N GLU B 364 -67.53 -51.26 26.25
CA GLU B 364 -67.51 -51.05 27.69
C GLU B 364 -68.67 -51.80 28.31
N VAL B 365 -68.37 -52.63 29.31
CA VAL B 365 -69.38 -53.55 29.83
C VAL B 365 -70.60 -52.80 30.38
N PRO B 366 -70.44 -51.77 31.20
CA PRO B 366 -71.55 -50.82 31.37
C PRO B 366 -71.53 -49.80 30.24
N GLU B 367 -72.63 -49.71 29.50
CA GLU B 367 -72.63 -49.00 28.23
C GLU B 367 -72.29 -47.52 28.40
N ASN B 368 -73.13 -46.80 29.12
CA ASN B 368 -72.96 -45.35 29.26
C ASN B 368 -71.81 -45.01 30.21
N ASP C 2 -82.70 -44.07 33.28
CA ASP C 2 -82.19 -45.39 33.62
C ASP C 2 -83.16 -46.49 33.21
N ILE C 3 -82.85 -47.72 33.59
CA ILE C 3 -83.67 -48.88 33.29
C ILE C 3 -84.08 -49.54 34.59
N GLN C 4 -85.37 -49.84 34.73
CA GLN C 4 -85.92 -50.41 35.94
C GLN C 4 -86.05 -51.92 35.81
N MET C 5 -85.95 -52.62 36.94
CA MET C 5 -85.99 -54.07 36.99
C MET C 5 -87.18 -54.50 37.85
N THR C 6 -88.30 -54.82 37.21
CA THR C 6 -89.45 -55.36 37.91
C THR C 6 -89.18 -56.83 38.24
N GLN C 7 -89.29 -57.18 39.52
CA GLN C 7 -88.97 -58.52 40.01
C GLN C 7 -90.22 -59.15 40.61
N SER C 8 -91.02 -59.80 39.76
CA SER C 8 -92.24 -60.46 40.18
C SER C 8 -92.05 -61.96 40.18
N PRO C 9 -92.36 -62.66 41.29
CA PRO C 9 -92.85 -62.08 42.53
C PRO C 9 -91.74 -61.46 43.38
N SER C 10 -92.13 -60.57 44.30
CA SER C 10 -91.19 -59.94 45.21
C SER C 10 -91.12 -60.62 46.57
N SER C 11 -91.85 -61.72 46.76
CA SER C 11 -91.82 -62.45 48.02
C SER C 11 -92.28 -63.87 47.74
N LEU C 12 -91.36 -64.83 47.86
CA LEU C 12 -91.66 -66.24 47.61
C LEU C 12 -91.12 -67.06 48.77
N SER C 13 -92.03 -67.61 49.58
CA SER C 13 -91.67 -68.47 50.70
C SER C 13 -92.34 -69.83 50.50
N ALA C 14 -91.57 -70.89 50.73
CA ALA C 14 -92.07 -72.24 50.52
C ALA C 14 -91.18 -73.21 51.27
N SER C 15 -91.59 -74.48 51.27
CA SER C 15 -90.84 -75.54 51.95
C SER C 15 -89.71 -76.03 51.04
N VAL C 16 -89.05 -77.10 51.45
CA VAL C 16 -87.91 -77.60 50.71
C VAL C 16 -88.37 -78.41 49.50
N GLY C 17 -87.49 -78.53 48.51
CA GLY C 17 -87.73 -79.35 47.35
C GLY C 17 -88.49 -78.68 46.22
N ASP C 18 -88.96 -77.45 46.40
CA ASP C 18 -89.73 -76.78 45.37
C ASP C 18 -88.81 -76.12 44.35
N ARG C 19 -89.26 -76.14 43.09
CA ARG C 19 -88.54 -75.49 41.99
C ARG C 19 -88.99 -74.04 41.91
N VAL C 20 -88.52 -73.24 42.86
CA VAL C 20 -88.94 -71.84 42.94
C VAL C 20 -88.38 -71.07 41.76
N THR C 21 -89.25 -70.32 41.08
CA THR C 21 -88.86 -69.52 39.93
C THR C 21 -89.13 -68.05 40.23
N ILE C 22 -88.10 -67.22 40.04
CA ILE C 22 -88.19 -65.78 40.25
C ILE C 22 -87.94 -65.10 38.92
N THR C 23 -88.90 -64.30 38.47
CA THR C 23 -88.77 -63.57 37.23
C THR C 23 -88.21 -62.18 37.49
N CYS C 24 -87.79 -61.52 36.41
CA CYS C 24 -87.18 -60.19 36.50
C CYS C 24 -87.30 -59.52 35.15
N ARG C 25 -88.08 -58.45 35.08
CA ARG C 25 -88.40 -57.77 33.83
C ARG C 25 -87.66 -56.44 33.76
N ALA C 26 -87.15 -56.11 32.59
CA ALA C 26 -86.39 -54.89 32.37
C ALA C 26 -87.21 -53.91 31.55
N SER C 27 -87.17 -52.63 31.94
CA SER C 27 -87.91 -51.61 31.21
C SER C 27 -87.39 -51.48 29.78
N GLN C 28 -86.08 -51.53 29.60
CA GLN C 28 -85.46 -51.48 28.29
C GLN C 28 -84.63 -52.74 28.06
N SER C 29 -84.35 -53.03 26.79
CA SER C 29 -83.59 -54.23 26.45
C SER C 29 -82.17 -54.14 27.00
N VAL C 30 -81.72 -55.23 27.61
CA VAL C 30 -80.38 -55.32 28.17
C VAL C 30 -79.54 -56.42 27.54
N SER C 31 -80.13 -57.28 26.71
CA SER C 31 -79.40 -58.24 25.87
C SER C 31 -78.50 -59.15 26.71
N SER C 32 -79.14 -59.93 27.57
CA SER C 32 -78.47 -61.02 28.31
C SER C 32 -77.32 -60.52 29.16
N ALA C 33 -77.50 -59.38 29.82
CA ALA C 33 -76.52 -58.83 30.76
C ALA C 33 -77.22 -58.68 32.11
N VAL C 34 -77.28 -59.78 32.86
CA VAL C 34 -78.02 -59.85 34.12
C VAL C 34 -77.22 -60.68 35.11
N ALA C 35 -77.26 -60.28 36.37
CA ALA C 35 -76.64 -61.03 37.46
C ALA C 35 -77.61 -61.15 38.62
N TRP C 36 -77.51 -62.27 39.34
CA TRP C 36 -78.35 -62.56 40.49
C TRP C 36 -77.48 -62.87 41.69
N TYR C 37 -77.85 -62.31 42.83
CA TYR C 37 -77.12 -62.51 44.09
C TYR C 37 -78.01 -63.21 45.10
N GLN C 38 -77.46 -63.41 46.30
CA GLN C 38 -78.20 -63.89 47.45
C GLN C 38 -77.44 -63.49 48.70
N GLN C 39 -78.16 -62.97 49.69
CA GLN C 39 -77.52 -62.53 50.92
C GLN C 39 -78.34 -62.97 52.12
N LYS C 40 -77.64 -63.19 53.23
CA LYS C 40 -78.23 -63.62 54.49
C LYS C 40 -78.15 -62.49 55.51
N PRO C 41 -78.99 -62.52 56.54
CA PRO C 41 -78.96 -61.46 57.56
C PRO C 41 -77.57 -61.31 58.17
N GLY C 42 -77.04 -60.10 58.10
CA GLY C 42 -75.71 -59.82 58.59
C GLY C 42 -74.57 -60.33 57.74
N LYS C 43 -74.83 -60.63 56.46
CA LYS C 43 -73.81 -61.16 55.57
C LYS C 43 -73.88 -60.44 54.22
N ALA C 44 -72.71 -60.25 53.62
CA ALA C 44 -72.64 -59.67 52.29
C ALA C 44 -73.12 -60.68 51.24
N PRO C 45 -73.66 -60.21 50.13
CA PRO C 45 -74.16 -61.13 49.10
C PRO C 45 -73.02 -61.89 48.41
N LYS C 46 -73.41 -62.97 47.76
CA LYS C 46 -72.50 -63.76 46.93
C LYS C 46 -73.17 -64.03 45.60
N LEU C 47 -72.43 -63.78 44.51
CA LEU C 47 -73.01 -63.93 43.18
C LEU C 47 -73.33 -65.38 42.89
N LEU C 48 -74.46 -65.59 42.19
CA LEU C 48 -74.88 -66.93 41.80
C LEU C 48 -74.87 -67.11 40.28
N ILE C 49 -75.52 -66.20 39.55
CA ILE C 49 -75.62 -66.27 38.10
C ILE C 49 -75.13 -64.95 37.53
N TYR C 50 -74.32 -65.02 36.48
CA TYR C 50 -73.91 -63.83 35.75
C TYR C 50 -74.05 -64.09 34.26
N SER C 51 -74.30 -63.01 33.52
CA SER C 51 -74.34 -63.04 32.05
C SER C 51 -75.33 -64.07 31.51
N ALA C 52 -76.54 -64.06 32.08
CA ALA C 52 -77.67 -64.81 31.53
C ALA C 52 -77.38 -66.32 31.48
N SER C 53 -77.33 -66.89 32.67
CA SER C 53 -77.24 -68.34 32.92
C SER C 53 -75.83 -68.90 32.76
N SER C 54 -74.80 -68.06 32.80
CA SER C 54 -73.43 -68.54 32.91
C SER C 54 -73.14 -68.75 34.40
N LEU C 55 -73.26 -70.01 34.84
CA LEU C 55 -73.15 -70.31 36.27
C LEU C 55 -71.79 -69.91 36.81
N TYR C 56 -71.80 -69.24 37.96
CA TYR C 56 -70.58 -68.82 38.61
C TYR C 56 -69.93 -69.99 39.34
N SER C 57 -68.60 -70.00 39.35
CA SER C 57 -67.87 -71.09 40.00
C SER C 57 -68.01 -70.99 41.51
N GLY C 58 -68.20 -72.14 42.15
CA GLY C 58 -68.31 -72.21 43.60
C GLY C 58 -69.71 -72.36 44.12
N VAL C 59 -70.72 -72.51 43.26
CA VAL C 59 -72.11 -72.68 43.70
C VAL C 59 -72.69 -73.91 43.01
N PRO C 60 -73.68 -74.56 43.60
CA PRO C 60 -74.24 -75.77 42.98
C PRO C 60 -74.95 -75.45 41.67
N SER C 61 -75.37 -76.52 40.99
CA SER C 61 -75.96 -76.43 39.66
C SER C 61 -77.48 -76.28 39.70
N ARG C 62 -78.08 -76.14 40.88
CA ARG C 62 -79.52 -75.95 40.96
C ARG C 62 -79.95 -74.66 40.27
N PHE C 63 -79.21 -73.58 40.49
CA PHE C 63 -79.57 -72.29 39.94
C PHE C 63 -79.31 -72.23 38.44
N SER C 64 -80.16 -71.51 37.72
CA SER C 64 -80.01 -71.34 36.28
C SER C 64 -80.69 -70.06 35.86
N GLY C 65 -80.37 -69.60 34.65
CA GLY C 65 -80.97 -68.42 34.09
C GLY C 65 -81.58 -68.70 32.73
N SER C 66 -82.30 -67.71 32.22
CA SER C 66 -82.94 -67.81 30.91
C SER C 66 -83.34 -66.42 30.45
N ARG C 67 -82.86 -66.03 29.27
CA ARG C 67 -83.22 -64.74 28.68
C ARG C 67 -84.48 -64.95 27.84
N SER C 68 -85.63 -64.75 28.47
CA SER C 68 -86.92 -64.86 27.78
C SER C 68 -87.30 -63.46 27.32
N GLY C 69 -86.99 -63.13 26.07
CA GLY C 69 -87.22 -61.81 25.55
C GLY C 69 -86.48 -60.75 26.35
N THR C 70 -87.21 -59.96 27.12
CA THR C 70 -86.62 -59.01 28.04
C THR C 70 -86.69 -59.50 29.49
N ASP C 71 -87.36 -60.61 29.74
CA ASP C 71 -87.50 -61.15 31.09
C ASP C 71 -86.45 -62.23 31.33
N PHE C 72 -85.92 -62.26 32.56
CA PHE C 72 -84.91 -63.21 32.98
C PHE C 72 -85.41 -63.96 34.20
N THR C 73 -85.12 -65.26 34.26
CA THR C 73 -85.65 -66.13 35.29
C THR C 73 -84.54 -66.85 36.04
N LEU C 74 -84.68 -66.91 37.36
CA LEU C 74 -83.81 -67.73 38.20
C LEU C 74 -84.63 -68.89 38.76
N THR C 75 -84.08 -70.09 38.68
CA THR C 75 -84.80 -71.30 39.05
C THR C 75 -84.00 -72.11 40.06
N ILE C 76 -84.66 -72.52 41.14
CA ILE C 76 -84.10 -73.44 42.13
C ILE C 76 -84.89 -74.73 42.04
N SER C 77 -84.22 -75.80 41.61
CA SER C 77 -84.91 -77.09 41.49
C SER C 77 -85.23 -77.67 42.85
N SER C 78 -84.25 -77.71 43.75
CA SER C 78 -84.42 -78.24 45.10
C SER C 78 -84.07 -77.14 46.09
N LEU C 79 -85.06 -76.67 46.83
CA LEU C 79 -84.86 -75.59 47.80
C LEU C 79 -84.23 -76.19 49.06
N GLN C 80 -82.90 -76.32 49.02
CA GLN C 80 -82.17 -76.86 50.15
C GLN C 80 -82.23 -75.89 51.33
N PRO C 81 -82.09 -76.40 52.55
CA PRO C 81 -82.12 -75.50 53.73
C PRO C 81 -81.01 -74.47 53.74
N GLU C 82 -79.92 -74.71 53.01
CA GLU C 82 -78.87 -73.69 52.90
C GLU C 82 -79.30 -72.52 52.03
N ASP C 83 -80.28 -72.71 51.15
CA ASP C 83 -80.74 -71.65 50.25
C ASP C 83 -81.95 -70.95 50.85
N PHE C 84 -81.69 -70.22 51.93
CA PHE C 84 -82.69 -69.37 52.59
C PHE C 84 -82.08 -67.98 52.72
N ALA C 85 -82.26 -67.16 51.68
CA ALA C 85 -81.60 -65.86 51.62
C ALA C 85 -82.42 -64.92 50.74
N THR C 86 -82.10 -63.64 50.84
CA THR C 86 -82.74 -62.63 50.00
C THR C 86 -82.02 -62.55 48.66
N TYR C 87 -82.77 -62.66 47.57
CA TYR C 87 -82.21 -62.69 46.22
C TYR C 87 -82.46 -61.37 45.51
N TYR C 88 -81.72 -61.14 44.43
CA TYR C 88 -81.80 -59.90 43.68
C TYR C 88 -81.58 -60.17 42.20
N CYS C 89 -81.72 -59.12 41.39
CA CYS C 89 -81.57 -59.19 39.93
C CYS C 89 -80.79 -57.97 39.46
N GLN C 90 -79.47 -58.11 39.39
CA GLN C 90 -78.64 -57.03 38.88
C GLN C 90 -78.62 -57.05 37.36
N GLN C 91 -78.66 -55.86 36.75
CA GLN C 91 -78.41 -55.71 35.33
C GLN C 91 -77.24 -54.75 35.15
N TYR C 92 -76.44 -55.00 34.11
CA TYR C 92 -75.23 -54.21 33.90
C TYR C 92 -75.00 -53.85 32.45
N LYS C 93 -75.99 -54.00 31.57
CA LYS C 93 -75.81 -53.66 30.16
C LYS C 93 -75.54 -52.17 29.97
N TYR C 94 -76.30 -51.33 30.66
CA TYR C 94 -76.15 -49.88 30.58
C TYR C 94 -75.69 -49.32 31.93
N VAL C 95 -75.62 -48.01 32.00
CA VAL C 95 -75.35 -47.27 33.24
C VAL C 95 -76.62 -46.53 33.63
N PRO C 96 -77.04 -46.55 34.90
CA PRO C 96 -76.44 -47.23 36.06
C PRO C 96 -76.61 -48.75 36.07
N VAL C 97 -76.43 -49.32 37.25
CA VAL C 97 -76.38 -50.77 37.45
C VAL C 97 -77.61 -51.10 38.29
N THR C 98 -78.70 -50.37 38.05
CA THR C 98 -79.94 -50.49 38.81
C THR C 98 -80.32 -51.94 39.07
N PHE C 99 -80.50 -52.27 40.35
CA PHE C 99 -80.77 -53.62 40.79
C PHE C 99 -82.25 -53.95 40.58
N GLY C 100 -82.69 -55.07 41.18
CA GLY C 100 -84.09 -55.45 41.17
C GLY C 100 -84.77 -55.19 42.50
N GLN C 101 -86.02 -55.64 42.57
CA GLN C 101 -86.83 -55.39 43.77
C GLN C 101 -86.23 -56.07 44.99
N GLY C 102 -85.87 -57.33 44.88
CA GLY C 102 -85.33 -58.07 46.01
C GLY C 102 -86.37 -58.91 46.71
N THR C 103 -86.28 -60.24 46.54
CA THR C 103 -87.24 -61.17 47.12
C THR C 103 -86.57 -62.02 48.19
N LYS C 104 -87.35 -62.37 49.21
CA LYS C 104 -86.88 -63.20 50.31
C LYS C 104 -87.50 -64.59 50.23
N VAL C 105 -86.87 -65.53 50.93
CA VAL C 105 -87.32 -66.92 50.97
C VAL C 105 -87.44 -67.34 52.43
N GLU C 106 -88.56 -67.98 52.77
CA GLU C 106 -88.80 -68.44 54.13
C GLU C 106 -89.45 -69.82 54.08
N ILE C 107 -89.38 -70.53 55.21
CA ILE C 107 -89.95 -71.86 55.31
C ILE C 107 -91.45 -71.83 55.10
N GLN C 127 -59.50 -60.59 50.46
CA GLN C 127 -60.17 -60.25 51.70
C GLN C 127 -60.42 -58.75 51.81
N LEU C 128 -61.54 -58.30 51.25
CA LEU C 128 -61.90 -56.89 51.33
C LEU C 128 -62.17 -56.49 52.77
N VAL C 129 -61.80 -55.27 53.12
CA VAL C 129 -62.00 -54.73 54.46
C VAL C 129 -62.49 -53.30 54.32
N GLU C 130 -63.79 -53.08 54.54
CA GLU C 130 -64.37 -51.75 54.50
C GLU C 130 -64.49 -51.22 55.92
N SER C 131 -63.82 -50.11 56.20
CA SER C 131 -63.74 -49.58 57.56
C SER C 131 -63.72 -48.05 57.51
N GLY C 132 -64.00 -47.45 58.66
CA GLY C 132 -63.99 -46.00 58.78
C GLY C 132 -65.37 -45.41 58.96
N GLY C 133 -66.26 -46.16 59.60
CA GLY C 133 -67.62 -45.70 59.81
C GLY C 133 -68.15 -45.93 61.20
N GLY C 134 -69.46 -45.84 61.36
CA GLY C 134 -70.09 -46.00 62.66
C GLY C 134 -71.27 -45.05 62.83
N LEU C 135 -71.50 -44.59 64.06
CA LEU C 135 -72.52 -43.58 64.30
C LEU C 135 -72.00 -42.24 63.77
N VAL C 136 -72.84 -41.54 63.00
CA VAL C 136 -72.42 -40.37 62.24
C VAL C 136 -73.14 -39.14 62.77
N GLN C 137 -72.48 -37.99 62.68
CA GLN C 137 -73.10 -36.72 63.01
C GLN C 137 -74.18 -36.39 62.00
N PRO C 138 -75.11 -35.48 62.35
CA PRO C 138 -76.20 -35.13 61.41
C PRO C 138 -75.70 -34.52 60.11
N GLY C 139 -74.46 -34.05 60.04
CA GLY C 139 -73.92 -33.52 58.81
C GLY C 139 -72.42 -33.43 58.79
N GLY C 140 -71.81 -33.68 57.63
CA GLY C 140 -70.37 -33.56 57.49
C GLY C 140 -69.85 -34.50 56.42
N SER C 141 -68.58 -34.86 56.57
CA SER C 141 -67.87 -35.70 55.62
C SER C 141 -67.25 -36.90 56.34
N LEU C 142 -67.21 -38.01 55.63
CA LEU C 142 -66.66 -39.26 56.14
C LEU C 142 -65.76 -39.90 55.09
N ARG C 143 -64.83 -40.72 55.57
CA ARG C 143 -63.92 -41.46 54.72
C ARG C 143 -64.09 -42.94 54.99
N LEU C 144 -64.35 -43.72 53.94
CA LEU C 144 -64.52 -45.16 54.04
C LEU C 144 -63.45 -45.82 53.19
N SER C 145 -62.66 -46.69 53.81
CA SER C 145 -61.50 -47.31 53.18
C SER C 145 -61.78 -48.79 52.95
N CYS C 146 -61.62 -49.23 51.71
CA CYS C 146 -61.75 -50.63 51.33
C CYS C 146 -60.35 -51.15 51.01
N ALA C 147 -59.77 -51.88 51.95
CA ALA C 147 -58.51 -52.56 51.72
C ALA C 147 -58.78 -53.86 50.96
N ALA C 148 -58.30 -53.91 49.72
CA ALA C 148 -58.55 -55.03 48.82
C ALA C 148 -57.30 -55.91 48.75
N SER C 149 -57.43 -57.15 49.21
CA SER C 149 -56.33 -58.10 49.24
C SER C 149 -56.62 -59.23 48.26
N GLY C 150 -55.64 -59.53 47.41
CA GLY C 150 -55.75 -60.63 46.47
C GLY C 150 -55.79 -60.24 45.01
N PHE C 151 -55.78 -58.95 44.69
CA PHE C 151 -55.82 -58.50 43.31
C PHE C 151 -55.31 -57.07 43.22
N ASN C 152 -54.96 -56.67 42.01
CA ASN C 152 -54.48 -55.32 41.73
C ASN C 152 -55.63 -54.44 41.27
N VAL C 153 -55.61 -53.18 41.72
CA VAL C 153 -56.70 -52.26 41.40
C VAL C 153 -56.80 -52.04 39.90
N TYR C 154 -55.69 -52.20 39.17
CA TYR C 154 -55.76 -52.09 37.71
C TYR C 154 -56.36 -53.32 37.07
N SER C 155 -56.19 -54.48 37.68
CA SER C 155 -56.76 -55.72 37.15
C SER C 155 -58.17 -55.99 37.64
N SER C 156 -58.72 -55.09 38.45
CA SER C 156 -60.08 -55.23 38.97
C SER C 156 -60.78 -53.89 38.86
N SER C 157 -62.09 -53.90 39.10
CA SER C 157 -62.89 -52.69 39.14
C SER C 157 -63.60 -52.65 40.49
N ILE C 158 -63.42 -51.57 41.22
CA ILE C 158 -63.85 -51.50 42.62
C ILE C 158 -65.16 -50.73 42.68
N HIS C 159 -66.20 -51.37 43.20
CA HIS C 159 -67.51 -50.78 43.34
C HIS C 159 -67.88 -50.65 44.80
N TRP C 160 -68.85 -49.78 45.08
CA TRP C 160 -69.34 -49.56 46.43
C TRP C 160 -70.87 -49.55 46.35
N VAL C 161 -71.51 -50.41 47.13
CA VAL C 161 -72.95 -50.65 47.04
C VAL C 161 -73.55 -50.55 48.43
N ARG C 162 -74.65 -49.83 48.55
CA ARG C 162 -75.30 -49.59 49.84
C ARG C 162 -76.63 -50.35 49.93
N GLN C 163 -77.05 -50.57 51.16
CA GLN C 163 -78.36 -51.14 51.45
C GLN C 163 -78.92 -50.49 52.70
N ALA C 164 -80.10 -49.90 52.59
CA ALA C 164 -80.77 -49.37 53.77
C ALA C 164 -81.27 -50.52 54.64
N PRO C 165 -81.39 -50.31 55.96
CA PRO C 165 -81.88 -51.37 56.84
C PRO C 165 -83.19 -51.97 56.37
N GLY C 166 -83.16 -53.25 56.01
CA GLY C 166 -84.36 -53.91 55.49
C GLY C 166 -84.87 -53.35 54.19
N LYS C 167 -83.96 -53.03 53.26
CA LYS C 167 -84.34 -52.49 51.97
C LYS C 167 -83.50 -53.17 50.89
N GLY C 168 -83.62 -52.68 49.66
CA GLY C 168 -82.86 -53.24 48.56
C GLY C 168 -81.45 -52.68 48.47
N LEU C 169 -80.69 -53.24 47.53
CA LEU C 169 -79.31 -52.82 47.28
C LEU C 169 -79.28 -51.89 46.07
N GLU C 170 -78.56 -50.78 46.21
CA GLU C 170 -78.39 -49.81 45.14
C GLU C 170 -76.91 -49.52 44.94
N TRP C 171 -76.49 -49.46 43.68
CA TRP C 171 -75.12 -49.10 43.37
C TRP C 171 -74.85 -47.65 43.79
N VAL C 172 -73.70 -47.43 44.40
CA VAL C 172 -73.32 -46.11 44.91
C VAL C 172 -72.15 -45.53 44.11
N ALA C 173 -71.02 -46.23 44.09
CA ALA C 173 -69.81 -45.68 43.48
C ALA C 173 -69.09 -46.75 42.68
N SER C 174 -68.26 -46.31 41.74
CA SER C 174 -67.47 -47.26 40.95
C SER C 174 -66.20 -46.59 40.46
N ILE C 175 -65.12 -47.36 40.43
CA ILE C 175 -63.84 -46.92 39.89
C ILE C 175 -63.27 -48.03 39.02
N SER C 176 -62.80 -47.66 37.84
CA SER C 176 -62.17 -48.55 36.87
C SER C 176 -60.80 -47.95 36.58
N SER C 177 -59.80 -48.39 37.36
CA SER C 177 -58.49 -47.74 37.34
C SER C 177 -57.83 -47.87 35.97
N TYR C 178 -57.96 -49.03 35.32
CA TYR C 178 -57.23 -49.28 34.09
C TYR C 178 -57.63 -48.28 33.01
N TYR C 179 -58.92 -48.04 32.86
CA TYR C 179 -59.41 -46.96 32.00
C TYR C 179 -59.41 -45.60 32.68
N GLY C 180 -59.18 -45.55 33.98
CA GLY C 180 -59.26 -44.29 34.70
C GLY C 180 -60.64 -43.67 34.70
N TYR C 181 -61.68 -44.48 34.95
CA TYR C 181 -63.06 -44.01 34.96
C TYR C 181 -63.58 -43.97 36.39
N THR C 182 -64.20 -42.86 36.76
CA THR C 182 -64.89 -42.74 38.04
C THR C 182 -66.37 -42.50 37.77
N TYR C 183 -67.22 -43.32 38.38
CA TYR C 183 -68.65 -43.33 38.11
C TYR C 183 -69.43 -43.23 39.42
N TYR C 184 -70.52 -42.45 39.37
CA TYR C 184 -71.46 -42.34 40.47
C TYR C 184 -72.87 -42.30 39.90
N ALA C 185 -73.83 -42.64 40.74
CA ALA C 185 -75.22 -42.62 40.31
C ALA C 185 -75.69 -41.19 40.06
N ASP C 186 -76.66 -41.06 39.17
CA ASP C 186 -77.16 -39.73 38.79
C ASP C 186 -77.76 -39.00 39.98
N SER C 187 -78.25 -39.73 40.98
CA SER C 187 -78.82 -39.11 42.18
C SER C 187 -77.78 -38.78 43.23
N VAL C 188 -76.52 -39.16 43.01
CA VAL C 188 -75.45 -38.90 43.98
C VAL C 188 -74.27 -38.25 43.28
N LYS C 189 -74.49 -37.75 42.07
CA LYS C 189 -73.42 -37.14 41.29
C LYS C 189 -72.86 -35.91 41.99
N GLY C 190 -71.61 -36.00 42.44
CA GLY C 190 -70.95 -34.89 43.11
C GLY C 190 -70.89 -35.01 44.61
N ARG C 191 -71.66 -35.91 45.21
CA ARG C 191 -71.68 -36.07 46.66
C ARG C 191 -70.76 -37.18 47.14
N PHE C 192 -70.00 -37.81 46.25
CA PHE C 192 -69.10 -38.89 46.62
C PHE C 192 -67.84 -38.82 45.77
N THR C 193 -66.70 -39.09 46.41
CA THR C 193 -65.40 -39.10 45.73
C THR C 193 -64.76 -40.47 45.91
N ILE C 194 -64.68 -41.24 44.83
CA ILE C 194 -64.06 -42.56 44.87
C ILE C 194 -62.67 -42.46 44.24
N SER C 195 -61.69 -43.06 44.90
CA SER C 195 -60.30 -43.01 44.45
C SER C 195 -59.65 -44.37 44.69
N ALA C 196 -58.68 -44.69 43.84
CA ALA C 196 -57.96 -45.95 43.90
C ALA C 196 -56.51 -45.68 44.27
N ASP C 197 -56.17 -45.92 45.54
CA ASP C 197 -54.81 -45.70 46.03
C ASP C 197 -54.02 -46.99 45.82
N THR C 198 -53.16 -47.00 44.80
CA THR C 198 -52.38 -48.18 44.46
C THR C 198 -51.26 -48.45 45.46
N SER C 199 -50.91 -47.48 46.29
CA SER C 199 -49.85 -47.69 47.28
C SER C 199 -50.22 -48.81 48.25
N LYS C 200 -51.45 -48.79 48.75
CA LYS C 200 -51.96 -49.86 49.61
C LYS C 200 -52.91 -50.80 48.88
N ASN C 201 -53.01 -50.68 47.54
CA ASN C 201 -53.92 -51.49 46.74
C ASN C 201 -55.34 -51.41 47.29
N THR C 202 -55.76 -50.18 47.61
CA THR C 202 -57.01 -49.96 48.32
C THR C 202 -57.85 -48.93 47.57
N ALA C 203 -59.09 -48.76 48.05
CA ALA C 203 -60.00 -47.77 47.52
C ALA C 203 -60.50 -46.89 48.66
N TYR C 204 -60.82 -45.64 48.33
CA TYR C 204 -61.27 -44.66 49.30
C TYR C 204 -62.51 -43.96 48.79
N LEU C 205 -63.54 -43.87 49.64
CA LEU C 205 -64.76 -43.15 49.31
C LEU C 205 -64.94 -42.01 50.31
N GLN C 206 -65.04 -40.80 49.80
CA GLN C 206 -65.27 -39.61 50.61
C GLN C 206 -66.71 -39.16 50.41
N MET C 207 -67.48 -39.17 51.49
CA MET C 207 -68.88 -38.76 51.48
C MET C 207 -68.97 -37.38 52.12
N ASN C 208 -69.72 -36.48 51.48
CA ASN C 208 -69.98 -35.14 52.03
C ASN C 208 -71.48 -34.90 51.95
N SER C 209 -72.19 -35.17 53.04
CA SER C 209 -73.64 -35.12 53.03
C SER C 209 -74.12 -34.73 54.43
N LEU C 210 -75.41 -34.93 54.68
CA LEU C 210 -75.98 -34.59 55.98
C LEU C 210 -77.24 -35.41 56.20
N ARG C 211 -77.63 -35.52 57.49
CA ARG C 211 -78.84 -36.20 57.90
C ARG C 211 -78.88 -37.66 57.44
N ALA C 212 -80.04 -38.29 57.55
CA ALA C 212 -80.22 -39.71 57.25
C ALA C 212 -80.51 -39.96 55.78
N GLU C 213 -80.04 -39.07 54.90
CA GLU C 213 -80.26 -39.24 53.46
C GLU C 213 -79.77 -40.60 52.98
N ASP C 214 -78.59 -41.02 53.45
CA ASP C 214 -77.97 -42.26 52.98
C ASP C 214 -77.52 -43.16 54.13
N THR C 215 -78.09 -43.00 55.32
CA THR C 215 -77.74 -43.87 56.44
C THR C 215 -78.12 -45.30 56.12
N ALA C 216 -77.13 -46.18 56.01
CA ALA C 216 -77.33 -47.53 55.50
C ALA C 216 -76.18 -48.40 55.96
N VAL C 217 -76.01 -49.54 55.31
CA VAL C 217 -74.80 -50.35 55.41
C VAL C 217 -74.15 -50.38 54.03
N TYR C 218 -72.85 -50.11 53.98
CA TYR C 218 -72.12 -49.98 52.73
C TYR C 218 -71.13 -51.13 52.60
N TYR C 219 -71.17 -51.81 51.46
CA TYR C 219 -70.24 -52.87 51.13
C TYR C 219 -69.31 -52.41 50.02
N CYS C 220 -68.00 -52.52 50.26
CA CYS C 220 -67.07 -52.52 49.15
C CYS C 220 -67.21 -53.83 48.38
N ALA C 221 -66.85 -53.79 47.11
CA ALA C 221 -66.96 -54.98 46.28
C ALA C 221 -65.99 -54.86 45.12
N ARG C 222 -65.62 -56.02 44.58
CA ARG C 222 -64.69 -56.11 43.47
C ARG C 222 -65.38 -56.79 42.29
N SER C 223 -64.95 -56.44 41.08
CA SER C 223 -65.41 -57.10 39.89
C SER C 223 -64.23 -57.30 38.96
N ARG C 224 -64.28 -58.40 38.19
CA ARG C 224 -63.26 -58.63 37.18
C ARG C 224 -63.22 -57.46 36.21
N GLN C 225 -62.04 -56.83 36.09
CA GLN C 225 -61.95 -55.55 35.39
C GLN C 225 -62.49 -55.63 33.97
N PHE C 226 -62.03 -56.60 33.18
CA PHE C 226 -62.15 -56.47 31.74
C PHE C 226 -63.50 -56.94 31.21
N TRP C 227 -63.85 -58.20 31.48
CA TRP C 227 -65.10 -58.72 30.96
C TRP C 227 -66.23 -58.69 31.97
N TYR C 228 -65.94 -58.26 33.20
CA TYR C 228 -66.95 -57.91 34.21
C TYR C 228 -67.94 -59.05 34.41
N SER C 229 -67.42 -60.15 34.93
CA SER C 229 -68.27 -61.29 35.28
C SER C 229 -68.97 -61.05 36.60
N GLY C 230 -69.66 -59.90 36.72
CA GLY C 230 -70.39 -59.58 37.93
C GLY C 230 -69.50 -59.28 39.12
N LEU C 231 -70.08 -58.66 40.15
CA LEU C 231 -69.33 -58.31 41.37
C LEU C 231 -69.05 -59.60 42.13
N ASP C 232 -67.83 -60.11 42.03
CA ASP C 232 -67.54 -61.44 42.53
C ASP C 232 -67.33 -61.46 44.04
N TYR C 233 -66.60 -60.47 44.58
CA TYR C 233 -66.22 -60.47 45.99
C TYR C 233 -66.80 -59.26 46.69
N TRP C 234 -67.27 -59.48 47.92
CA TRP C 234 -67.89 -58.44 48.72
C TRP C 234 -67.30 -58.46 50.13
N GLY C 235 -67.16 -57.27 50.72
CA GLY C 235 -66.58 -57.16 52.05
C GLY C 235 -67.61 -57.25 53.16
N GLN C 236 -67.11 -57.30 54.39
CA GLN C 236 -67.99 -57.41 55.55
C GLN C 236 -68.87 -56.17 55.69
N GLY C 237 -68.29 -54.99 55.50
CA GLY C 237 -69.05 -53.76 55.57
C GLY C 237 -69.19 -53.24 56.99
N THR C 238 -69.78 -52.04 57.09
CA THR C 238 -70.05 -51.40 58.36
C THR C 238 -71.32 -50.58 58.24
N LEU C 239 -71.88 -50.23 59.40
CA LEU C 239 -73.13 -49.49 59.47
C LEU C 239 -72.83 -47.99 59.52
N VAL C 240 -73.16 -47.28 58.45
CA VAL C 240 -73.07 -45.83 58.41
C VAL C 240 -74.42 -45.31 58.89
N THR C 241 -74.52 -45.09 60.19
CA THR C 241 -75.76 -44.67 60.83
C THR C 241 -75.62 -43.22 61.29
N VAL C 242 -76.52 -42.36 60.82
CA VAL C 242 -76.47 -40.94 61.14
C VAL C 242 -77.17 -40.68 62.47
N ARG D 30 61.13 68.37 -16.85
CA ARG D 30 60.71 67.40 -15.84
C ARG D 30 61.41 67.66 -14.51
N ARG D 31 60.64 67.72 -13.43
CA ARG D 31 61.15 67.97 -12.10
C ARG D 31 61.35 66.64 -11.37
N GLU D 32 62.50 66.50 -10.70
CA GLU D 32 62.89 65.25 -10.07
C GLU D 32 63.53 65.54 -8.72
N ILE D 33 63.75 64.47 -7.95
CA ILE D 33 64.61 64.52 -6.77
C ILE D 33 65.63 63.40 -6.92
N LYS D 34 66.91 63.76 -6.83
CA LYS D 34 68.00 62.80 -6.99
C LYS D 34 69.03 63.07 -5.90
N ILE D 35 69.05 62.22 -4.88
CA ILE D 35 70.06 62.28 -3.83
C ILE D 35 70.86 61.00 -3.91
N GLU D 36 72.18 61.13 -4.08
CA GLU D 36 73.02 59.99 -4.37
C GLU D 36 73.56 59.36 -3.09
N GLY D 37 73.99 58.11 -3.21
CA GLY D 37 74.47 57.38 -2.04
C GLY D 37 74.91 55.99 -2.47
N ASP D 38 75.21 55.17 -1.46
CA ASP D 38 75.63 53.80 -1.72
C ASP D 38 74.53 53.04 -2.45
N LEU D 39 73.28 53.19 -2.02
CA LEU D 39 72.14 52.63 -2.71
C LEU D 39 71.06 53.70 -2.79
N VAL D 40 70.22 53.61 -3.83
CA VAL D 40 69.19 54.61 -4.09
C VAL D 40 67.85 53.90 -4.27
N LEU D 41 66.83 54.41 -3.61
CA LEU D 41 65.48 53.89 -3.72
C LEU D 41 64.67 54.76 -4.65
N GLY D 42 63.75 54.15 -5.40
CA GLY D 42 62.89 54.89 -6.27
C GLY D 42 61.70 55.48 -5.55
N GLY D 43 61.28 56.66 -5.99
CA GLY D 43 60.17 57.34 -5.37
C GLY D 43 59.07 57.70 -6.35
N LEU D 44 57.90 57.09 -6.18
CA LEU D 44 56.73 57.38 -7.01
C LEU D 44 55.62 57.89 -6.11
N PHE D 45 55.16 59.10 -6.38
CA PHE D 45 54.12 59.75 -5.59
C PHE D 45 53.24 60.58 -6.52
N PRO D 46 51.99 60.78 -6.15
CA PRO D 46 51.12 61.70 -6.91
C PRO D 46 51.32 63.14 -6.47
N ILE D 47 52.50 63.68 -6.74
CA ILE D 47 52.82 65.04 -6.33
C ILE D 47 51.86 66.03 -6.98
N ASN D 48 51.64 65.87 -8.28
CA ASN D 48 50.80 66.77 -9.05
C ASN D 48 49.55 66.03 -9.50
N GLU D 49 48.51 66.77 -9.83
CA GLU D 49 47.26 66.19 -10.32
C GLU D 49 46.75 66.93 -11.54
N CYS D 57 49.89 68.52 -15.80
CA CYS D 57 48.85 67.54 -15.52
C CYS D 57 47.78 68.12 -14.59
N GLY D 58 48.11 69.20 -13.89
CA GLY D 58 47.14 69.89 -13.06
C GLY D 58 47.73 70.63 -11.88
N ARG D 59 47.15 70.43 -10.70
CA ARG D 59 47.55 71.13 -9.48
C ARG D 59 48.16 70.15 -8.49
N ILE D 60 48.93 70.70 -7.55
CA ILE D 60 49.70 69.88 -6.62
C ILE D 60 48.76 69.22 -5.62
N ASN D 61 48.97 67.93 -5.38
CA ASN D 61 48.27 67.22 -4.31
C ASN D 61 48.82 67.69 -2.96
N GLU D 62 47.91 67.98 -2.03
CA GLU D 62 48.30 68.70 -0.82
C GLU D 62 48.50 67.75 0.36
N ASP D 63 47.76 66.65 0.41
CA ASP D 63 47.84 65.71 1.53
C ASP D 63 48.43 64.37 1.10
N ARG D 64 47.83 63.73 0.09
CA ARG D 64 48.31 62.43 -0.35
C ARG D 64 49.76 62.50 -0.83
N GLY D 65 50.06 63.45 -1.70
CA GLY D 65 51.39 63.52 -2.28
C GLY D 65 52.50 63.97 -1.35
N ILE D 66 52.44 65.25 -0.96
CA ILE D 66 53.60 65.90 -0.36
C ILE D 66 53.90 65.36 1.03
N GLN D 67 52.86 65.08 1.83
CA GLN D 67 53.10 64.49 3.14
C GLN D 67 53.80 63.15 3.02
N ARG D 68 53.36 62.33 2.07
CA ARG D 68 53.99 61.02 1.86
C ARG D 68 55.43 61.16 1.39
N LEU D 69 55.68 62.10 0.47
CA LEU D 69 57.04 62.32 -0.01
C LEU D 69 57.94 62.77 1.13
N GLU D 70 57.47 63.72 1.94
CA GLU D 70 58.26 64.19 3.07
C GLU D 70 58.51 63.08 4.07
N ALA D 71 57.51 62.21 4.29
CA ALA D 71 57.70 61.09 5.20
C ALA D 71 58.74 60.11 4.68
N MET D 72 58.69 59.81 3.38
CA MET D 72 59.69 58.93 2.80
C MET D 72 61.09 59.51 2.96
N LEU D 73 61.26 60.79 2.62
CA LEU D 73 62.59 61.40 2.76
C LEU D 73 63.00 61.47 4.23
N PHE D 74 62.04 61.66 5.14
CA PHE D 74 62.36 61.67 6.57
C PHE D 74 62.87 60.31 7.02
N ALA D 75 62.21 59.24 6.59
CA ALA D 75 62.67 57.90 6.92
C ALA D 75 64.03 57.63 6.31
N ILE D 76 64.26 58.13 5.10
CA ILE D 76 65.56 57.97 4.45
C ILE D 76 66.65 58.67 5.27
N ASP D 77 66.38 59.89 5.72
CA ASP D 77 67.34 60.59 6.57
C ASP D 77 67.58 59.83 7.86
N GLU D 78 66.53 59.27 8.45
CA GLU D 78 66.69 58.48 9.68
C GLU D 78 67.57 57.27 9.44
N ILE D 79 67.38 56.59 8.31
CA ILE D 79 68.25 55.46 7.96
C ILE D 79 69.69 55.93 7.79
N ASN D 80 69.89 57.03 7.06
CA ASN D 80 71.24 57.50 6.78
C ASN D 80 71.88 58.15 8.00
N LYS D 81 71.15 58.32 9.09
CA LYS D 81 71.72 58.89 10.31
C LYS D 81 71.88 57.88 11.43
N ASP D 82 71.21 56.74 11.36
CA ASP D 82 71.29 55.77 12.45
C ASP D 82 72.56 54.94 12.33
N ASP D 83 72.70 53.96 13.22
CA ASP D 83 73.92 53.15 13.30
C ASP D 83 73.68 51.66 13.38
N TYR D 84 72.44 51.21 13.51
CA TYR D 84 72.15 49.79 13.68
C TYR D 84 71.50 49.16 12.45
N LEU D 85 71.06 49.97 11.48
CA LEU D 85 70.38 49.47 10.30
C LEU D 85 71.03 50.12 9.08
N LEU D 86 71.84 49.34 8.35
CA LEU D 86 72.67 49.84 7.27
C LEU D 86 73.49 51.05 7.71
N PRO D 87 74.34 50.92 8.74
CA PRO D 87 75.12 52.08 9.19
C PRO D 87 76.14 52.52 8.15
N GLY D 88 76.93 51.58 7.64
CA GLY D 88 77.93 51.90 6.64
C GLY D 88 77.40 52.08 5.24
N VAL D 89 76.12 51.85 5.02
CA VAL D 89 75.49 52.00 3.71
C VAL D 89 74.69 53.29 3.72
N LYS D 90 75.11 54.24 2.89
CA LYS D 90 74.38 55.49 2.73
C LYS D 90 73.29 55.28 1.69
N LEU D 91 72.04 55.53 2.08
CA LEU D 91 70.89 55.23 1.25
C LEU D 91 70.41 56.51 0.56
N GLY D 92 70.39 56.50 -0.78
CA GLY D 92 69.93 57.62 -1.55
C GLY D 92 68.52 57.43 -2.05
N VAL D 93 68.05 58.43 -2.80
CA VAL D 93 66.67 58.43 -3.29
C VAL D 93 66.63 58.97 -4.72
N HIS D 94 65.62 58.52 -5.46
CA HIS D 94 65.27 59.10 -6.76
C HIS D 94 63.74 59.11 -6.81
N ILE D 95 63.16 60.30 -6.68
CA ILE D 95 61.72 60.48 -6.55
C ILE D 95 61.22 61.29 -7.74
N LEU D 96 60.12 60.82 -8.33
CA LEU D 96 59.63 61.34 -9.58
C LEU D 96 58.13 61.55 -9.52
N ASP D 97 57.63 62.49 -10.32
CA ASP D 97 56.21 62.78 -10.39
C ASP D 97 55.47 61.70 -11.17
N THR D 98 54.27 61.39 -10.71
CA THR D 98 53.40 60.45 -11.40
C THR D 98 52.19 61.10 -12.04
N CYS D 99 51.73 62.22 -11.50
CA CYS D 99 50.55 62.95 -11.97
C CYS D 99 49.28 62.10 -11.98
N SER D 100 49.31 60.93 -11.33
CA SER D 100 48.18 60.02 -11.31
C SER D 100 47.76 59.63 -12.72
N ARG D 101 48.75 59.46 -13.61
CA ARG D 101 48.51 59.13 -15.00
C ARG D 101 49.39 57.96 -15.40
N ASP D 102 48.80 57.00 -16.11
CA ASP D 102 49.51 55.78 -16.47
C ASP D 102 50.70 56.06 -17.37
N THR D 103 50.51 56.84 -18.44
CA THR D 103 51.59 57.07 -19.41
C THR D 103 52.73 57.87 -18.79
N TYR D 104 52.40 58.91 -18.03
CA TYR D 104 53.42 59.76 -17.42
C TYR D 104 54.20 58.97 -16.36
N ALA D 105 53.50 58.29 -15.47
CA ALA D 105 54.16 57.44 -14.49
C ALA D 105 55.01 56.38 -15.17
N LEU D 106 54.56 55.89 -16.32
CA LEU D 106 55.36 54.95 -17.10
C LEU D 106 56.63 55.60 -17.59
N GLU D 107 56.55 56.87 -18.00
CA GLU D 107 57.75 57.54 -18.49
C GLU D 107 58.79 57.71 -17.39
N GLN D 108 58.37 58.18 -16.20
CA GLN D 108 59.37 58.22 -15.12
C GLN D 108 59.76 56.83 -14.60
N SER D 109 58.92 55.82 -14.75
CA SER D 109 59.37 54.46 -14.46
C SER D 109 60.48 54.05 -15.44
N LEU D 110 60.36 54.44 -16.71
CA LEU D 110 61.44 54.25 -17.67
C LEU D 110 62.68 55.03 -17.25
N GLU D 111 62.49 56.21 -16.68
CA GLU D 111 63.62 56.97 -16.14
C GLU D 111 64.32 56.18 -15.04
N PHE D 112 63.56 55.49 -14.20
CA PHE D 112 64.15 54.55 -13.24
C PHE D 112 64.90 53.44 -13.95
N VAL D 113 64.29 52.88 -15.00
CA VAL D 113 64.82 51.70 -15.67
C VAL D 113 66.15 51.99 -16.36
N ARG D 114 66.31 53.21 -16.89
CA ARG D 114 67.50 53.58 -17.66
C ARG D 114 68.83 53.17 -17.00
N ALA D 115 68.85 53.05 -15.67
CA ALA D 115 70.10 52.73 -14.99
C ALA D 115 70.62 51.34 -15.37
N SER D 116 69.74 50.35 -15.41
CA SER D 116 70.18 49.00 -15.77
C SER D 116 70.55 48.91 -17.24
N LEU D 117 69.82 49.62 -18.11
CA LEU D 117 70.15 49.63 -19.53
C LEU D 117 71.50 50.27 -19.81
N THR D 118 71.83 51.37 -19.13
CA THR D 118 73.12 52.02 -19.37
C THR D 118 74.31 51.20 -18.89
N LYS D 119 74.08 50.14 -18.12
CA LYS D 119 75.20 49.33 -17.63
C LYS D 119 75.94 48.65 -18.77
N VAL D 120 75.20 48.11 -19.75
CA VAL D 120 75.86 47.43 -20.87
C VAL D 120 76.60 48.43 -21.74
N ASP D 121 76.13 49.68 -21.78
CA ASP D 121 76.78 50.71 -22.58
C ASP D 121 78.06 51.20 -21.90
N ASP D 129 79.53 55.42 -26.18
CA ASP D 129 80.76 55.93 -25.58
C ASP D 129 80.86 57.44 -25.74
N GLY D 130 82.09 57.95 -25.80
CA GLY D 130 82.30 59.38 -25.97
C GLY D 130 83.70 59.65 -26.46
N SER D 131 83.82 60.74 -27.21
CA SER D 131 85.13 61.11 -27.78
C SER D 131 86.10 61.52 -26.68
N TYR D 132 85.68 62.42 -25.79
CA TYR D 132 86.50 62.85 -24.67
C TYR D 132 85.86 62.48 -23.33
N ALA D 133 84.60 62.85 -23.13
CA ALA D 133 83.88 62.50 -21.92
C ALA D 133 82.39 62.57 -22.21
N ILE D 134 81.67 61.50 -21.89
CA ILE D 134 80.24 61.39 -22.18
C ILE D 134 79.55 61.08 -20.85
N GLN D 135 79.03 62.11 -20.19
CA GLN D 135 78.33 61.96 -18.93
C GLN D 135 76.84 62.20 -19.05
N GLU D 136 76.44 63.36 -19.56
CA GLU D 136 75.03 63.73 -19.72
C GLU D 136 74.29 63.56 -18.40
N ASN D 137 73.57 62.45 -18.26
CA ASN D 137 72.95 62.07 -17.01
C ASN D 137 73.38 60.66 -16.64
N ILE D 138 73.79 60.49 -15.38
CA ILE D 138 74.23 59.19 -14.89
C ILE D 138 73.07 58.56 -14.13
N PRO D 139 72.39 57.58 -14.69
CA PRO D 139 71.21 57.00 -14.03
C PRO D 139 71.63 56.09 -12.89
N LEU D 140 71.27 56.46 -11.67
CA LEU D 140 71.68 55.71 -10.50
C LEU D 140 70.95 54.37 -10.44
N LEU D 141 71.68 53.33 -10.06
CA LEU D 141 71.13 51.98 -10.01
C LEU D 141 70.18 51.85 -8.82
N ILE D 142 68.88 51.79 -9.10
CA ILE D 142 67.89 51.71 -8.03
C ILE D 142 67.93 50.32 -7.40
N ALA D 143 68.23 50.27 -6.11
CA ALA D 143 68.13 49.00 -5.38
C ALA D 143 66.69 48.52 -5.32
N GLY D 144 65.77 49.40 -4.92
CA GLY D 144 64.36 49.06 -4.85
C GLY D 144 63.47 50.27 -4.93
N VAL D 145 62.40 50.18 -5.71
CA VAL D 145 61.50 51.32 -5.91
C VAL D 145 60.39 51.26 -4.87
N ILE D 146 60.25 52.34 -4.08
CA ILE D 146 59.10 52.52 -3.20
C ILE D 146 58.05 53.23 -4.05
N GLY D 147 57.28 52.44 -4.80
CA GLY D 147 56.32 52.99 -5.73
C GLY D 147 54.89 52.71 -5.33
N GLY D 148 54.09 53.77 -5.20
CA GLY D 148 52.75 53.64 -4.64
C GLY D 148 51.70 54.38 -5.42
N SER D 149 51.00 55.29 -4.74
CA SER D 149 49.91 56.08 -5.32
C SER D 149 48.78 55.11 -5.70
N TYR D 150 48.06 55.37 -6.77
CA TYR D 150 46.88 54.58 -7.10
C TYR D 150 47.29 53.19 -7.61
N SER D 151 46.27 52.38 -7.88
CA SER D 151 46.53 51.01 -8.31
C SER D 151 47.07 50.94 -9.73
N SER D 152 46.50 51.73 -10.66
CA SER D 152 46.91 51.63 -12.05
C SER D 152 48.36 52.01 -12.24
N VAL D 153 48.81 53.08 -11.57
CA VAL D 153 50.21 53.48 -11.66
C VAL D 153 51.11 52.39 -11.12
N SER D 154 50.73 51.79 -9.99
CA SER D 154 51.55 50.74 -9.41
C SER D 154 51.59 49.51 -10.32
N ILE D 155 50.49 49.20 -11.00
CA ILE D 155 50.50 48.06 -11.91
C ILE D 155 51.40 48.32 -13.11
N GLN D 156 51.34 49.53 -13.69
CA GLN D 156 52.24 49.85 -14.78
C GLN D 156 53.70 49.78 -14.33
N VAL D 157 53.99 50.31 -13.13
CA VAL D 157 55.36 50.29 -12.62
C VAL D 157 55.81 48.86 -12.38
N ALA D 158 54.93 48.02 -11.83
CA ALA D 158 55.27 46.62 -11.62
C ALA D 158 55.53 45.91 -12.94
N ASN D 159 54.74 46.21 -13.97
CA ASN D 159 54.95 45.61 -15.27
C ASN D 159 56.31 46.02 -15.85
N LEU D 160 56.68 47.29 -15.68
CA LEU D 160 57.96 47.73 -16.24
C LEU D 160 59.15 47.27 -15.40
N LEU D 161 58.94 47.02 -14.11
CA LEU D 161 60.05 46.64 -13.24
C LEU D 161 60.23 45.12 -13.11
N ARG D 162 59.19 44.34 -13.39
CA ARG D 162 59.33 42.89 -13.40
C ARG D 162 60.30 42.45 -14.48
N LEU D 163 60.23 43.07 -15.65
CA LEU D 163 61.15 42.78 -16.74
C LEU D 163 62.60 43.12 -16.41
N PHE D 164 62.82 43.91 -15.35
CA PHE D 164 64.17 44.24 -14.90
C PHE D 164 64.44 43.69 -13.50
N GLN D 165 63.58 42.80 -13.01
CA GLN D 165 63.65 42.20 -11.68
C GLN D 165 64.13 43.19 -10.64
N ILE D 166 63.40 44.30 -10.54
CA ILE D 166 63.67 45.37 -9.58
C ILE D 166 62.55 45.34 -8.55
N PRO D 167 62.86 45.09 -7.28
CA PRO D 167 61.80 44.99 -6.27
C PRO D 167 61.03 46.28 -6.13
N GLN D 168 59.73 46.16 -5.87
CA GLN D 168 58.85 47.31 -5.73
C GLN D 168 57.97 47.12 -4.50
N ILE D 169 57.94 48.14 -3.64
CA ILE D 169 57.11 48.16 -2.45
C ILE D 169 56.13 49.32 -2.58
N SER D 170 54.85 49.04 -2.41
CA SER D 170 53.81 50.05 -2.48
C SER D 170 53.32 50.38 -1.08
N TYR D 171 52.65 51.53 -0.98
CA TYR D 171 52.15 51.99 0.30
C TYR D 171 50.67 52.34 0.29
N ALA D 172 50.04 52.56 -0.87
CA ALA D 172 48.65 52.95 -0.90
C ALA D 172 47.86 52.16 -1.93
N SER D 173 48.53 51.62 -2.93
CA SER D 173 47.86 50.83 -3.95
C SER D 173 47.31 49.56 -3.30
N THR D 174 46.03 49.26 -3.54
CA THR D 174 45.37 48.18 -2.83
C THR D 174 44.59 47.25 -3.75
N SER D 175 44.81 47.32 -5.05
CA SER D 175 44.04 46.50 -5.96
C SER D 175 44.30 45.02 -5.70
N ALA D 176 43.25 44.22 -5.83
CA ALA D 176 43.39 42.78 -5.64
C ALA D 176 44.19 42.15 -6.77
N LYS D 177 44.25 42.81 -7.94
CA LYS D 177 45.03 42.28 -9.05
C LYS D 177 46.49 42.12 -8.67
N LEU D 178 47.03 43.09 -7.92
CA LEU D 178 48.44 43.04 -7.56
C LEU D 178 48.75 41.92 -6.57
N SER D 179 47.73 41.29 -6.01
CA SER D 179 47.96 40.09 -5.21
C SER D 179 48.46 38.94 -6.06
N ASP D 180 48.09 38.92 -7.34
CA ASP D 180 48.56 37.90 -8.26
C ASP D 180 50.06 38.04 -8.47
N LYS D 181 50.76 36.91 -8.38
CA LYS D 181 52.20 36.87 -8.59
C LYS D 181 52.59 36.44 -10.00
N SER D 182 51.64 35.96 -10.80
CA SER D 182 51.97 35.51 -12.15
C SER D 182 52.46 36.66 -13.01
N ARG D 183 51.79 37.80 -12.95
CA ARG D 183 52.20 38.99 -13.70
C ARG D 183 52.91 40.01 -12.83
N TYR D 184 52.76 39.94 -11.52
CA TYR D 184 53.30 40.95 -10.60
C TYR D 184 54.01 40.28 -9.44
N ASP D 185 54.89 39.33 -9.75
CA ASP D 185 55.63 38.63 -8.70
C ASP D 185 56.48 39.60 -7.90
N TYR D 186 57.11 40.55 -8.57
CA TYR D 186 58.05 41.45 -7.92
C TYR D 186 57.37 42.69 -7.34
N PHE D 187 56.08 42.57 -7.04
CA PHE D 187 55.33 43.61 -6.36
C PHE D 187 55.02 43.17 -4.93
N ALA D 188 55.21 44.08 -3.98
CA ALA D 188 54.81 43.83 -2.61
C ALA D 188 54.25 45.13 -2.05
N ARG D 189 53.54 45.02 -0.93
CA ARG D 189 52.94 46.21 -0.35
C ARG D 189 52.59 45.95 1.11
N THR D 190 52.73 46.99 1.93
CA THR D 190 52.39 46.91 3.33
C THR D 190 50.92 47.19 3.61
N VAL D 191 50.08 47.14 2.59
CA VAL D 191 48.64 47.36 2.77
C VAL D 191 47.89 46.10 2.35
N PRO D 192 46.78 45.77 3.01
CA PRO D 192 46.02 44.58 2.65
C PRO D 192 45.37 44.74 1.29
N PRO D 193 45.06 43.64 0.61
CA PRO D 193 44.43 43.73 -0.71
C PRO D 193 43.02 44.30 -0.66
N ASP D 194 42.39 44.40 -1.83
CA ASP D 194 41.14 45.15 -1.93
C ASP D 194 39.95 44.36 -1.38
N PHE D 195 39.94 43.04 -1.60
CA PHE D 195 38.74 42.27 -1.29
C PHE D 195 38.45 42.23 0.20
N TYR D 196 39.46 42.38 1.06
CA TYR D 196 39.19 42.55 2.48
C TYR D 196 38.42 43.84 2.74
N GLN D 197 38.80 44.92 2.08
CA GLN D 197 38.05 46.17 2.20
C GLN D 197 36.63 46.00 1.68
N ALA D 198 36.48 45.27 0.58
CA ALA D 198 35.15 45.00 0.04
C ALA D 198 34.30 44.22 1.03
N LYS D 199 34.90 43.23 1.69
CA LYS D 199 34.20 42.47 2.73
C LYS D 199 33.78 43.38 3.88
N ALA D 200 34.66 44.29 4.27
CA ALA D 200 34.32 45.25 5.32
C ALA D 200 33.15 46.13 4.89
N MET D 201 33.12 46.54 3.61
CA MET D 201 32.01 47.35 3.12
C MET D 201 30.70 46.57 3.14
N ALA D 202 30.75 45.30 2.73
CA ALA D 202 29.56 44.47 2.77
C ALA D 202 29.05 44.30 4.19
N GLU D 203 29.97 44.11 5.14
CA GLU D 203 29.56 44.02 6.54
C GLU D 203 28.93 45.33 7.01
N ILE D 204 29.53 46.46 6.62
CA ILE D 204 28.96 47.77 6.94
C ILE D 204 27.53 47.86 6.44
N LEU D 205 27.31 47.41 5.20
CA LEU D 205 25.97 47.42 4.64
C LEU D 205 25.01 46.55 5.45
N ARG D 206 25.42 45.31 5.76
CA ARG D 206 24.49 44.39 6.41
C ARG D 206 24.28 44.72 7.88
N PHE D 207 25.11 45.59 8.46
CA PHE D 207 24.84 46.00 9.83
C PHE D 207 23.60 46.89 9.89
N PHE D 208 23.39 47.71 8.87
CA PHE D 208 22.22 48.58 8.79
C PHE D 208 21.09 47.99 7.98
N ASN D 209 21.21 46.71 7.58
CA ASN D 209 20.20 46.02 6.78
C ASN D 209 19.96 46.70 5.44
N TRP D 210 20.98 47.40 4.91
CA TRP D 210 20.82 48.14 3.67
C TRP D 210 20.81 47.16 2.51
N THR D 211 19.70 46.44 2.39
CA THR D 211 19.57 45.44 1.33
C THR D 211 19.59 46.10 -0.05
N TYR D 212 18.96 47.26 -0.18
CA TYR D 212 18.83 47.95 -1.46
C TYR D 212 19.74 49.17 -1.42
N VAL D 213 20.82 49.11 -2.19
CA VAL D 213 21.79 50.20 -2.25
C VAL D 213 22.18 50.41 -3.72
N SER D 214 22.59 51.63 -4.02
CA SER D 214 23.20 51.94 -5.29
C SER D 214 24.72 51.87 -5.13
N THR D 215 25.44 51.88 -6.24
CA THR D 215 26.88 51.95 -6.13
C THR D 215 27.48 52.60 -7.37
N VAL D 216 28.60 53.28 -7.15
CA VAL D 216 29.36 53.93 -8.23
C VAL D 216 30.84 53.67 -7.98
N ALA D 217 31.55 53.33 -9.06
CA ALA D 217 32.99 53.10 -9.01
C ALA D 217 33.65 53.87 -10.15
N SER D 218 34.93 54.16 -9.98
CA SER D 218 35.71 54.85 -11.00
C SER D 218 36.11 53.87 -12.08
N GLU D 219 35.89 54.25 -13.34
CA GLU D 219 36.20 53.37 -14.46
C GLU D 219 37.71 53.17 -14.53
N GLY D 220 38.15 51.97 -14.21
CA GLY D 220 39.57 51.66 -14.17
C GLY D 220 39.77 50.33 -13.47
N ASP D 221 41.03 49.90 -13.46
CA ASP D 221 41.35 48.60 -12.88
C ASP D 221 41.03 48.56 -11.39
N TYR D 222 41.43 49.59 -10.64
CA TYR D 222 41.18 49.60 -9.20
C TYR D 222 39.69 49.63 -8.90
N GLY D 223 38.96 50.59 -9.49
CA GLY D 223 37.55 50.70 -9.21
C GLY D 223 36.77 49.47 -9.63
N GLU D 224 37.01 48.98 -10.85
CA GLU D 224 36.30 47.81 -11.33
C GLU D 224 36.58 46.58 -10.47
N THR D 225 37.85 46.32 -10.16
CA THR D 225 38.18 45.15 -9.36
C THR D 225 37.55 45.22 -7.98
N GLY D 226 37.73 46.36 -7.29
CA GLY D 226 37.20 46.48 -5.95
C GLY D 226 35.68 46.39 -5.92
N ILE D 227 35.01 47.06 -6.86
CA ILE D 227 33.55 47.04 -6.87
C ILE D 227 33.04 45.66 -7.24
N GLU D 228 33.77 44.92 -8.09
CA GLU D 228 33.39 43.56 -8.38
C GLU D 228 33.48 42.68 -7.13
N ALA D 229 34.57 42.83 -6.37
CA ALA D 229 34.70 42.07 -5.13
C ALA D 229 33.59 42.42 -4.14
N PHE D 230 33.29 43.72 -4.01
CA PHE D 230 32.25 44.14 -3.07
C PHE D 230 30.88 43.67 -3.52
N GLU D 231 30.61 43.68 -4.82
CA GLU D 231 29.33 43.19 -5.33
C GLU D 231 29.18 41.70 -5.11
N GLN D 232 30.28 40.94 -5.28
CA GLN D 232 30.23 39.52 -4.94
C GLN D 232 29.95 39.32 -3.46
N GLU D 233 30.58 40.11 -2.60
CA GLU D 233 30.30 40.01 -1.18
C GLU D 233 28.85 40.38 -0.88
N ALA D 234 28.30 41.34 -1.61
CA ALA D 234 26.91 41.74 -1.40
C ALA D 234 25.95 40.64 -1.80
N ARG D 235 26.15 40.04 -2.98
CA ARG D 235 25.30 38.92 -3.37
C ARG D 235 25.48 37.74 -2.42
N LEU D 236 26.66 37.60 -1.82
CA LEU D 236 26.86 36.56 -0.82
C LEU D 236 26.03 36.83 0.43
N ARG D 237 25.91 38.08 0.84
CA ARG D 237 25.16 38.44 2.03
C ARG D 237 23.70 38.78 1.73
N ASN D 238 23.23 38.47 0.53
CA ASN D 238 21.87 38.80 0.08
C ASN D 238 21.58 40.29 0.26
N ILE D 239 22.50 41.11 -0.20
CA ILE D 239 22.35 42.56 -0.22
C ILE D 239 22.29 42.99 -1.68
N CYS D 240 21.12 43.41 -2.12
CA CYS D 240 20.92 43.71 -3.52
C CYS D 240 21.68 44.97 -3.92
N ILE D 241 21.63 45.29 -5.22
CA ILE D 241 22.24 46.50 -5.73
C ILE D 241 21.22 47.21 -6.62
N ALA D 242 21.35 48.53 -6.71
CA ALA D 242 20.44 49.30 -7.54
C ALA D 242 21.03 49.57 -8.92
N THR D 243 22.18 50.25 -8.97
CA THR D 243 22.84 50.56 -10.23
C THR D 243 24.35 50.49 -10.01
N ALA D 244 25.07 50.28 -11.12
CA ALA D 244 26.53 50.37 -11.16
C ALA D 244 26.90 51.38 -12.21
N GLU D 245 27.76 52.33 -11.85
CA GLU D 245 28.12 53.44 -12.73
C GLU D 245 29.63 53.63 -12.73
N LYS D 246 30.15 54.05 -13.88
CA LYS D 246 31.58 54.33 -14.04
C LYS D 246 31.74 55.72 -14.64
N VAL D 247 32.76 56.43 -14.17
CA VAL D 247 32.96 57.83 -14.55
C VAL D 247 34.27 58.07 -15.30
N GLY D 248 35.19 57.12 -15.33
CA GLY D 248 36.46 57.33 -15.97
C GLY D 248 37.48 57.99 -15.06
N ARG D 249 38.74 57.58 -15.23
CA ARG D 249 39.82 58.15 -14.42
C ARG D 249 39.93 59.65 -14.63
N SER D 250 39.59 60.13 -15.83
CA SER D 250 39.55 61.56 -16.10
C SER D 250 38.50 61.78 -17.19
N ASN D 251 37.48 62.59 -16.88
CA ASN D 251 36.40 62.83 -17.81
C ASN D 251 35.87 64.24 -17.61
N ILE D 252 35.20 64.75 -18.65
CA ILE D 252 34.50 66.03 -18.59
C ILE D 252 33.34 65.92 -17.61
N ARG D 253 32.79 67.06 -17.19
CA ARG D 253 31.70 67.04 -16.22
C ARG D 253 30.37 66.74 -16.89
N LYS D 254 30.33 65.66 -17.66
CA LYS D 254 29.08 65.16 -18.25
C LYS D 254 28.73 63.77 -17.76
N SER D 255 29.73 62.92 -17.52
CA SER D 255 29.47 61.60 -16.96
C SER D 255 28.97 61.69 -15.53
N TYR D 256 29.55 62.58 -14.72
CA TYR D 256 29.25 62.60 -13.29
C TYR D 256 27.80 63.03 -13.03
N ASP D 257 27.33 64.06 -13.73
CA ASP D 257 25.94 64.49 -13.55
C ASP D 257 24.97 63.43 -14.07
N SER D 258 25.34 62.73 -15.14
CA SER D 258 24.52 61.60 -15.59
C SER D 258 24.44 60.51 -14.53
N VAL D 259 25.57 60.22 -13.87
CA VAL D 259 25.58 59.28 -12.76
C VAL D 259 24.69 59.77 -11.64
N ILE D 260 24.72 61.08 -11.37
CA ILE D 260 23.86 61.64 -10.33
C ILE D 260 22.40 61.43 -10.68
N ARG D 261 22.02 61.68 -11.93
CA ARG D 261 20.63 61.47 -12.34
C ARG D 261 20.24 60.02 -12.25
N GLU D 262 21.17 59.11 -12.57
CA GLU D 262 20.90 57.68 -12.39
C GLU D 262 20.70 57.36 -10.91
N LEU D 263 21.50 57.97 -10.04
CA LEU D 263 21.35 57.72 -8.61
C LEU D 263 20.04 58.29 -8.07
N LEU D 264 19.54 59.35 -8.71
CA LEU D 264 18.24 59.90 -8.34
C LEU D 264 17.10 59.24 -9.07
N GLN D 265 17.39 58.45 -10.10
CA GLN D 265 16.34 57.67 -10.76
C GLN D 265 15.74 56.63 -9.84
N LYS D 266 16.39 56.34 -8.72
CA LYS D 266 15.90 55.38 -7.72
C LYS D 266 15.91 56.07 -6.37
N PRO D 267 14.91 56.91 -6.09
CA PRO D 267 14.90 57.63 -4.80
C PRO D 267 14.87 56.71 -3.59
N ASN D 268 14.31 55.51 -3.71
CA ASN D 268 14.24 54.60 -2.58
C ASN D 268 15.61 54.29 -2.01
N ALA D 269 16.65 54.26 -2.83
CA ALA D 269 18.01 53.90 -2.40
C ALA D 269 18.71 55.17 -1.92
N ARG D 270 18.69 55.39 -0.61
CA ARG D 270 19.35 56.54 0.01
C ARG D 270 20.83 56.31 0.24
N VAL D 271 21.35 55.12 -0.04
CA VAL D 271 22.74 54.79 0.22
C VAL D 271 23.41 54.41 -1.08
N VAL D 272 24.52 55.09 -1.39
CA VAL D 272 25.32 54.81 -2.57
C VAL D 272 26.70 54.41 -2.09
N VAL D 273 27.14 53.23 -2.49
CA VAL D 273 28.47 52.73 -2.18
C VAL D 273 29.44 53.33 -3.20
N LEU D 274 30.35 54.17 -2.72
CA LEU D 274 31.32 54.83 -3.58
C LEU D 274 32.65 54.13 -3.45
N PHE D 275 33.18 53.62 -4.57
CA PHE D 275 34.49 52.98 -4.57
C PHE D 275 35.27 53.67 -5.68
N MET D 276 35.92 54.77 -5.34
CA MET D 276 36.52 55.66 -6.34
C MET D 276 37.94 56.02 -5.94
N ARG D 277 38.73 56.38 -6.96
CA ARG D 277 40.00 57.02 -6.71
C ARG D 277 39.78 58.44 -6.21
N SER D 278 40.81 59.00 -5.58
CA SER D 278 40.66 60.25 -4.84
C SER D 278 40.21 61.40 -5.76
N ASP D 279 40.84 61.53 -6.92
CA ASP D 279 40.47 62.58 -7.85
C ASP D 279 39.04 62.40 -8.36
N ASP D 280 38.67 61.16 -8.69
CA ASP D 280 37.31 60.91 -9.15
C ASP D 280 36.30 61.16 -8.04
N SER D 281 36.68 60.85 -6.80
CA SER D 281 35.82 61.20 -5.67
C SER D 281 35.61 62.71 -5.59
N ARG D 282 36.70 63.48 -5.72
CA ARG D 282 36.59 64.93 -5.71
C ARG D 282 35.64 65.41 -6.81
N GLU D 283 35.82 64.90 -8.03
CA GLU D 283 35.00 65.34 -9.15
C GLU D 283 33.53 64.97 -8.93
N LEU D 284 33.26 63.76 -8.44
CA LEU D 284 31.88 63.36 -8.21
C LEU D 284 31.23 64.18 -7.12
N ILE D 285 31.97 64.48 -6.05
CA ILE D 285 31.41 65.31 -4.99
C ILE D 285 31.09 66.71 -5.52
N ALA D 286 32.00 67.27 -6.33
CA ALA D 286 31.72 68.58 -6.93
C ALA D 286 30.48 68.52 -7.80
N ALA D 287 30.35 67.46 -8.61
CA ALA D 287 29.17 67.32 -9.47
C ALA D 287 27.89 67.19 -8.66
N ALA D 288 27.90 66.35 -7.63
CA ALA D 288 26.71 66.15 -6.81
C ALA D 288 26.33 67.42 -6.06
N SER D 289 27.32 68.26 -5.73
CA SER D 289 27.00 69.55 -5.14
C SER D 289 26.46 70.52 -6.19
N ARG D 290 26.89 70.34 -7.45
CA ARG D 290 26.36 71.17 -8.53
C ARG D 290 24.85 71.03 -8.63
N ALA D 291 24.34 69.80 -8.62
CA ALA D 291 22.91 69.56 -8.52
C ALA D 291 22.47 69.70 -7.06
N ASN D 292 21.17 69.97 -6.89
CA ASN D 292 20.58 70.09 -5.55
C ASN D 292 20.31 68.70 -4.98
N ALA D 293 21.40 67.99 -4.70
CA ALA D 293 21.32 66.60 -4.30
C ALA D 293 22.16 66.35 -3.05
N SER D 294 21.86 65.25 -2.38
CA SER D 294 22.62 64.78 -1.22
C SER D 294 22.33 63.30 -1.02
N PHE D 295 23.17 62.66 -0.22
CA PHE D 295 23.05 61.22 0.05
C PHE D 295 23.73 60.91 1.38
N THR D 296 23.95 59.62 1.64
CA THR D 296 24.81 59.14 2.71
C THR D 296 25.81 58.22 2.03
N TRP D 297 26.95 58.77 1.63
CA TRP D 297 27.88 58.08 0.76
C TRP D 297 28.62 57.00 1.52
N VAL D 298 28.54 55.76 1.05
CA VAL D 298 29.36 54.67 1.58
C VAL D 298 30.64 54.68 0.77
N ALA D 299 31.72 55.19 1.35
CA ALA D 299 32.93 55.48 0.63
C ALA D 299 33.95 54.36 0.81
N SER D 300 35.17 54.58 0.33
CA SER D 300 36.20 53.55 0.37
C SER D 300 37.58 54.14 0.63
N ASP D 301 38.63 53.33 0.45
CA ASP D 301 39.98 53.78 0.73
C ASP D 301 40.37 54.98 -0.13
N GLY D 302 39.92 55.01 -1.39
CA GLY D 302 40.23 56.15 -2.24
C GLY D 302 39.68 57.45 -1.68
N TRP D 303 38.47 57.41 -1.13
CA TRP D 303 37.97 58.52 -0.34
C TRP D 303 38.81 58.72 0.91
N GLY D 304 39.01 57.64 1.68
CA GLY D 304 39.82 57.66 2.87
C GLY D 304 39.38 58.74 3.85
N ALA D 305 40.29 59.10 4.74
CA ALA D 305 40.08 60.21 5.66
C ALA D 305 40.68 61.49 5.07
N GLN D 306 40.26 61.78 3.84
CA GLN D 306 40.76 62.94 3.10
C GLN D 306 39.82 64.11 3.30
N GLU D 307 40.39 65.28 3.57
CA GLU D 307 39.61 66.50 3.73
C GLU D 307 39.55 67.34 2.46
N SER D 308 40.66 67.42 1.73
CA SER D 308 40.70 68.24 0.52
C SER D 308 39.75 67.75 -0.57
N ILE D 309 39.35 66.48 -0.52
CA ILE D 309 38.43 65.95 -1.53
C ILE D 309 37.07 66.62 -1.39
N ILE D 310 36.63 66.85 -0.17
CA ILE D 310 35.33 67.43 0.12
C ILE D 310 35.42 68.93 0.40
N LYS D 311 36.49 69.58 -0.05
CA LYS D 311 36.76 70.95 0.37
C LYS D 311 35.63 71.88 -0.04
N GLY D 312 35.11 72.61 0.93
CA GLY D 312 34.03 73.54 0.69
C GLY D 312 32.67 72.90 0.44
N SER D 313 32.55 71.59 0.66
CA SER D 313 31.35 70.85 0.28
C SER D 313 30.92 69.93 1.41
N GLU D 314 30.85 70.48 2.63
CA GLU D 314 30.47 69.68 3.79
C GLU D 314 29.06 69.11 3.67
N HIS D 315 28.11 69.89 3.16
CA HIS D 315 26.72 69.45 3.17
C HIS D 315 26.47 68.29 2.22
N VAL D 316 26.98 68.40 0.97
CA VAL D 316 26.63 67.44 -0.06
C VAL D 316 27.05 66.03 0.32
N ALA D 317 28.14 65.91 1.10
CA ALA D 317 28.56 64.64 1.67
C ALA D 317 28.72 64.86 3.17
N TYR D 318 27.61 64.75 3.90
CA TYR D 318 27.61 64.96 5.34
C TYR D 318 27.48 63.64 6.10
N GLY D 319 26.66 62.73 5.59
CA GLY D 319 26.47 61.45 6.24
C GLY D 319 27.34 60.36 5.66
N ALA D 320 28.40 60.75 4.97
CA ALA D 320 29.25 59.80 4.29
C ALA D 320 29.91 58.83 5.27
N ILE D 321 30.05 57.58 4.83
CA ILE D 321 30.76 56.53 5.56
C ILE D 321 31.98 56.15 4.75
N THR D 322 33.16 56.27 5.35
CA THR D 322 34.41 56.04 4.65
C THR D 322 35.23 54.99 5.39
N LEU D 323 35.85 54.09 4.63
CA LEU D 323 36.76 53.12 5.19
C LEU D 323 38.20 53.55 4.88
N GLU D 324 39.12 53.17 5.76
CA GLU D 324 40.52 53.50 5.57
C GLU D 324 41.37 52.39 6.17
N LEU D 325 42.56 52.21 5.61
CA LEU D 325 43.49 51.20 6.12
C LEU D 325 44.08 51.69 7.43
N ALA D 326 43.60 51.13 8.54
CA ALA D 326 43.93 51.66 9.86
C ALA D 326 45.43 51.72 10.08
N SER D 327 45.87 52.71 10.85
CA SER D 327 47.28 52.94 11.06
C SER D 327 47.47 53.67 12.39
N GLN D 328 48.67 54.20 12.60
CA GLN D 328 49.02 54.90 13.82
C GLN D 328 50.06 55.98 13.49
N PRO D 329 49.65 57.24 13.42
CA PRO D 329 50.56 58.29 12.94
C PRO D 329 51.81 58.43 13.79
N VAL D 330 52.87 58.92 13.16
CA VAL D 330 54.20 59.02 13.77
C VAL D 330 54.44 60.46 14.20
N ARG D 331 54.62 60.66 15.50
CA ARG D 331 54.89 61.99 16.04
C ARG D 331 56.22 62.55 15.57
N GLN D 332 57.24 61.69 15.45
CA GLN D 332 58.55 62.16 15.00
C GLN D 332 58.45 62.79 13.62
N PHE D 333 57.73 62.15 12.71
CA PHE D 333 57.52 62.74 11.40
C PHE D 333 56.70 64.02 11.51
N ASP D 334 55.78 64.08 12.47
CA ASP D 334 55.04 65.32 12.68
C ASP D 334 55.98 66.47 12.98
N ARG D 335 56.86 66.30 13.97
CA ARG D 335 57.76 67.38 14.32
C ARG D 335 58.74 67.69 13.19
N TYR D 336 59.24 66.65 12.50
CA TYR D 336 60.14 66.90 11.39
C TYR D 336 59.46 67.73 10.30
N PHE D 337 58.28 67.29 9.87
CA PHE D 337 57.56 67.97 8.80
C PHE D 337 57.19 69.40 9.20
N GLN D 338 56.74 69.58 10.45
CA GLN D 338 56.41 70.93 10.89
C GLN D 338 57.65 71.82 10.97
N SER D 339 58.82 71.24 11.22
CA SER D 339 60.05 72.01 11.23
C SER D 339 60.47 72.48 9.84
N LEU D 340 59.83 72.00 8.79
CA LEU D 340 60.24 72.33 7.43
C LEU D 340 59.77 73.73 7.04
N ASN D 341 60.58 74.39 6.22
CA ASN D 341 60.30 75.72 5.69
C ASN D 341 60.88 75.80 4.29
N PRO D 342 60.33 76.66 3.43
CA PRO D 342 60.91 76.80 2.08
C PRO D 342 62.33 77.32 2.09
N TYR D 343 62.77 77.97 3.18
CA TYR D 343 64.16 78.40 3.27
C TYR D 343 65.08 77.22 3.56
N ASN D 344 64.64 76.28 4.38
CA ASN D 344 65.46 75.15 4.75
C ASN D 344 65.11 73.87 3.98
N ASN D 345 64.33 73.98 2.90
CA ASN D 345 63.97 72.83 2.08
C ASN D 345 64.23 73.16 0.61
N HIS D 346 65.46 72.91 0.16
CA HIS D 346 65.79 72.93 -1.26
C HIS D 346 65.76 71.55 -1.88
N ARG D 347 65.43 70.52 -1.09
CA ARG D 347 65.42 69.15 -1.57
C ARG D 347 64.19 68.86 -2.44
N ASN D 348 63.19 69.73 -2.43
CA ASN D 348 61.95 69.49 -3.17
C ASN D 348 61.78 70.53 -4.27
N PRO D 349 61.61 70.12 -5.53
CA PRO D 349 61.23 71.08 -6.57
C PRO D 349 59.82 71.63 -6.40
N TRP D 350 58.99 71.00 -5.58
CA TRP D 350 57.59 71.37 -5.45
C TRP D 350 57.28 72.10 -4.14
N PHE D 351 58.16 72.00 -3.14
CA PHE D 351 57.83 72.50 -1.81
C PHE D 351 57.44 73.98 -1.84
N ARG D 352 58.10 74.76 -2.68
CA ARG D 352 57.69 76.16 -2.85
C ARG D 352 56.27 76.25 -3.38
N ASP D 353 55.97 75.52 -4.45
CA ASP D 353 54.63 75.55 -5.00
C ASP D 353 53.63 74.91 -4.05
N PHE D 354 54.05 73.87 -3.32
CA PHE D 354 53.20 73.34 -2.27
C PHE D 354 52.84 74.39 -1.24
N TRP D 355 53.81 75.16 -0.79
CA TRP D 355 53.56 76.15 0.24
C TRP D 355 52.64 77.23 -0.29
N GLU D 356 52.91 77.71 -1.51
CA GLU D 356 52.11 78.79 -2.08
C GLU D 356 50.72 78.33 -2.51
N GLN D 357 50.50 77.01 -2.63
CA GLN D 357 49.15 76.52 -2.85
C GLN D 357 48.41 76.30 -1.54
N LYS D 358 49.05 75.64 -0.58
CA LYS D 358 48.39 75.36 0.70
C LYS D 358 48.02 76.64 1.43
N PHE D 359 48.92 77.63 1.42
CA PHE D 359 48.64 78.90 2.07
C PHE D 359 48.15 79.97 1.10
N GLN D 360 48.04 79.63 -0.19
CA GLN D 360 47.46 80.48 -1.22
C GLN D 360 48.21 81.81 -1.36
N CYS D 361 49.35 81.97 -0.68
CA CYS D 361 50.16 83.16 -0.78
C CYS D 361 51.40 82.86 -1.62
N SER D 362 51.68 83.73 -2.58
CA SER D 362 52.86 83.59 -3.42
C SER D 362 54.08 84.14 -2.70
N LEU D 363 55.23 83.55 -2.96
CA LEU D 363 56.49 84.06 -2.45
C LEU D 363 56.90 85.29 -3.27
N GLN D 364 58.15 85.71 -3.13
CA GLN D 364 58.63 86.90 -3.84
C GLN D 364 58.74 86.69 -5.34
N ASN D 365 58.34 85.53 -5.86
CA ASN D 365 58.43 85.29 -7.30
C ASN D 365 57.58 86.28 -8.08
N LYS D 366 56.32 86.46 -7.69
CA LYS D 366 55.40 87.35 -8.38
C LYS D 366 54.93 88.50 -7.50
N ARG D 367 54.48 88.19 -6.28
CA ARG D 367 54.11 89.18 -5.27
C ARG D 367 52.89 90.01 -5.67
N ASN D 368 52.16 89.59 -6.71
CA ASN D 368 50.98 90.31 -7.14
C ASN D 368 49.81 89.42 -7.53
N HIS D 369 49.94 88.10 -7.42
CA HIS D 369 48.84 87.22 -7.82
C HIS D 369 47.70 87.25 -6.81
N ARG D 370 47.96 86.76 -5.60
CA ARG D 370 46.97 86.80 -4.53
C ARG D 370 47.47 87.58 -3.33
N ARG D 371 48.63 87.23 -2.79
CA ARG D 371 49.22 87.91 -1.64
C ARG D 371 50.67 87.47 -1.54
N VAL D 372 51.34 87.90 -0.46
CA VAL D 372 52.71 87.51 -0.17
C VAL D 372 52.74 86.93 1.24
N CYS D 373 53.39 85.78 1.39
CA CYS D 373 53.45 85.12 2.69
C CYS D 373 54.27 85.94 3.67
N ASP D 374 53.78 86.03 4.90
CA ASP D 374 54.53 86.67 5.97
C ASP D 374 55.74 85.80 6.34
N LYS D 375 56.67 86.41 7.06
CA LYS D 375 57.91 85.73 7.41
C LYS D 375 57.75 84.69 8.51
N HIS D 376 56.62 84.68 9.21
CA HIS D 376 56.43 83.80 10.37
C HIS D 376 55.44 82.68 10.12
N LEU D 377 55.16 82.35 8.85
CA LEU D 377 54.22 81.28 8.56
C LEU D 377 54.74 79.94 9.04
N ALA D 378 53.83 79.08 9.50
CA ALA D 378 54.23 77.82 10.12
C ALA D 378 53.18 76.76 9.87
N ILE D 379 53.36 75.60 10.52
CA ILE D 379 52.55 74.42 10.26
C ILE D 379 51.86 73.88 11.52
N ASP D 380 52.37 74.18 12.72
CA ASP D 380 51.94 73.45 13.91
C ASP D 380 50.45 73.60 14.17
N SER D 381 50.01 74.82 14.46
CA SER D 381 48.60 75.06 14.74
C SER D 381 47.77 75.09 13.46
N SER D 382 48.40 75.26 12.30
CA SER D 382 47.69 75.29 11.04
C SER D 382 47.01 73.95 10.78
N ASN D 383 46.15 73.95 9.76
CA ASN D 383 45.39 72.75 9.40
C ASN D 383 46.34 71.74 8.77
N TYR D 384 47.13 71.10 9.62
CA TYR D 384 48.00 70.00 9.20
C TYR D 384 47.58 68.75 9.96
N GLU D 385 46.75 67.95 9.33
CA GLU D 385 46.42 66.61 9.81
C GLU D 385 47.19 65.65 8.92
N GLN D 386 48.25 65.05 9.48
CA GLN D 386 49.07 64.16 8.67
C GLN D 386 48.23 62.99 8.20
N GLU D 387 48.48 62.55 6.97
CA GLU D 387 47.66 61.51 6.38
C GLU D 387 47.74 60.24 7.21
N SER D 388 46.66 59.47 7.20
CA SER D 388 46.63 58.20 7.92
C SER D 388 47.66 57.21 7.39
N LYS D 389 47.89 57.20 6.08
CA LYS D 389 48.75 56.22 5.43
C LYS D 389 50.22 56.65 5.41
N ILE D 390 50.63 57.54 6.30
CA ILE D 390 52.02 57.94 6.35
C ILE D 390 52.90 56.81 6.86
N MET D 391 52.54 56.23 8.01
CA MET D 391 53.39 55.21 8.61
C MET D 391 53.54 54.00 7.71
N PHE D 392 52.47 53.59 7.04
CA PHE D 392 52.59 52.59 5.98
C PHE D 392 53.75 52.91 5.06
N VAL D 393 53.73 54.12 4.46
CA VAL D 393 54.84 54.57 3.63
C VAL D 393 56.15 54.29 4.34
N VAL D 394 56.30 54.83 5.55
CA VAL D 394 57.57 54.69 6.25
C VAL D 394 57.90 53.22 6.44
N ASN D 395 56.90 52.43 6.88
CA ASN D 395 57.15 51.01 7.08
C ASN D 395 57.70 50.38 5.81
N ALA D 396 57.07 50.69 4.68
CA ALA D 396 57.55 50.18 3.39
C ALA D 396 59.05 50.40 3.28
N VAL D 397 59.50 51.65 3.42
CA VAL D 397 60.92 51.93 3.23
C VAL D 397 61.75 51.12 4.20
N TYR D 398 61.37 51.12 5.49
CA TYR D 398 62.14 50.35 6.46
C TYR D 398 62.17 48.88 6.08
N ALA D 399 61.04 48.32 5.66
CA ALA D 399 61.08 46.93 5.20
C ALA D 399 62.16 46.76 4.16
N MET D 400 62.13 47.59 3.11
CA MET D 400 63.17 47.53 2.09
C MET D 400 64.54 47.66 2.74
N ALA D 401 64.70 48.68 3.60
CA ALA D 401 65.98 48.85 4.28
C ALA D 401 66.40 47.58 4.97
N HIS D 402 65.51 47.00 5.79
CA HIS D 402 65.88 45.80 6.51
C HIS D 402 66.27 44.69 5.55
N ALA D 403 65.51 44.55 4.45
CA ALA D 403 65.87 43.54 3.46
C ALA D 403 67.30 43.76 3.00
N LEU D 404 67.61 45.00 2.57
CA LEU D 404 68.98 45.30 2.18
C LEU D 404 69.95 44.97 3.30
N HIS D 405 69.62 45.39 4.52
CA HIS D 405 70.45 45.06 5.66
C HIS D 405 70.69 43.57 5.75
N LYS D 406 69.62 42.77 5.71
CA LYS D 406 69.78 41.33 5.76
C LYS D 406 70.62 40.86 4.59
N MET D 407 70.36 41.37 3.39
CA MET D 407 71.16 40.99 2.24
C MET D 407 72.62 41.37 2.46
N GLN D 408 72.86 42.55 3.03
CA GLN D 408 74.23 42.94 3.35
C GLN D 408 74.83 41.97 4.35
N ARG D 409 74.05 41.55 5.34
CA ARG D 409 74.56 40.59 6.31
C ARG D 409 74.78 39.22 5.70
N THR D 410 74.27 38.97 4.49
CA THR D 410 74.47 37.71 3.82
C THR D 410 75.51 37.80 2.72
N LEU D 411 75.33 38.73 1.77
CA LEU D 411 76.24 38.80 0.63
C LEU D 411 77.63 39.29 1.05
N CYS D 412 77.69 40.28 1.92
CA CYS D 412 78.96 40.87 2.35
C CYS D 412 78.97 41.05 3.86
N PRO D 413 79.00 39.94 4.63
CA PRO D 413 79.00 40.06 6.09
C PRO D 413 80.36 40.37 6.70
N ASN D 414 81.44 40.25 5.93
CA ASN D 414 82.77 40.50 6.49
C ASN D 414 82.95 41.95 6.88
N THR D 415 82.44 42.88 6.05
CA THR D 415 82.59 44.30 6.29
C THR D 415 81.27 44.99 6.01
N THR D 416 81.11 46.19 6.56
CA THR D 416 79.90 46.99 6.35
C THR D 416 80.03 47.86 5.11
N LYS D 417 80.40 47.23 3.99
CA LYS D 417 80.64 47.89 2.72
C LYS D 417 79.80 47.25 1.62
N LEU D 418 79.77 47.92 0.48
CA LEU D 418 79.11 47.41 -0.72
C LEU D 418 80.17 46.76 -1.59
N CYS D 419 80.64 45.60 -1.14
CA CYS D 419 81.75 44.92 -1.79
C CYS D 419 81.29 44.25 -3.09
N ASP D 420 82.18 43.47 -3.70
CA ASP D 420 81.89 42.88 -5.02
C ASP D 420 80.66 42.00 -4.99
N ALA D 421 80.45 41.26 -3.90
CA ALA D 421 79.26 40.44 -3.79
C ALA D 421 77.99 41.29 -3.81
N MET D 422 78.02 42.44 -3.15
CA MET D 422 76.83 43.27 -3.00
C MET D 422 76.76 44.41 -4.02
N LYS D 423 77.89 44.83 -4.60
CA LYS D 423 77.87 45.97 -5.51
C LYS D 423 77.03 45.69 -6.76
N ILE D 424 76.75 44.43 -7.06
CA ILE D 424 75.77 44.07 -8.07
C ILE D 424 74.49 43.68 -7.34
N LEU D 425 73.37 44.29 -7.72
CA LEU D 425 72.11 44.02 -7.06
C LEU D 425 71.52 42.73 -7.60
N ASP D 426 71.26 41.78 -6.70
CA ASP D 426 70.58 40.54 -7.05
C ASP D 426 69.09 40.73 -6.73
N GLY D 427 68.41 41.44 -7.63
CA GLY D 427 67.03 41.82 -7.37
C GLY D 427 66.12 40.63 -7.14
N LYS D 428 66.30 39.57 -7.93
CA LYS D 428 65.51 38.36 -7.72
C LYS D 428 65.74 37.77 -6.35
N LYS D 429 67.01 37.57 -5.98
CA LYS D 429 67.32 37.00 -4.67
C LYS D 429 66.95 37.94 -3.55
N LEU D 430 67.21 39.24 -3.72
CA LEU D 430 66.85 40.22 -2.70
C LEU D 430 65.35 40.19 -2.44
N TYR D 431 64.54 40.15 -3.51
CA TYR D 431 63.10 40.14 -3.34
C TYR D 431 62.63 38.83 -2.71
N LYS D 432 63.10 37.68 -3.22
CA LYS D 432 62.55 36.39 -2.81
C LYS D 432 63.06 35.92 -1.45
N ASP D 433 64.24 36.33 -1.03
CA ASP D 433 64.82 35.80 0.20
C ASP D 433 64.90 36.80 1.33
N TYR D 434 64.87 38.09 1.04
CA TYR D 434 64.95 39.11 2.08
C TYR D 434 63.70 39.98 2.15
N LEU D 435 63.22 40.48 1.03
CA LEU D 435 62.03 41.34 1.05
C LEU D 435 60.80 40.57 1.52
N LEU D 436 60.41 39.52 0.78
CA LEU D 436 59.16 38.84 1.10
C LEU D 436 59.17 38.27 2.51
N LYS D 437 60.30 37.72 2.94
CA LYS D 437 60.46 37.23 4.30
C LYS D 437 61.20 38.32 5.08
N ILE D 438 60.43 39.26 5.62
CA ILE D 438 60.96 40.23 6.57
C ILE D 438 60.04 40.26 7.78
N ASN D 439 60.62 40.02 8.96
CA ASN D 439 59.88 40.00 10.22
C ASN D 439 60.65 40.87 11.21
N PHE D 440 60.33 42.15 11.23
CA PHE D 440 60.96 43.08 12.16
C PHE D 440 59.88 43.91 12.83
N THR D 441 60.13 44.30 14.08
CA THR D 441 59.15 45.03 14.86
C THR D 441 58.89 46.40 14.23
N ALA D 442 57.73 46.96 14.57
CA ALA D 442 57.37 48.26 14.03
C ALA D 442 58.38 49.32 14.48
N PRO D 443 58.56 50.37 13.68
CA PRO D 443 59.55 51.40 14.05
C PRO D 443 59.26 52.07 15.37
N PHE D 444 58.03 51.99 15.87
CA PHE D 444 57.61 52.62 17.10
C PHE D 444 56.81 51.64 17.96
N ASN D 445 57.36 50.43 18.13
CA ASN D 445 56.83 49.52 19.13
C ASN D 445 56.87 50.09 20.55
N PRO D 446 57.73 51.05 20.89
CA PRO D 446 57.49 51.82 22.12
C PRO D 446 56.05 52.30 22.25
N ASN D 447 55.46 52.78 21.16
CA ASN D 447 54.03 53.03 21.15
C ASN D 447 53.27 51.70 21.14
N LYS D 448 52.08 51.71 21.73
CA LYS D 448 51.29 50.48 21.84
C LYS D 448 50.91 49.95 20.46
N ASP D 449 51.47 48.80 20.08
CA ASP D 449 51.19 48.23 18.76
C ASP D 449 51.27 46.70 18.88
N ALA D 450 50.11 46.06 19.00
CA ALA D 450 50.06 44.61 18.91
C ALA D 450 50.48 44.14 17.52
N ASP D 451 50.14 44.91 16.49
CA ASP D 451 50.57 44.64 15.12
C ASP D 451 51.88 45.34 14.81
N SER D 452 52.86 45.15 15.68
CA SER D 452 54.19 45.71 15.45
C SER D 452 54.92 44.94 14.36
N ILE D 453 54.70 43.63 14.28
CA ILE D 453 55.40 42.80 13.31
C ILE D 453 54.91 43.14 11.91
N VAL D 454 55.83 43.51 11.03
CA VAL D 454 55.50 43.76 9.63
C VAL D 454 55.67 42.42 8.92
N LYS D 455 54.63 41.60 9.00
CA LYS D 455 54.66 40.27 8.41
C LYS D 455 53.83 40.24 7.14
N PHE D 456 54.49 39.90 6.03
CA PHE D 456 53.81 39.78 4.75
C PHE D 456 53.20 38.39 4.64
N ASP D 457 52.15 38.29 3.84
CA ASP D 457 51.58 37.00 3.50
C ASP D 457 52.42 36.37 2.39
N THR D 458 51.98 35.21 1.89
CA THR D 458 52.71 34.57 0.80
C THR D 458 52.72 35.43 -0.45
N PHE D 459 51.78 36.38 -0.55
CA PHE D 459 51.67 37.26 -1.70
C PHE D 459 52.17 38.67 -1.43
N GLY D 460 52.91 38.88 -0.34
CA GLY D 460 53.46 40.19 -0.05
C GLY D 460 52.44 41.27 0.27
N ASP D 461 51.46 40.95 1.12
CA ASP D 461 50.47 41.92 1.55
C ASP D 461 50.50 42.06 3.06
N GLY D 462 49.98 43.18 3.55
CA GLY D 462 49.94 43.43 4.97
C GLY D 462 48.69 42.90 5.64
N MET D 463 48.55 43.23 6.92
CA MET D 463 47.40 42.80 7.70
C MET D 463 46.15 43.55 7.27
N GLY D 464 45.01 42.87 7.33
CA GLY D 464 43.73 43.49 7.08
C GLY D 464 43.11 44.04 8.34
N ARG D 465 43.18 45.35 8.52
CA ARG D 465 42.75 46.00 9.76
C ARG D 465 42.35 47.42 9.40
N TYR D 466 41.06 47.72 9.50
CA TYR D 466 40.50 48.93 8.91
C TYR D 466 39.85 49.80 9.96
N ASN D 467 39.73 51.08 9.63
CA ASN D 467 39.00 52.06 10.42
C ASN D 467 37.83 52.59 9.60
N VAL D 468 36.74 52.91 10.30
CA VAL D 468 35.52 53.41 9.68
C VAL D 468 35.27 54.82 10.22
N PHE D 469 34.90 55.73 9.32
CA PHE D 469 34.71 57.13 9.68
C PHE D 469 33.39 57.63 9.13
N ASN D 470 32.82 58.62 9.80
CA ASN D 470 31.69 59.38 9.30
C ASN D 470 32.00 60.87 9.41
N PHE D 471 31.55 61.63 8.42
CA PHE D 471 31.82 63.06 8.37
C PHE D 471 30.85 63.83 9.24
N GLN D 472 30.93 63.65 10.56
CA GLN D 472 29.96 64.26 11.44
C GLN D 472 30.37 65.69 11.80
N ASN D 473 29.41 66.44 12.34
CA ASN D 473 29.60 67.84 12.66
C ASN D 473 30.14 67.99 14.08
N VAL D 474 31.17 68.83 14.24
CA VAL D 474 31.72 69.16 15.55
C VAL D 474 31.78 70.66 15.79
N GLY D 475 32.26 71.44 14.82
CA GLY D 475 32.49 72.85 15.05
C GLY D 475 32.22 73.76 13.86
N GLY D 476 31.30 73.35 12.99
CA GLY D 476 31.00 74.13 11.81
C GLY D 476 31.92 73.81 10.65
N LYS D 477 33.23 73.96 10.87
CA LYS D 477 34.23 73.49 9.92
C LYS D 477 34.66 72.07 10.27
N TYR D 478 33.68 71.17 10.36
CA TYR D 478 33.88 69.86 10.94
C TYR D 478 34.66 68.93 10.01
N SER D 479 35.09 67.80 10.57
CA SER D 479 35.94 66.85 9.89
C SER D 479 35.54 65.44 10.31
N TYR D 480 36.30 64.45 9.86
CA TYR D 480 36.08 63.07 10.24
C TYR D 480 36.56 62.81 11.67
N LEU D 481 36.11 61.67 12.21
CA LEU D 481 36.76 61.05 13.35
C LEU D 481 36.30 59.59 13.41
N LYS D 482 37.15 58.75 14.01
CA LYS D 482 36.92 57.31 13.97
C LYS D 482 35.60 56.92 14.63
N VAL D 483 34.76 56.22 13.88
CA VAL D 483 33.49 55.72 14.39
C VAL D 483 33.51 54.21 14.61
N GLY D 484 34.65 53.55 14.46
CA GLY D 484 34.74 52.13 14.66
C GLY D 484 35.93 51.56 13.94
N HIS D 485 36.25 50.32 14.29
CA HIS D 485 37.35 49.58 13.69
C HIS D 485 36.90 48.17 13.34
N TRP D 486 37.66 47.53 12.46
CA TRP D 486 37.24 46.25 11.89
C TRP D 486 38.46 45.39 11.62
N ALA D 487 38.48 44.16 12.14
CA ALA D 487 39.42 43.15 11.68
C ALA D 487 38.75 42.11 10.82
N GLU D 488 37.74 41.41 11.36
CA GLU D 488 36.78 40.67 10.57
C GLU D 488 35.35 40.80 11.09
N THR D 489 35.16 41.30 12.31
CA THR D 489 33.85 41.56 12.86
C THR D 489 33.75 43.05 13.18
N LEU D 490 32.65 43.67 12.75
CA LEU D 490 32.51 45.11 12.86
C LEU D 490 32.51 45.54 14.32
N SER D 491 32.91 46.80 14.55
CA SER D 491 32.88 47.39 15.88
C SER D 491 32.36 48.82 15.80
N LEU D 492 31.35 49.05 14.96
CA LEU D 492 30.75 50.36 14.84
C LEU D 492 30.06 50.76 16.13
N ASP D 493 29.77 52.06 16.26
CA ASP D 493 28.95 52.58 17.34
C ASP D 493 27.86 53.44 16.70
N VAL D 494 26.64 52.93 16.71
CA VAL D 494 25.52 53.63 16.08
C VAL D 494 25.30 54.99 16.75
N ASN D 495 25.54 55.08 18.06
CA ASN D 495 25.29 56.33 18.79
C ASN D 495 26.12 57.47 18.23
N SER D 496 27.38 57.21 17.88
CA SER D 496 28.32 58.26 17.50
C SER D 496 28.32 58.56 16.01
N ILE D 497 27.38 58.01 15.24
CA ILE D 497 27.41 58.19 13.80
C ILE D 497 27.02 59.62 13.44
N HIS D 498 25.93 60.13 14.02
CA HIS D 498 25.41 61.46 13.71
C HIS D 498 25.13 61.60 12.21
N TRP D 499 24.09 60.89 11.79
CA TRP D 499 23.79 60.65 10.38
C TRP D 499 23.43 61.92 9.63
N SER D 500 23.22 61.79 8.31
CA SER D 500 22.95 62.95 7.47
C SER D 500 21.56 63.51 7.72
N ARG D 501 20.52 62.72 7.46
CA ARG D 501 19.17 63.21 7.68
C ARG D 501 18.75 62.97 9.13
N ASN D 502 19.64 63.29 10.07
CA ASN D 502 19.41 63.14 11.51
C ASN D 502 18.73 61.81 11.86
N SER D 503 18.93 60.79 11.04
CA SER D 503 18.18 59.54 11.18
C SER D 503 18.91 58.44 10.42
N VAL D 504 18.66 57.20 10.83
CA VAL D 504 19.24 56.04 10.15
C VAL D 504 18.73 56.00 8.72
N PRO D 505 19.61 56.01 7.72
CA PRO D 505 19.14 55.90 6.34
C PRO D 505 18.48 54.56 6.09
N THR D 506 17.20 54.61 5.72
CA THR D 506 16.44 53.41 5.40
C THR D 506 16.49 53.18 3.88
N SER D 507 17.72 53.05 3.38
CA SER D 507 17.91 52.80 1.96
C SER D 507 17.39 51.44 1.54
N GLN D 508 17.10 50.57 2.49
CA GLN D 508 16.53 49.26 2.18
C GLN D 508 15.22 49.44 1.42
N CYS D 509 14.96 48.50 0.51
CA CYS D 509 13.70 48.51 -0.24
C CYS D 509 12.59 48.00 0.66
N SER D 510 11.44 47.68 0.06
CA SER D 510 10.16 47.61 0.78
C SER D 510 10.25 46.86 2.10
N ASP D 511 10.53 45.56 2.06
CA ASP D 511 10.60 44.73 3.24
C ASP D 511 11.02 43.33 2.83
N PRO D 512 11.56 42.54 3.76
CA PRO D 512 11.67 41.10 3.51
C PRO D 512 10.28 40.52 3.33
N CYS D 513 9.99 40.07 2.11
CA CYS D 513 8.61 39.87 1.69
C CYS D 513 7.92 38.75 2.48
N ALA D 514 8.69 37.78 2.97
CA ALA D 514 8.15 36.62 3.70
C ALA D 514 7.10 35.92 2.86
N PRO D 515 7.51 35.16 1.83
CA PRO D 515 6.52 34.48 0.98
C PRO D 515 5.66 33.47 1.73
N ASN D 516 6.05 33.06 2.94
CA ASN D 516 5.24 32.15 3.72
C ASN D 516 3.86 32.72 4.05
N GLU D 517 3.74 34.04 4.10
CA GLU D 517 2.46 34.71 4.34
C GLU D 517 2.05 35.61 3.19
N MET D 518 3.01 36.13 2.42
CA MET D 518 2.73 36.95 1.25
C MET D 518 3.86 36.75 0.26
N LYS D 519 3.54 36.14 -0.88
CA LYS D 519 4.57 35.82 -1.86
C LYS D 519 5.16 37.09 -2.47
N ASN D 520 6.27 36.92 -3.17
CA ASN D 520 7.03 38.06 -3.69
C ASN D 520 6.90 38.08 -5.20
N MET D 521 6.86 39.29 -5.77
CA MET D 521 6.78 39.45 -7.21
C MET D 521 7.57 40.67 -7.65
N GLN D 522 8.04 40.65 -8.90
CA GLN D 522 8.85 41.71 -9.49
C GLN D 522 8.22 42.12 -10.82
N PRO D 523 7.24 43.01 -10.78
CA PRO D 523 6.53 43.36 -12.02
C PRO D 523 7.42 44.06 -13.04
N GLY D 524 8.00 45.18 -12.64
CA GLY D 524 9.01 45.87 -13.43
C GLY D 524 10.19 46.19 -12.55
N ASP D 525 10.02 45.92 -11.25
CA ASP D 525 11.05 46.18 -10.24
C ASP D 525 11.88 44.92 -10.09
N VAL D 526 12.85 44.75 -10.99
CA VAL D 526 13.69 43.56 -10.97
C VAL D 526 14.54 43.52 -9.71
N CYS D 527 14.96 44.69 -9.21
CA CYS D 527 15.86 44.75 -8.06
C CYS D 527 15.22 44.13 -6.81
N CYS D 528 14.14 44.73 -6.32
CA CYS D 528 13.47 44.24 -5.12
C CYS D 528 12.04 43.81 -5.45
N TRP D 529 11.36 43.27 -4.45
CA TRP D 529 10.08 42.61 -4.62
C TRP D 529 8.94 43.44 -4.05
N ILE D 530 7.73 42.99 -4.34
CA ILE D 530 6.49 43.52 -3.77
C ILE D 530 5.67 42.31 -3.33
N CYS D 531 5.04 42.42 -2.16
CA CYS D 531 4.35 41.29 -1.57
C CYS D 531 2.90 41.23 -2.02
N ILE D 532 2.40 40.01 -2.20
CA ILE D 532 1.00 39.76 -2.52
C ILE D 532 0.54 38.67 -1.56
N PRO D 533 -0.48 38.91 -0.72
CA PRO D 533 -0.88 37.90 0.26
C PRO D 533 -1.38 36.63 -0.40
N CYS D 534 -0.64 35.54 -0.22
CA CYS D 534 -1.01 34.27 -0.82
C CYS D 534 -2.30 33.75 -0.23
N GLU D 535 -3.09 33.08 -1.06
CA GLU D 535 -4.41 32.63 -0.65
C GLU D 535 -4.27 31.54 0.42
N PRO D 536 -5.20 31.50 1.39
CA PRO D 536 -5.15 30.42 2.39
C PRO D 536 -5.33 29.04 1.80
N TYR D 537 -5.91 28.93 0.61
CA TYR D 537 -6.11 27.65 -0.06
C TYR D 537 -5.02 27.34 -1.07
N GLU D 538 -3.91 28.08 -1.04
CA GLU D 538 -2.80 27.85 -1.96
C GLU D 538 -1.49 27.79 -1.21
N TYR D 539 -0.59 26.93 -1.69
CA TYR D 539 0.75 26.79 -1.14
C TYR D 539 1.77 27.34 -2.13
N LEU D 540 2.66 28.20 -1.65
CA LEU D 540 3.72 28.77 -2.47
C LEU D 540 4.87 27.78 -2.52
N ALA D 541 4.83 26.86 -3.49
CA ALA D 541 5.93 25.92 -3.66
C ALA D 541 7.23 26.65 -3.95
N ASP D 542 7.21 27.58 -4.89
CA ASP D 542 8.27 28.53 -5.10
C ASP D 542 7.85 29.87 -4.53
N GLU D 543 8.83 30.71 -4.19
CA GLU D 543 8.50 32.03 -3.66
C GLU D 543 7.71 32.86 -4.66
N PHE D 544 8.09 32.82 -5.94
CA PHE D 544 7.42 33.58 -6.98
C PHE D 544 6.16 32.90 -7.50
N THR D 545 5.75 31.78 -6.90
CA THR D 545 4.66 30.99 -7.47
C THR D 545 3.87 30.34 -6.33
N CYS D 546 2.68 30.89 -6.06
CA CYS D 546 1.72 30.22 -5.19
C CYS D 546 0.96 29.17 -6.00
N MET D 547 0.70 28.02 -5.38
CA MET D 547 0.06 26.90 -6.06
C MET D 547 -1.08 26.38 -5.21
N ASP D 548 -2.22 26.12 -5.86
CA ASP D 548 -3.40 25.57 -5.20
C ASP D 548 -3.27 24.04 -5.17
N CYS D 549 -3.44 23.46 -3.98
CA CYS D 549 -3.30 22.02 -3.82
C CYS D 549 -4.54 21.25 -4.26
N GLY D 550 -5.60 21.94 -4.66
CA GLY D 550 -6.80 21.29 -5.14
C GLY D 550 -7.87 21.22 -4.05
N SER D 551 -9.05 20.77 -4.46
CA SER D 551 -10.14 20.58 -3.51
C SER D 551 -9.85 19.41 -2.56
N GLY D 552 -9.33 18.32 -3.11
CA GLY D 552 -9.06 17.15 -2.27
C GLY D 552 -8.02 17.40 -1.21
N GLN D 553 -7.00 18.20 -1.54
CA GLN D 553 -5.91 18.52 -0.63
C GLN D 553 -6.06 19.95 -0.13
N TRP D 554 -5.08 20.39 0.66
CA TRP D 554 -5.12 21.71 1.25
C TRP D 554 -3.70 22.09 1.65
N PRO D 555 -3.29 23.34 1.46
CA PRO D 555 -1.93 23.73 1.83
C PRO D 555 -1.75 23.78 3.33
N THR D 556 -0.63 23.24 3.80
CA THR D 556 -0.34 23.25 5.23
C THR D 556 -0.13 24.68 5.72
N ALA D 557 -0.33 24.86 7.02
CA ALA D 557 -0.19 26.18 7.63
C ALA D 557 1.27 26.59 7.82
N ASP D 558 2.20 25.65 7.67
CA ASP D 558 3.62 25.95 7.75
C ASP D 558 4.20 26.41 6.43
N LEU D 559 3.37 26.50 5.38
CA LEU D 559 3.82 26.90 4.04
C LEU D 559 4.96 26.02 3.54
N THR D 560 4.85 24.72 3.82
CA THR D 560 5.85 23.75 3.39
C THR D 560 5.34 22.76 2.35
N GLY D 561 4.03 22.58 2.22
CA GLY D 561 3.51 21.64 1.25
C GLY D 561 2.00 21.53 1.35
N CYS D 562 1.47 20.42 0.84
CA CYS D 562 0.05 20.16 0.82
C CYS D 562 -0.25 18.82 1.48
N TYR D 563 -1.41 18.75 2.14
CA TYR D 563 -1.82 17.56 2.85
C TYR D 563 -3.27 17.24 2.50
N ASP D 564 -3.65 15.98 2.73
CA ASP D 564 -5.04 15.56 2.52
C ASP D 564 -5.95 16.30 3.49
N LEU D 565 -6.92 17.02 2.96
CA LEU D 565 -7.73 17.92 3.76
C LEU D 565 -8.52 17.14 4.82
N PRO D 566 -8.78 17.74 5.98
CA PRO D 566 -9.48 17.02 7.05
C PRO D 566 -10.89 16.62 6.65
N GLU D 567 -11.32 15.47 7.16
CA GLU D 567 -12.59 14.87 6.81
C GLU D 567 -13.66 15.16 7.85
N ASP D 568 -14.92 15.07 7.43
CA ASP D 568 -16.07 15.32 8.28
C ASP D 568 -17.11 14.24 8.06
N TYR D 569 -17.75 13.81 9.14
CA TYR D 569 -18.83 12.83 9.08
C TYR D 569 -19.58 12.86 10.40
N ILE D 570 -20.78 12.27 10.38
CA ILE D 570 -21.64 12.26 11.57
C ILE D 570 -21.09 11.26 12.58
N ARG D 571 -21.06 11.66 13.84
CA ARG D 571 -20.44 10.88 14.90
C ARG D 571 -21.33 10.85 16.12
N TRP D 572 -20.92 10.07 17.13
CA TRP D 572 -21.67 9.87 18.36
C TRP D 572 -21.16 10.74 19.50
N GLU D 573 -20.35 11.76 19.21
CA GLU D 573 -19.60 12.46 20.25
C GLU D 573 -20.48 13.06 21.33
N ASP D 574 -21.24 14.10 21.00
CA ASP D 574 -22.06 14.79 21.99
C ASP D 574 -23.55 14.75 21.66
N ALA D 575 -23.94 15.16 20.45
CA ALA D 575 -25.35 15.35 20.14
C ALA D 575 -25.73 14.72 18.81
N TRP D 576 -26.93 15.06 18.33
CA TRP D 576 -27.45 14.64 17.03
C TRP D 576 -27.69 13.14 16.94
N ALA D 577 -26.63 12.34 16.97
CA ALA D 577 -26.75 10.90 16.75
C ALA D 577 -27.35 10.15 17.95
N ILE D 578 -27.27 10.73 19.15
CA ILE D 578 -27.68 10.00 20.36
C ILE D 578 -29.16 9.65 20.29
N GLY D 579 -29.99 10.58 19.84
CA GLY D 579 -31.42 10.37 19.74
C GLY D 579 -31.80 9.20 18.87
N PRO D 580 -31.43 9.25 17.59
CA PRO D 580 -31.70 8.11 16.69
C PRO D 580 -31.05 6.81 17.15
N VAL D 581 -29.85 6.86 17.73
CA VAL D 581 -29.24 5.61 18.19
C VAL D 581 -30.05 4.99 19.32
N THR D 582 -30.48 5.82 20.29
CA THR D 582 -31.29 5.30 21.39
C THR D 582 -32.65 4.81 20.88
N ILE D 583 -33.23 5.50 19.89
CA ILE D 583 -34.50 5.06 19.33
C ILE D 583 -34.34 3.69 18.67
N ALA D 584 -33.28 3.51 17.89
CA ALA D 584 -33.03 2.21 17.26
C ALA D 584 -32.80 1.12 18.30
N CYS D 585 -32.06 1.43 19.36
CA CYS D 585 -31.82 0.44 20.41
C CYS D 585 -33.14 0.05 21.10
N LEU D 586 -33.99 1.03 21.38
CA LEU D 586 -35.28 0.74 22.00
C LEU D 586 -36.15 -0.10 21.08
N GLY D 587 -36.15 0.22 19.78
CA GLY D 587 -36.90 -0.59 18.83
C GLY D 587 -36.41 -2.02 18.77
N PHE D 588 -35.10 -2.21 18.77
CA PHE D 588 -34.56 -3.57 18.76
C PHE D 588 -34.88 -4.31 20.06
N MET D 589 -34.89 -3.59 21.18
CA MET D 589 -35.27 -4.21 22.45
C MET D 589 -36.73 -4.66 22.42
N CYS D 590 -37.60 -3.83 21.87
CA CYS D 590 -39.00 -4.23 21.71
C CYS D 590 -39.13 -5.42 20.78
N THR D 591 -38.34 -5.43 19.70
CA THR D 591 -38.35 -6.57 18.78
C THR D 591 -37.94 -7.85 19.49
N CYS D 592 -36.89 -7.78 20.31
CA CYS D 592 -36.44 -8.97 21.04
C CYS D 592 -37.48 -9.41 22.07
N MET D 593 -38.13 -8.45 22.71
CA MET D 593 -39.19 -8.80 23.67
C MET D 593 -40.33 -9.52 22.97
N VAL D 594 -40.70 -9.07 21.76
CA VAL D 594 -41.75 -9.73 21.01
C VAL D 594 -41.28 -11.12 20.54
N VAL D 595 -40.01 -11.22 20.16
CA VAL D 595 -39.41 -12.47 19.69
C VAL D 595 -39.48 -13.52 20.79
N THR D 596 -39.14 -13.12 22.02
CA THR D 596 -39.17 -14.07 23.13
C THR D 596 -40.60 -14.56 23.38
N VAL D 597 -41.58 -13.66 23.32
CA VAL D 597 -42.97 -14.06 23.53
C VAL D 597 -43.41 -15.03 22.44
N PHE D 598 -43.07 -14.74 21.18
CA PHE D 598 -43.48 -15.65 20.10
C PHE D 598 -42.80 -17.00 20.19
N ILE D 599 -41.51 -17.03 20.56
CA ILE D 599 -40.82 -18.31 20.62
C ILE D 599 -41.16 -19.10 21.87
N LYS D 600 -41.71 -18.46 22.89
CA LYS D 600 -42.15 -19.19 24.08
C LYS D 600 -43.58 -19.71 23.94
N HIS D 601 -44.50 -18.85 23.51
CA HIS D 601 -45.89 -19.24 23.28
C HIS D 601 -46.11 -19.55 21.80
N ASN D 602 -45.47 -20.63 21.35
CA ASN D 602 -45.45 -20.96 19.93
C ASN D 602 -46.76 -21.59 19.45
N ASN D 603 -47.39 -22.43 20.25
CA ASN D 603 -48.47 -23.30 19.77
C ASN D 603 -49.86 -22.70 19.94
N THR D 604 -49.97 -21.46 20.42
CA THR D 604 -51.28 -20.84 20.53
C THR D 604 -51.87 -20.62 19.14
N PRO D 605 -53.19 -20.78 18.98
CA PRO D 605 -53.78 -20.71 17.62
C PRO D 605 -53.56 -19.38 16.93
N LEU D 606 -53.42 -18.28 17.68
CA LEU D 606 -53.17 -16.99 17.05
C LEU D 606 -51.85 -17.01 16.28
N VAL D 607 -50.80 -17.56 16.88
CA VAL D 607 -49.52 -17.67 16.19
C VAL D 607 -49.64 -18.60 14.99
N LYS D 608 -50.35 -19.72 15.16
CA LYS D 608 -50.48 -20.70 14.08
C LYS D 608 -51.19 -20.09 12.86
N ALA D 609 -52.26 -19.34 13.09
CA ALA D 609 -53.08 -18.82 12.00
C ALA D 609 -52.60 -17.47 11.47
N SER D 610 -51.56 -16.88 12.06
CA SER D 610 -51.06 -15.59 11.63
C SER D 610 -49.68 -15.69 10.96
N GLY D 611 -49.31 -16.86 10.47
CA GLY D 611 -48.03 -17.02 9.83
C GLY D 611 -46.86 -16.97 10.80
N ARG D 612 -46.72 -18.03 11.61
CA ARG D 612 -45.61 -18.11 12.55
C ARG D 612 -44.27 -17.98 11.84
N GLU D 613 -44.12 -18.68 10.71
CA GLU D 613 -42.92 -18.50 9.89
C GLU D 613 -42.80 -17.07 9.38
N LEU D 614 -43.92 -16.48 8.94
CA LEU D 614 -43.90 -15.09 8.51
C LEU D 614 -43.60 -14.17 9.68
N CYS D 615 -44.11 -14.49 10.87
CA CYS D 615 -43.81 -13.68 12.04
C CYS D 615 -42.31 -13.68 12.33
N TYR D 616 -41.69 -14.86 12.32
CA TYR D 616 -40.25 -14.94 12.59
C TYR D 616 -39.44 -14.24 11.50
N ILE D 617 -39.83 -14.39 10.23
CA ILE D 617 -39.07 -13.74 9.16
C ILE D 617 -39.24 -12.22 9.24
N LEU D 618 -40.42 -11.73 9.63
CA LEU D 618 -40.60 -10.29 9.79
C LEU D 618 -39.80 -9.77 10.97
N LEU D 619 -39.72 -10.54 12.05
CA LEU D 619 -38.86 -10.17 13.17
C LEU D 619 -37.39 -10.11 12.73
N PHE D 620 -36.97 -11.06 11.89
CA PHE D 620 -35.62 -11.02 11.34
C PHE D 620 -35.38 -9.76 10.53
N GLY D 621 -36.33 -9.40 9.66
CA GLY D 621 -36.18 -8.19 8.86
C GLY D 621 -36.13 -6.94 9.71
N VAL D 622 -36.98 -6.86 10.73
CA VAL D 622 -36.97 -5.71 11.63
C VAL D 622 -35.65 -5.63 12.39
N GLY D 623 -35.14 -6.78 12.84
CA GLY D 623 -33.85 -6.80 13.50
C GLY D 623 -32.73 -6.31 12.61
N LEU D 624 -32.73 -6.72 11.34
CA LEU D 624 -31.72 -6.23 10.40
C LEU D 624 -31.86 -4.73 10.19
N SER D 625 -33.10 -4.24 10.06
CA SER D 625 -33.32 -2.81 9.89
C SER D 625 -32.80 -2.02 11.08
N TYR D 626 -32.96 -2.56 12.29
CA TYR D 626 -32.44 -1.87 13.47
C TYR D 626 -30.94 -2.01 13.61
N CYS D 627 -30.35 -3.11 13.13
CA CYS D 627 -28.91 -3.27 13.22
C CYS D 627 -28.17 -2.41 12.20
N MET D 628 -28.79 -2.10 11.07
CA MET D 628 -28.14 -1.21 10.11
C MET D 628 -28.07 0.24 10.59
N THR D 629 -28.82 0.59 11.64
CA THR D 629 -28.77 1.95 12.17
C THR D 629 -27.38 2.25 12.74
N PHE D 630 -26.77 1.27 13.41
CA PHE D 630 -25.40 1.45 13.91
C PHE D 630 -24.43 1.70 12.76
N PHE D 631 -24.61 0.99 11.65
CA PHE D 631 -23.74 1.18 10.50
C PHE D 631 -24.02 2.48 9.77
N PHE D 632 -25.18 3.09 9.99
CA PHE D 632 -25.43 4.41 9.40
C PHE D 632 -24.47 5.46 9.95
N ILE D 633 -24.25 5.48 11.26
CA ILE D 633 -23.48 6.53 11.91
C ILE D 633 -22.22 5.90 12.48
N ALA D 634 -21.10 6.11 11.78
CA ALA D 634 -19.78 5.65 12.20
C ALA D 634 -18.76 6.31 11.29
N LYS D 635 -17.50 5.93 11.44
CA LYS D 635 -16.48 6.42 10.53
C LYS D 635 -16.71 5.79 9.17
N PRO D 636 -16.99 6.58 8.13
CA PRO D 636 -17.38 6.00 6.83
C PRO D 636 -16.18 5.38 6.13
N SER D 637 -16.32 4.09 5.81
CA SER D 637 -15.34 3.33 5.07
C SER D 637 -16.07 2.58 3.96
N PRO D 638 -15.36 2.18 2.90
CA PRO D 638 -16.02 1.37 1.86
C PRO D 638 -16.63 0.10 2.42
N VAL D 639 -16.00 -0.51 3.43
CA VAL D 639 -16.58 -1.66 4.09
C VAL D 639 -17.91 -1.30 4.73
N ILE D 640 -17.97 -0.17 5.44
CA ILE D 640 -19.19 0.21 6.14
C ILE D 640 -20.27 0.63 5.14
N CYS D 641 -19.89 1.32 4.06
CA CYS D 641 -20.88 1.66 3.05
C CYS D 641 -21.46 0.41 2.41
N ALA D 642 -20.62 -0.57 2.07
CA ALA D 642 -21.10 -1.81 1.50
C ALA D 642 -22.03 -2.54 2.47
N LEU D 643 -21.62 -2.62 3.74
CA LEU D 643 -22.43 -3.31 4.74
C LEU D 643 -23.79 -2.65 4.90
N ARG D 644 -23.80 -1.31 4.96
CA ARG D 644 -25.06 -0.61 5.23
C ARG D 644 -25.98 -0.65 4.02
N ARG D 645 -25.43 -0.54 2.80
CA ARG D 645 -26.29 -0.64 1.62
C ARG D 645 -26.87 -2.05 1.50
N LEU D 646 -26.06 -3.08 1.74
CA LEU D 646 -26.56 -4.44 1.68
C LEU D 646 -27.62 -4.68 2.74
N GLY D 647 -27.38 -4.20 3.97
CA GLY D 647 -28.35 -4.37 5.03
C GLY D 647 -29.66 -3.66 4.74
N LEU D 648 -29.60 -2.43 4.22
CA LEU D 648 -30.80 -1.71 3.85
C LEU D 648 -31.61 -2.48 2.81
N GLY D 649 -30.96 -2.87 1.72
CA GLY D 649 -31.68 -3.59 0.67
C GLY D 649 -32.28 -4.88 1.19
N SER D 650 -31.48 -5.67 1.90
CA SER D 650 -31.94 -6.98 2.36
C SER D 650 -33.09 -6.84 3.36
N SER D 651 -32.97 -5.91 4.31
CA SER D 651 -34.00 -5.77 5.33
C SER D 651 -35.31 -5.28 4.74
N PHE D 652 -35.25 -4.27 3.87
CA PHE D 652 -36.49 -3.81 3.24
C PHE D 652 -37.12 -4.90 2.40
N ALA D 653 -36.31 -5.61 1.61
CA ALA D 653 -36.85 -6.68 0.78
C ALA D 653 -37.50 -7.75 1.64
N ILE D 654 -36.83 -8.15 2.72
CA ILE D 654 -37.36 -9.22 3.57
C ILE D 654 -38.69 -8.81 4.18
N CYS D 655 -38.74 -7.62 4.79
CA CYS D 655 -39.95 -7.19 5.46
C CYS D 655 -41.12 -7.10 4.49
N TYR D 656 -40.90 -6.41 3.36
CA TYR D 656 -42.02 -6.17 2.46
C TYR D 656 -42.40 -7.41 1.64
N SER D 657 -41.45 -8.32 1.40
CA SER D 657 -41.83 -9.59 0.78
C SER D 657 -42.61 -10.47 1.74
N ALA D 658 -42.27 -10.43 3.03
CA ALA D 658 -43.07 -11.14 4.02
C ALA D 658 -44.49 -10.59 4.05
N LEU D 659 -44.62 -9.27 4.01
CA LEU D 659 -45.96 -8.68 3.99
C LEU D 659 -46.71 -9.04 2.71
N LEU D 660 -46.01 -9.10 1.57
CA LEU D 660 -46.65 -9.56 0.34
C LEU D 660 -47.17 -10.99 0.48
N THR D 661 -46.36 -11.86 1.08
CA THR D 661 -46.80 -13.24 1.26
C THR D 661 -48.03 -13.31 2.14
N LYS D 662 -48.04 -12.53 3.23
CA LYS D 662 -49.21 -12.52 4.11
C LYS D 662 -50.46 -12.06 3.38
N THR D 663 -50.37 -10.93 2.67
CA THR D 663 -51.56 -10.40 2.00
C THR D 663 -52.00 -11.28 0.84
N ASN D 664 -51.06 -11.91 0.13
CA ASN D 664 -51.42 -12.82 -0.95
C ASN D 664 -52.12 -14.06 -0.42
N CYS D 665 -51.66 -14.60 0.69
CA CYS D 665 -52.35 -15.74 1.29
C CYS D 665 -53.72 -15.34 1.81
N ILE D 666 -53.85 -14.13 2.36
CA ILE D 666 -55.16 -13.64 2.79
C ILE D 666 -56.11 -13.55 1.59
N ALA D 667 -55.62 -13.01 0.47
CA ALA D 667 -56.44 -12.93 -0.73
C ALA D 667 -56.83 -14.31 -1.25
N ARG D 668 -55.88 -15.25 -1.25
CA ARG D 668 -56.17 -16.59 -1.73
C ARG D 668 -57.22 -17.28 -0.86
N ILE D 669 -57.12 -17.12 0.46
CA ILE D 669 -58.13 -17.66 1.36
C ILE D 669 -59.48 -17.01 1.10
N PHE D 670 -59.49 -15.69 0.92
CA PHE D 670 -60.73 -14.99 0.63
C PHE D 670 -61.30 -15.38 -0.73
N ASP D 671 -60.43 -15.55 -1.72
CA ASP D 671 -60.85 -15.90 -3.07
C ASP D 671 -61.41 -17.32 -3.12
N LYS D 681 -56.40 -24.60 -1.75
CA LYS D 681 -55.81 -23.27 -1.88
C LYS D 681 -54.34 -23.36 -2.26
N PHE D 682 -53.50 -22.64 -1.52
CA PHE D 682 -52.07 -22.60 -1.76
C PHE D 682 -51.33 -23.16 -0.56
N ILE D 683 -50.36 -24.03 -0.81
CA ILE D 683 -49.58 -24.64 0.26
C ILE D 683 -48.73 -23.56 0.91
N SER D 684 -49.06 -23.21 2.15
CA SER D 684 -48.40 -22.10 2.83
C SER D 684 -47.00 -22.44 3.37
N PRO D 685 -46.84 -23.46 4.22
CA PRO D 685 -45.62 -23.53 5.05
C PRO D 685 -44.33 -23.68 4.26
N SER D 686 -44.40 -24.12 3.00
CA SER D 686 -43.22 -24.28 2.16
C SER D 686 -43.18 -23.28 1.01
N SER D 687 -44.25 -23.20 0.23
CA SER D 687 -44.27 -22.30 -0.93
C SER D 687 -44.28 -20.83 -0.53
N GLN D 688 -44.81 -20.50 0.66
CA GLN D 688 -44.72 -19.12 1.14
C GLN D 688 -43.26 -18.70 1.29
N VAL D 689 -42.47 -19.52 1.98
CA VAL D 689 -41.05 -19.25 2.15
C VAL D 689 -40.36 -19.26 0.79
N PHE D 690 -40.76 -20.17 -0.10
CA PHE D 690 -40.15 -20.23 -1.42
C PHE D 690 -40.35 -18.93 -2.19
N ILE D 691 -41.59 -18.41 -2.19
CA ILE D 691 -41.87 -17.17 -2.90
C ILE D 691 -41.17 -15.99 -2.25
N CYS D 692 -41.15 -15.96 -0.92
CA CYS D 692 -40.46 -14.89 -0.20
C CYS D 692 -38.98 -14.86 -0.57
N LEU D 693 -38.32 -16.02 -0.52
CA LEU D 693 -36.92 -16.08 -0.93
C LEU D 693 -36.72 -15.82 -2.41
N GLY D 694 -37.71 -16.13 -3.25
CA GLY D 694 -37.60 -15.77 -4.66
C GLY D 694 -37.56 -14.27 -4.86
N LEU D 695 -38.47 -13.54 -4.20
CA LEU D 695 -38.43 -12.07 -4.28
C LEU D 695 -37.14 -11.53 -3.67
N ILE D 696 -36.72 -12.11 -2.54
CA ILE D 696 -35.48 -11.67 -1.90
C ILE D 696 -34.29 -11.92 -2.82
N LEU D 697 -34.30 -13.02 -3.56
CA LEU D 697 -33.23 -13.32 -4.49
C LEU D 697 -33.24 -12.39 -5.70
N VAL D 698 -34.43 -11.97 -6.15
CA VAL D 698 -34.50 -10.94 -7.18
C VAL D 698 -33.81 -9.67 -6.69
N GLN D 699 -34.16 -9.24 -5.47
CA GLN D 699 -33.49 -8.09 -4.87
C GLN D 699 -31.99 -8.33 -4.73
N ILE D 700 -31.59 -9.55 -4.39
CA ILE D 700 -30.19 -9.89 -4.22
C ILE D 700 -29.44 -9.76 -5.53
N VAL D 701 -30.04 -10.23 -6.63
CA VAL D 701 -29.40 -10.10 -7.94
C VAL D 701 -29.28 -8.63 -8.31
N MET D 702 -30.32 -7.84 -8.06
CA MET D 702 -30.26 -6.42 -8.36
C MET D 702 -29.15 -5.72 -7.58
N VAL D 703 -29.09 -5.96 -6.27
CA VAL D 703 -28.06 -5.31 -5.46
C VAL D 703 -26.68 -5.86 -5.80
N SER D 704 -26.60 -7.12 -6.25
CA SER D 704 -25.32 -7.71 -6.62
C SER D 704 -24.75 -7.03 -7.86
N VAL D 705 -25.58 -6.84 -8.89
CA VAL D 705 -25.09 -6.11 -10.06
C VAL D 705 -24.81 -4.66 -9.69
N TRP D 706 -25.60 -4.10 -8.76
CA TRP D 706 -25.36 -2.73 -8.30
C TRP D 706 -23.97 -2.58 -7.69
N LEU D 707 -23.59 -3.49 -6.79
CA LEU D 707 -22.26 -3.42 -6.19
C LEU D 707 -21.15 -3.86 -7.15
N ILE D 708 -21.45 -4.76 -8.08
CA ILE D 708 -20.44 -5.17 -9.05
C ILE D 708 -20.05 -3.99 -9.93
N LEU D 709 -21.04 -3.22 -10.41
CA LEU D 709 -20.73 -2.03 -11.17
C LEU D 709 -20.18 -0.90 -10.30
N GLU D 710 -20.41 -0.96 -8.99
CA GLU D 710 -20.12 0.14 -8.07
C GLU D 710 -19.42 -0.38 -6.82
N ALA D 711 -18.31 -1.11 -7.02
CA ALA D 711 -17.48 -1.64 -5.94
C ALA D 711 -17.24 -0.60 -4.86
N PRO D 712 -17.18 -1.00 -3.58
CA PRO D 712 -17.14 -0.02 -2.49
C PRO D 712 -15.92 0.87 -2.57
N GLY D 713 -16.13 2.14 -2.23
CA GLY D 713 -15.05 3.13 -2.24
C GLY D 713 -15.56 4.41 -1.63
N THR D 714 -14.63 5.32 -1.36
CA THR D 714 -14.93 6.59 -0.73
C THR D 714 -14.45 7.74 -1.60
N ARG D 715 -15.34 8.69 -1.87
CA ARG D 715 -15.00 9.94 -2.51
C ARG D 715 -14.78 11.01 -1.44
N ARG D 716 -13.72 11.79 -1.63
CA ARG D 716 -13.40 12.90 -0.73
C ARG D 716 -14.15 14.15 -1.19
N TYR D 717 -15.47 14.10 -1.01
CA TYR D 717 -16.33 15.17 -1.47
C TYR D 717 -16.14 16.40 -0.60
N THR D 718 -15.39 17.38 -1.10
CA THR D 718 -15.11 18.61 -0.37
C THR D 718 -16.04 19.71 -0.84
N LEU D 719 -16.40 20.60 0.08
CA LEU D 719 -17.17 21.78 -0.27
C LEU D 719 -16.25 22.80 -0.93
N ALA D 720 -16.06 22.69 -2.25
CA ALA D 720 -15.13 23.57 -2.95
C ALA D 720 -15.46 25.04 -2.71
N GLU D 721 -16.73 25.36 -2.49
CA GLU D 721 -17.09 26.72 -2.09
C GLU D 721 -16.49 27.08 -0.74
N LYS D 722 -16.50 26.15 0.21
CA LYS D 722 -16.01 26.39 1.56
C LYS D 722 -14.63 25.80 1.80
N ARG D 723 -14.36 24.61 1.26
CA ARG D 723 -13.10 23.90 1.44
C ARG D 723 -12.82 23.66 2.93
N GLU D 724 -11.57 23.31 3.24
CA GLU D 724 -11.12 23.04 4.61
C GLU D 724 -11.86 21.87 5.25
N THR D 725 -12.74 21.22 4.50
CA THR D 725 -13.51 20.08 5.00
C THR D 725 -13.61 19.03 3.91
N VAL D 726 -13.70 17.77 4.34
CA VAL D 726 -13.86 16.63 3.44
C VAL D 726 -15.02 15.79 3.96
N ILE D 727 -15.85 15.30 3.05
CA ILE D 727 -16.87 14.30 3.37
C ILE D 727 -16.43 12.99 2.75
N LEU D 728 -16.28 11.96 3.57
CA LEU D 728 -15.90 10.64 3.09
C LEU D 728 -17.16 9.92 2.58
N LYS D 729 -17.69 10.45 1.48
CA LYS D 729 -18.93 9.89 0.99
C LYS D 729 -18.66 8.57 0.28
N CYS D 730 -19.70 7.76 0.11
CA CYS D 730 -19.50 6.52 -0.61
C CYS D 730 -19.32 6.82 -2.09
N ASN D 731 -18.76 5.86 -2.80
CA ASN D 731 -18.29 6.12 -4.17
C ASN D 731 -19.44 6.30 -5.19
N VAL D 732 -20.70 6.41 -4.78
CA VAL D 732 -21.82 6.51 -5.71
C VAL D 732 -22.79 7.57 -5.18
N LYS D 733 -23.34 8.37 -6.10
CA LYS D 733 -24.28 9.41 -5.74
C LYS D 733 -25.59 8.81 -5.22
N ASP D 734 -26.33 9.62 -4.47
CA ASP D 734 -27.56 9.16 -3.83
C ASP D 734 -28.71 8.99 -4.82
N SER D 735 -28.60 9.59 -6.02
CA SER D 735 -29.61 9.34 -7.04
C SER D 735 -29.65 7.86 -7.41
N SER D 736 -28.48 7.23 -7.53
CA SER D 736 -28.43 5.79 -7.74
C SER D 736 -29.00 5.05 -6.53
N MET D 737 -28.87 5.61 -5.33
CA MET D 737 -29.51 5.00 -4.17
C MET D 737 -31.02 5.01 -4.31
N LEU D 738 -31.59 6.11 -4.80
CA LEU D 738 -33.02 6.15 -5.08
C LEU D 738 -33.39 5.15 -6.17
N ILE D 739 -32.54 5.04 -7.19
CA ILE D 739 -32.79 4.07 -8.26
C ILE D 739 -32.80 2.65 -7.71
N SER D 740 -31.92 2.37 -6.75
CA SER D 740 -31.92 1.06 -6.10
C SER D 740 -33.16 0.86 -5.25
N LEU D 741 -33.59 1.89 -4.53
CA LEU D 741 -34.71 1.78 -3.61
C LEU D 741 -36.07 1.80 -4.30
N THR D 742 -36.13 2.17 -5.59
CA THR D 742 -37.42 2.15 -6.27
C THR D 742 -38.00 0.75 -6.33
N TYR D 743 -37.14 -0.28 -6.28
CA TYR D 743 -37.63 -1.65 -6.20
C TYR D 743 -38.47 -1.87 -4.95
N ASP D 744 -37.92 -1.49 -3.79
CA ASP D 744 -38.68 -1.61 -2.55
C ASP D 744 -39.87 -0.67 -2.53
N VAL D 745 -39.77 0.48 -3.18
CA VAL D 745 -40.90 1.41 -3.25
C VAL D 745 -42.07 0.76 -3.98
N ILE D 746 -41.81 0.17 -5.14
CA ILE D 746 -42.86 -0.51 -5.89
C ILE D 746 -43.34 -1.74 -5.14
N LEU D 747 -42.43 -2.40 -4.43
CA LEU D 747 -42.80 -3.56 -3.61
C LEU D 747 -43.82 -3.16 -2.55
N VAL D 748 -43.55 -2.05 -1.87
CA VAL D 748 -44.46 -1.54 -0.85
C VAL D 748 -45.77 -1.08 -1.48
N ILE D 749 -45.71 -0.51 -2.69
CA ILE D 749 -46.93 -0.07 -3.37
C ILE D 749 -47.83 -1.26 -3.67
N LEU D 750 -47.22 -2.35 -4.18
CA LEU D 750 -48.00 -3.56 -4.44
C LEU D 750 -48.56 -4.15 -3.15
N CYS D 751 -47.78 -4.14 -2.08
CA CYS D 751 -48.29 -4.62 -0.80
C CYS D 751 -49.46 -3.79 -0.32
N THR D 752 -49.40 -2.47 -0.50
CA THR D 752 -50.49 -1.59 -0.14
C THR D 752 -51.74 -1.89 -0.97
N VAL D 753 -51.56 -2.11 -2.28
CA VAL D 753 -52.70 -2.40 -3.15
C VAL D 753 -53.36 -3.71 -2.74
N TYR D 754 -52.57 -4.74 -2.47
CA TYR D 754 -53.13 -6.03 -2.06
C TYR D 754 -53.80 -5.92 -0.68
N ALA D 755 -53.21 -5.15 0.23
CA ALA D 755 -53.85 -4.95 1.53
C ALA D 755 -55.19 -4.24 1.37
N PHE D 756 -55.25 -3.24 0.48
CA PHE D 756 -56.53 -2.59 0.19
C PHE D 756 -57.53 -3.58 -0.38
N LYS D 757 -57.09 -4.46 -1.28
CA LYS D 757 -57.97 -5.48 -1.80
C LYS D 757 -58.39 -6.50 -0.75
N THR D 758 -57.64 -6.62 0.35
CA THR D 758 -57.95 -7.60 1.38
C THR D 758 -58.23 -6.95 2.73
N ARG D 759 -59.04 -5.89 2.73
CA ARG D 759 -59.38 -5.19 3.96
C ARG D 759 -60.54 -5.82 4.72
N LYS D 760 -61.12 -6.91 4.21
CA LYS D 760 -62.38 -7.44 4.70
C LYS D 760 -62.23 -8.88 5.19
N CYS D 761 -61.14 -9.19 5.87
CA CYS D 761 -60.89 -10.52 6.42
C CYS D 761 -60.39 -10.40 7.86
N PRO D 762 -61.28 -10.09 8.81
CA PRO D 762 -60.85 -9.96 10.21
C PRO D 762 -60.50 -11.28 10.86
N GLU D 763 -59.38 -11.88 10.45
CA GLU D 763 -58.90 -13.11 11.04
C GLU D 763 -57.97 -12.82 12.21
N ASN D 764 -58.02 -13.68 13.23
CA ASN D 764 -57.20 -13.56 14.42
C ASN D 764 -57.38 -12.18 15.06
N PHE D 765 -58.59 -11.98 15.56
CA PHE D 765 -59.10 -10.65 15.94
C PHE D 765 -59.23 -9.87 14.63
N ASN D 766 -59.09 -8.55 14.64
CA ASN D 766 -59.05 -7.79 13.39
C ASN D 766 -57.61 -7.53 12.98
N GLU D 767 -56.87 -8.63 12.81
CA GLU D 767 -55.45 -8.52 12.47
C GLU D 767 -55.24 -7.94 11.08
N ALA D 768 -56.15 -8.23 10.14
CA ALA D 768 -56.04 -7.63 8.82
C ALA D 768 -56.11 -6.11 8.89
N LYS D 769 -56.92 -5.58 9.82
CA LYS D 769 -56.96 -4.14 10.02
C LYS D 769 -55.62 -3.61 10.53
N PHE D 770 -54.97 -4.35 11.43
CA PHE D 770 -53.64 -3.96 11.89
C PHE D 770 -52.65 -3.95 10.73
N ILE D 771 -52.70 -4.97 9.89
CA ILE D 771 -51.83 -5.03 8.71
C ILE D 771 -52.06 -3.83 7.81
N GLY D 772 -53.33 -3.53 7.52
CA GLY D 772 -53.64 -2.42 6.64
C GLY D 772 -53.20 -1.08 7.19
N PHE D 773 -53.49 -0.85 8.48
CA PHE D 773 -53.03 0.39 9.11
C PHE D 773 -51.52 0.49 9.10
N THR D 774 -50.82 -0.61 9.40
CA THR D 774 -49.36 -0.60 9.41
C THR D 774 -48.81 -0.23 8.04
N MET D 775 -49.33 -0.88 6.99
CA MET D 775 -48.86 -0.57 5.64
C MET D 775 -49.16 0.86 5.26
N TYR D 776 -50.37 1.34 5.57
CA TYR D 776 -50.75 2.70 5.18
C TYR D 776 -49.88 3.73 5.86
N THR D 777 -49.62 3.57 7.17
CA THR D 777 -48.83 4.57 7.87
C THR D 777 -47.35 4.46 7.53
N THR D 778 -46.86 3.26 7.24
CA THR D 778 -45.48 3.14 6.75
C THR D 778 -45.33 3.83 5.40
N CYS D 779 -46.31 3.65 4.51
CA CYS D 779 -46.31 4.35 3.23
C CYS D 779 -46.30 5.85 3.45
N ILE D 780 -47.15 6.34 4.37
CA ILE D 780 -47.25 7.77 4.61
C ILE D 780 -45.94 8.33 5.13
N ILE D 781 -45.34 7.63 6.11
CA ILE D 781 -44.12 8.14 6.73
C ILE D 781 -42.97 8.13 5.73
N TRP D 782 -42.86 7.08 4.91
CA TRP D 782 -41.77 7.05 3.94
C TRP D 782 -41.97 8.08 2.83
N LEU D 783 -43.22 8.27 2.41
CA LEU D 783 -43.51 9.29 1.40
C LEU D 783 -43.27 10.70 1.93
N ALA D 784 -43.45 10.90 3.23
CA ALA D 784 -43.11 12.19 3.83
C ALA D 784 -41.61 12.35 4.01
N PHE D 785 -40.90 11.26 4.28
CA PHE D 785 -39.48 11.35 4.59
C PHE D 785 -38.61 11.49 3.35
N LEU D 786 -38.86 10.67 2.33
CA LEU D 786 -37.92 10.57 1.20
C LEU D 786 -37.69 11.91 0.48
N PRO D 787 -38.72 12.70 0.12
CA PRO D 787 -38.42 14.02 -0.45
C PRO D 787 -37.65 14.91 0.50
N ILE D 788 -37.97 14.87 1.80
CA ILE D 788 -37.21 15.63 2.78
C ILE D 788 -35.79 15.11 2.85
N PHE D 789 -35.61 13.78 2.73
CA PHE D 789 -34.28 13.21 2.72
C PHE D 789 -33.46 13.75 1.54
N TYR D 790 -34.06 13.79 0.36
CA TYR D 790 -33.32 14.27 -0.81
C TYR D 790 -33.01 15.76 -0.70
N VAL D 791 -33.97 16.55 -0.21
CA VAL D 791 -33.74 18.00 -0.12
C VAL D 791 -32.73 18.30 0.99
N THR D 792 -32.60 17.42 1.98
CA THR D 792 -31.62 17.59 3.05
C THR D 792 -30.30 16.90 2.75
N SER D 793 -30.21 16.14 1.64
CA SER D 793 -28.97 15.49 1.28
C SER D 793 -27.84 16.48 1.02
N SER D 794 -28.16 17.75 0.80
CA SER D 794 -27.11 18.76 0.62
C SER D 794 -26.23 18.86 1.87
N ASP D 795 -26.82 18.70 3.05
CA ASP D 795 -26.08 18.71 4.31
C ASP D 795 -26.03 17.28 4.86
N TYR D 796 -24.81 16.82 5.14
CA TYR D 796 -24.61 15.43 5.53
C TYR D 796 -25.23 15.11 6.90
N ARG D 797 -25.12 16.04 7.87
CA ARG D 797 -25.63 15.77 9.21
C ARG D 797 -27.13 15.53 9.19
N VAL D 798 -27.89 16.44 8.59
CA VAL D 798 -29.33 16.30 8.56
C VAL D 798 -29.75 15.10 7.72
N GLN D 799 -29.02 14.83 6.63
CA GLN D 799 -29.35 13.67 5.80
C GLN D 799 -29.20 12.37 6.59
N THR D 800 -28.07 12.20 7.28
CA THR D 800 -27.86 10.98 8.05
C THR D 800 -28.86 10.88 9.21
N THR D 801 -29.12 12.00 9.88
CA THR D 801 -30.07 11.99 10.98
C THR D 801 -31.46 11.59 10.49
N THR D 802 -31.90 12.16 9.36
CA THR D 802 -33.20 11.81 8.81
C THR D 802 -33.25 10.33 8.42
N MET D 803 -32.19 9.82 7.79
CA MET D 803 -32.18 8.42 7.39
C MET D 803 -32.31 7.49 8.60
N CYS D 804 -31.49 7.74 9.63
CA CYS D 804 -31.52 6.87 10.80
C CYS D 804 -32.85 6.99 11.55
N ILE D 805 -33.35 8.21 11.71
CA ILE D 805 -34.63 8.41 12.38
C ILE D 805 -35.75 7.71 11.60
N SER D 806 -35.73 7.83 10.27
CA SER D 806 -36.77 7.23 9.45
C SER D 806 -36.75 5.71 9.57
N VAL D 807 -35.57 5.10 9.50
CA VAL D 807 -35.52 3.64 9.55
C VAL D 807 -35.93 3.15 10.94
N SER D 808 -35.44 3.79 12.01
CA SER D 808 -35.81 3.37 13.35
C SER D 808 -37.30 3.56 13.61
N LEU D 809 -37.85 4.69 13.17
CA LEU D 809 -39.27 4.95 13.40
C LEU D 809 -40.15 4.07 12.54
N SER D 810 -39.69 3.69 11.35
CA SER D 810 -40.45 2.73 10.54
C SER D 810 -40.45 1.36 11.18
N GLY D 811 -39.32 0.95 11.76
CA GLY D 811 -39.30 -0.27 12.55
C GLY D 811 -40.29 -0.20 13.72
N PHE D 812 -40.31 0.93 14.43
CA PHE D 812 -41.28 1.12 15.50
C PHE D 812 -42.71 1.03 14.99
N VAL D 813 -42.98 1.63 13.84
CA VAL D 813 -44.33 1.57 13.27
C VAL D 813 -44.73 0.13 12.99
N VAL D 814 -43.86 -0.61 12.30
CA VAL D 814 -44.18 -2.00 11.97
C VAL D 814 -44.42 -2.81 13.23
N LEU D 815 -43.52 -2.69 14.21
CA LEU D 815 -43.67 -3.42 15.46
C LEU D 815 -44.98 -3.06 16.16
N GLY D 816 -45.13 -1.80 16.55
CA GLY D 816 -46.27 -1.36 17.33
C GLY D 816 -47.60 -1.41 16.60
N CYS D 817 -47.60 -1.61 15.28
CA CYS D 817 -48.86 -1.71 14.56
C CYS D 817 -49.20 -3.11 14.09
N LEU D 818 -48.26 -4.05 14.13
CA LEU D 818 -48.59 -5.44 13.85
C LEU D 818 -48.41 -6.36 15.06
N PHE D 819 -47.22 -6.37 15.66
CA PHE D 819 -46.97 -7.34 16.72
C PHE D 819 -47.44 -6.86 18.09
N ALA D 820 -47.55 -5.54 18.27
CA ALA D 820 -48.04 -5.03 19.55
C ALA D 820 -49.46 -5.50 19.87
N PRO D 821 -50.44 -5.45 18.95
CA PRO D 821 -51.74 -6.05 19.28
C PRO D 821 -51.65 -7.53 19.59
N LYS D 822 -50.82 -8.27 18.85
CA LYS D 822 -50.68 -9.70 19.11
C LYS D 822 -50.03 -9.97 20.46
N VAL D 823 -49.00 -9.19 20.82
CA VAL D 823 -48.36 -9.34 22.12
C VAL D 823 -49.34 -8.98 23.24
N HIS D 824 -50.13 -7.92 23.03
CA HIS D 824 -51.14 -7.55 24.00
C HIS D 824 -52.16 -8.66 24.20
N ILE D 825 -52.57 -9.30 23.10
CA ILE D 825 -53.52 -10.42 23.21
C ILE D 825 -52.88 -11.59 23.95
N ILE D 826 -51.63 -11.91 23.63
CA ILE D 826 -50.97 -13.05 24.27
C ILE D 826 -50.82 -12.83 25.77
N LEU D 827 -50.37 -11.63 26.17
CA LEU D 827 -50.06 -11.41 27.58
C LEU D 827 -51.21 -10.72 28.31
N PHE D 828 -51.64 -9.55 27.83
CA PHE D 828 -52.63 -8.76 28.57
C PHE D 828 -54.03 -9.35 28.50
N GLN D 829 -54.30 -10.24 27.55
CA GLN D 829 -55.61 -10.88 27.41
C GLN D 829 -55.41 -12.39 27.23
N PRO D 830 -54.93 -13.08 28.27
CA PRO D 830 -54.55 -14.49 28.13
C PRO D 830 -55.72 -15.46 28.18
N GLN D 831 -56.96 -15.00 28.07
CA GLN D 831 -58.11 -15.90 28.09
C GLN D 831 -58.71 -16.14 26.71
N LYS D 832 -58.51 -15.21 25.77
CA LYS D 832 -59.04 -15.36 24.42
C LYS D 832 -58.08 -16.04 23.46
N ASN D 833 -56.85 -16.33 23.89
CA ASN D 833 -55.86 -16.97 23.03
C ASN D 833 -55.84 -18.48 23.30
N VAL D 834 -56.96 -19.12 22.98
CA VAL D 834 -57.11 -20.55 23.18
C VAL D 834 -57.42 -21.25 21.86
C1 NAG E . 36.01 3.38 -33.39
C2 NAG E . 36.25 2.19 -34.32
C3 NAG E . 35.23 2.14 -35.38
C4 NAG E . 33.89 1.90 -34.80
C5 NAG E . 33.51 3.00 -33.81
C6 NAG E . 32.37 2.53 -32.95
C7 NAG E . 38.48 1.11 -34.99
C8 NAG E . 39.84 1.21 -35.66
N2 NAG E . 37.58 2.29 -34.99
O3 NAG E . 35.57 1.06 -36.31
O4 NAG E . 32.95 1.89 -35.88
O5 NAG E . 34.59 3.44 -32.90
O6 NAG E . 32.91 1.84 -31.87
O7 NAG E . 38.13 0.12 -34.48
C1 NAG E . 32.43 0.55 -36.05
C2 NAG E . 31.97 0.39 -37.51
C3 NAG E . 31.66 -1.00 -37.88
C4 NAG E . 32.66 -2.02 -37.44
C5 NAG E . 32.98 -1.84 -35.96
C6 NAG E . 34.03 -2.83 -35.52
C7 NAG E . 30.76 2.66 -37.87
C8 NAG E . 29.47 3.43 -38.08
N2 NAG E . 30.71 1.19 -37.71
O3 NAG E . 31.56 -1.08 -39.34
O4 NAG E . 32.07 -3.30 -37.64
O5 NAG E . 33.46 -0.48 -35.68
O6 NAG E . 35.26 -2.19 -35.49
O7 NAG E . 31.80 3.22 -37.84
C1 NAG F . 18.54 44.21 10.88
C2 NAG F . 18.41 44.96 12.20
C3 NAG F . 18.31 44.06 13.36
C4 NAG F . 17.26 43.00 13.20
C5 NAG F . 17.46 42.26 11.88
C6 NAG F . 16.37 41.24 11.68
C7 NAG F . 19.38 47.29 12.64
C8 NAG F . 20.57 48.22 12.86
N2 NAG F . 19.59 45.85 12.41
O3 NAG F . 17.99 44.85 14.54
O4 NAG F . 17.40 42.08 14.27
O5 NAG F . 17.46 43.19 10.74
O6 NAG F . 16.04 41.22 10.32
O7 NAG F . 18.28 47.71 12.67
C1 NAG F . 16.30 42.22 15.20
C2 NAG F . 16.76 41.69 16.56
C3 NAG F . 15.92 42.07 17.71
C4 NAG F . 15.37 43.46 17.68
C5 NAG F . 14.78 43.77 16.30
C6 NAG F . 14.23 45.17 16.26
C7 NAG F . 17.71 39.42 15.68
C8 NAG F . 17.65 37.90 15.68
N2 NAG F . 16.76 40.19 16.51
O3 NAG F . 16.71 41.92 18.93
O4 NAG F . 14.34 43.54 18.66
O5 NAG F . 15.81 43.62 15.26
O6 NAG F . 13.93 45.49 14.95
O7 NAG F . 18.53 39.99 15.03
N GLU G . 54.65 26.74 -30.58
CA GLU G . 55.86 26.02 -30.20
C GLU G . 56.19 26.22 -28.73
O GLU G . 55.99 27.30 -28.18
CB GLU G . 57.04 26.47 -31.07
CG GLU G . 56.79 26.39 -32.56
CD GLU G . 58.08 26.33 -33.35
OE1 GLU G . 59.16 26.33 -32.74
OE2 GLU G . 58.00 26.27 -34.60
C1 CLR H . -16.59 -10.94 -12.09
C2 CLR H . -15.59 -9.85 -12.47
C3 CLR H . -15.04 -10.04 -13.87
C4 CLR H . -16.17 -10.15 -14.87
C5 CLR H . -17.19 -11.19 -14.49
C6 CLR H . -17.54 -12.16 -15.32
C7 CLR H . -18.67 -13.12 -15.08
C8 CLR H . -19.55 -12.68 -13.90
C9 CLR H . -18.65 -12.28 -12.72
C10 CLR H . -17.78 -11.04 -13.08
C11 CLR H . -19.46 -12.07 -11.43
C12 CLR H . -20.40 -13.23 -11.12
C13 CLR H . -21.39 -13.50 -12.27
C14 CLR H . -20.50 -13.81 -13.49
C15 CLR H . -21.46 -14.37 -14.54
C16 CLR H . -22.49 -15.15 -13.70
C17 CLR H . -22.24 -14.80 -12.21
C18 CLR H . -22.29 -12.27 -12.52
C19 CLR H . -18.60 -9.73 -13.05
C20 CLR H . -23.55 -14.89 -11.39
C21 CLR H . -23.43 -14.54 -9.91
C22 CLR H . -24.20 -16.27 -11.56
C23 CLR H . -23.38 -17.45 -11.08
C24 CLR H . -23.98 -18.15 -9.88
C25 CLR H . -25.30 -18.88 -10.14
C26 CLR H . -25.80 -19.59 -8.88
C27 CLR H . -25.18 -19.87 -11.29
O1 CLR H . -14.18 -8.94 -14.21
N GLU I . 43.91 52.05 -3.28
CA GLU I . 43.57 53.32 -3.90
C GLU I . 43.48 53.18 -5.42
O GLU I . 44.34 52.55 -6.04
CB GLU I . 44.59 54.38 -3.53
CG GLU I . 44.74 54.61 -2.03
CD GLU I . 45.40 55.93 -1.72
OE1 GLU I . 45.54 56.77 -2.64
OE2 GLU I . 45.79 56.14 -0.55
C1 CLR J . -15.91 -5.94 -3.98
C2 CLR J . -14.50 -5.34 -3.92
C3 CLR J . -14.17 -4.85 -2.52
C4 CLR J . -14.34 -5.99 -1.53
C5 CLR J . -15.70 -6.63 -1.60
C6 CLR J . -16.45 -6.78 -0.52
C7 CLR J . -17.74 -7.54 -0.47
C8 CLR J . -17.98 -8.35 -1.74
C9 CLR J . -17.64 -7.49 -2.97
C10 CLR J . -16.14 -7.10 -2.99
C11 CLR J . -18.09 -8.14 -4.29
C12 CLR J . -19.54 -8.62 -4.26
C13 CLR J . -19.78 -9.61 -3.11
C14 CLR J . -19.43 -8.83 -1.83
C15 CLR J . -19.99 -9.70 -0.69
C16 CLR J . -21.24 -10.35 -1.30
C17 CLR J . -21.25 -10.02 -2.81
C18 CLR J . -18.92 -10.87 -3.28
C19 CLR J . -15.25 -8.30 -3.38
C20 CLR J . -21.94 -11.12 -3.66
C21 CLR J . -22.29 -10.68 -5.07
C22 CLR J . -23.16 -11.71 -2.91
C23 CLR J . -24.48 -11.70 -3.65
C24 CLR J . -24.86 -13.02 -4.28
C25 CLR J . -25.03 -14.20 -3.32
C26 CLR J . -25.38 -15.48 -4.07
C27 CLR J . -26.07 -13.90 -2.25
O1 CLR J . -12.83 -4.35 -2.49
#